data_4YPC
# 
_entry.id   4YPC 
# 
_audit_conform.dict_name       mmcif_pdbx.dic 
_audit_conform.dict_version    5.383 
_audit_conform.dict_location   http://mmcif.pdb.org/dictionaries/ascii/mmcif_pdbx.dic 
# 
loop_
_database_2.database_id 
_database_2.database_code 
_database_2.pdbx_database_accession 
_database_2.pdbx_DOI 
PDB   4YPC         pdb_00004ypc 10.2210/pdb4ypc/pdb 
WWPDB D_1000207879 ?            ?                   
# 
loop_
_pdbx_audit_revision_history.ordinal 
_pdbx_audit_revision_history.data_content_type 
_pdbx_audit_revision_history.major_revision 
_pdbx_audit_revision_history.minor_revision 
_pdbx_audit_revision_history.revision_date 
1 'Structure model' 1 0 2015-12-02 
2 'Structure model' 1 1 2016-02-03 
3 'Structure model' 1 2 2024-01-10 
# 
_pdbx_audit_revision_details.ordinal             1 
_pdbx_audit_revision_details.revision_ordinal    1 
_pdbx_audit_revision_details.data_content_type   'Structure model' 
_pdbx_audit_revision_details.provider            repository 
_pdbx_audit_revision_details.type                'Initial release' 
_pdbx_audit_revision_details.description         ? 
_pdbx_audit_revision_details.details             ? 
# 
loop_
_pdbx_audit_revision_group.ordinal 
_pdbx_audit_revision_group.revision_ordinal 
_pdbx_audit_revision_group.data_content_type 
_pdbx_audit_revision_group.group 
1 2 'Structure model' 'Database references'        
2 3 'Structure model' 'Author supporting evidence' 
3 3 'Structure model' 'Data collection'            
4 3 'Structure model' 'Database references'        
5 3 'Structure model' 'Refinement description'     
# 
loop_
_pdbx_audit_revision_category.ordinal 
_pdbx_audit_revision_category.revision_ordinal 
_pdbx_audit_revision_category.data_content_type 
_pdbx_audit_revision_category.category 
1 3 'Structure model' chem_comp_atom                
2 3 'Structure model' chem_comp_bond                
3 3 'Structure model' database_2                    
4 3 'Structure model' pdbx_audit_support            
5 3 'Structure model' pdbx_initial_refinement_model 
# 
loop_
_pdbx_audit_revision_item.ordinal 
_pdbx_audit_revision_item.revision_ordinal 
_pdbx_audit_revision_item.data_content_type 
_pdbx_audit_revision_item.item 
1 3 'Structure model' '_database_2.pdbx_DOI'                     
2 3 'Structure model' '_database_2.pdbx_database_accession'      
3 3 'Structure model' '_pdbx_audit_support.funding_organization' 
# 
_pdbx_database_status.status_code                     REL 
_pdbx_database_status.status_code_sf                  REL 
_pdbx_database_status.status_code_mr                  ? 
_pdbx_database_status.entry_id                        4YPC 
_pdbx_database_status.recvd_initial_deposition_date   2015-03-12 
_pdbx_database_status.SG_entry                        N 
_pdbx_database_status.deposit_site                    RCSB 
_pdbx_database_status.process_site                    PDBE 
_pdbx_database_status.status_code_cs                  ? 
_pdbx_database_status.methods_development_category    ? 
_pdbx_database_status.pdb_format_compatible           Y 
_pdbx_database_status.status_code_nmr_data            ? 
# 
_pdbx_database_related.db_name        PDB 
_pdbx_database_related.details        'native dimer of vimentin coil1B fragment' 
_pdbx_database_related.db_id          3SWK 
_pdbx_database_related.content_type   unspecified 
# 
loop_
_audit_author.name 
_audit_author.pdbx_ordinal 
'Chernyatina, A.A.' 1 
'Strelkov, S.V.'    2 
# 
_citation.abstract                  ? 
_citation.abstract_id_CAS           ? 
_citation.book_id_ISBN              ? 
_citation.book_publisher            ? 
_citation.book_publisher_city       ? 
_citation.book_title                ? 
_citation.coordinate_linkage        ? 
_citation.country                   ? 
_citation.database_id_Medline       ? 
_citation.details                   ? 
_citation.id                        primary 
_citation.journal_abbrev            'Meth. Enzymol.' 
_citation.journal_id_ASTM           ? 
_citation.journal_id_CSD            ? 
_citation.journal_id_ISSN           1557-7988 
_citation.journal_full              ? 
_citation.journal_issue             ? 
_citation.journal_volume            568 
_citation.language                  ? 
_citation.page_first                3 
_citation.page_last                 33 
_citation.title                     'How to Study Intermediate Filaments in Atomic Detail.' 
_citation.year                      2016 
_citation.database_id_CSD           ? 
_citation.pdbx_database_id_DOI      10.1016/bs.mie.2015.09.024 
_citation.pdbx_database_id_PubMed   26795465 
_citation.unpublished_flag          ? 
# 
loop_
_citation_author.citation_id 
_citation_author.name 
_citation_author.ordinal 
_citation_author.identifier_ORCID 
primary 'Chernyatina, A.A.' 1 ? 
primary 'Hess, J.F.'        2 ? 
primary 'Guzenko, D.'       3 ? 
primary 'Voss, J.C.'        4 ? 
primary 'Strelkov, S.V.'    5 ? 
# 
loop_
_entity.id 
_entity.type 
_entity.src_method 
_entity.pdbx_description 
_entity.formula_weight 
_entity.pdbx_number_of_molecules 
_entity.pdbx_ec 
_entity.pdbx_mutation 
_entity.pdbx_fragment 
_entity.details 
1 polymer man Vimentin 9924.025 1   ? ? 'coil 1B fragment, UNP residues 161-243' ? 
2 water   nat water    18.015   109 ? ? ?                                        ? 
# 
_entity_poly.entity_id                      1 
_entity_poly.type                           'polypeptide(L)' 
_entity_poly.nstd_linkage                   no 
_entity_poly.nstd_monomer                   no 
_entity_poly.pdbx_seq_one_letter_code       
;VDQLTNDKARVEVERDNLAEDIMRLREKLQEEMLQREEAENTLQSFRQDVDNASLARLDLERKVESLQEEIAFLKKLHEE
EIQ
;
_entity_poly.pdbx_seq_one_letter_code_can   
;VDQLTNDKARVEVERDNLAEDIMRLREKLQEEMLQREEAENTLQSFRQDVDNASLARLDLERKVESLQEEIAFLKKLHEE
EIQ
;
_entity_poly.pdbx_strand_id                 A 
_entity_poly.pdbx_target_identifier         ? 
# 
_pdbx_entity_nonpoly.entity_id   2 
_pdbx_entity_nonpoly.name        water 
_pdbx_entity_nonpoly.comp_id     HOH 
# 
loop_
_entity_poly_seq.entity_id 
_entity_poly_seq.num 
_entity_poly_seq.mon_id 
_entity_poly_seq.hetero 
1 1  VAL n 
1 2  ASP n 
1 3  GLN n 
1 4  LEU n 
1 5  THR n 
1 6  ASN n 
1 7  ASP n 
1 8  LYS n 
1 9  ALA n 
1 10 ARG n 
1 11 VAL n 
1 12 GLU n 
1 13 VAL n 
1 14 GLU n 
1 15 ARG n 
1 16 ASP n 
1 17 ASN n 
1 18 LEU n 
1 19 ALA n 
1 20 GLU n 
1 21 ASP n 
1 22 ILE n 
1 23 MET n 
1 24 ARG n 
1 25 LEU n 
1 26 ARG n 
1 27 GLU n 
1 28 LYS n 
1 29 LEU n 
1 30 GLN n 
1 31 GLU n 
1 32 GLU n 
1 33 MET n 
1 34 LEU n 
1 35 GLN n 
1 36 ARG n 
1 37 GLU n 
1 38 GLU n 
1 39 ALA n 
1 40 GLU n 
1 41 ASN n 
1 42 THR n 
1 43 LEU n 
1 44 GLN n 
1 45 SER n 
1 46 PHE n 
1 47 ARG n 
1 48 GLN n 
1 49 ASP n 
1 50 VAL n 
1 51 ASP n 
1 52 ASN n 
1 53 ALA n 
1 54 SER n 
1 55 LEU n 
1 56 ALA n 
1 57 ARG n 
1 58 LEU n 
1 59 ASP n 
1 60 LEU n 
1 61 GLU n 
1 62 ARG n 
1 63 LYS n 
1 64 VAL n 
1 65 GLU n 
1 66 SER n 
1 67 LEU n 
1 68 GLN n 
1 69 GLU n 
1 70 GLU n 
1 71 ILE n 
1 72 ALA n 
1 73 PHE n 
1 74 LEU n 
1 75 LYS n 
1 76 LYS n 
1 77 LEU n 
1 78 HIS n 
1 79 GLU n 
1 80 GLU n 
1 81 GLU n 
1 82 ILE n 
1 83 GLN n 
# 
_entity_src_gen.entity_id                          1 
_entity_src_gen.pdbx_src_id                        1 
_entity_src_gen.pdbx_alt_source_flag               sample 
_entity_src_gen.pdbx_seq_type                      'Biological sequence' 
_entity_src_gen.pdbx_beg_seq_num                   1 
_entity_src_gen.pdbx_end_seq_num                   83 
_entity_src_gen.gene_src_common_name               Human 
_entity_src_gen.gene_src_genus                     ? 
_entity_src_gen.pdbx_gene_src_gene                 VIM 
_entity_src_gen.gene_src_species                   ? 
_entity_src_gen.gene_src_strain                    ? 
_entity_src_gen.gene_src_tissue                    ? 
_entity_src_gen.gene_src_tissue_fraction           ? 
_entity_src_gen.gene_src_details                   ? 
_entity_src_gen.pdbx_gene_src_fragment             ? 
_entity_src_gen.pdbx_gene_src_scientific_name      'Homo sapiens' 
_entity_src_gen.pdbx_gene_src_ncbi_taxonomy_id     9606 
_entity_src_gen.pdbx_gene_src_variant              ? 
_entity_src_gen.pdbx_gene_src_cell_line            ? 
_entity_src_gen.pdbx_gene_src_atcc                 ? 
_entity_src_gen.pdbx_gene_src_organ                ? 
_entity_src_gen.pdbx_gene_src_organelle            ? 
_entity_src_gen.pdbx_gene_src_cell                 ? 
_entity_src_gen.pdbx_gene_src_cellular_location    ? 
_entity_src_gen.host_org_common_name               ? 
_entity_src_gen.pdbx_host_org_scientific_name      'Escherichia coli BL21(DE3)' 
_entity_src_gen.pdbx_host_org_ncbi_taxonomy_id     469008 
_entity_src_gen.host_org_genus                     ? 
_entity_src_gen.pdbx_host_org_gene                 ? 
_entity_src_gen.pdbx_host_org_organ                ? 
_entity_src_gen.host_org_species                   ? 
_entity_src_gen.pdbx_host_org_tissue               ? 
_entity_src_gen.pdbx_host_org_tissue_fraction      ? 
_entity_src_gen.pdbx_host_org_strain               ? 
_entity_src_gen.pdbx_host_org_variant              Rosetta 
_entity_src_gen.pdbx_host_org_cell_line            ? 
_entity_src_gen.pdbx_host_org_atcc                 ? 
_entity_src_gen.pdbx_host_org_culture_collection   ? 
_entity_src_gen.pdbx_host_org_cell                 ? 
_entity_src_gen.pdbx_host_org_organelle            ? 
_entity_src_gen.pdbx_host_org_cellular_location    ? 
_entity_src_gen.pdbx_host_org_vector_type          plasmid 
_entity_src_gen.pdbx_host_org_vector               ? 
_entity_src_gen.host_org_details                   ? 
_entity_src_gen.expression_system_id               ? 
_entity_src_gen.plasmid_name                       pETHSUL 
_entity_src_gen.plasmid_details                    ? 
_entity_src_gen.pdbx_description                   ? 
# 
loop_
_chem_comp.id 
_chem_comp.type 
_chem_comp.mon_nstd_flag 
_chem_comp.name 
_chem_comp.pdbx_synonyms 
_chem_comp.formula 
_chem_comp.formula_weight 
ALA 'L-peptide linking' y ALANINE         ? 'C3 H7 N O2'     89.093  
ARG 'L-peptide linking' y ARGININE        ? 'C6 H15 N4 O2 1' 175.209 
ASN 'L-peptide linking' y ASPARAGINE      ? 'C4 H8 N2 O3'    132.118 
ASP 'L-peptide linking' y 'ASPARTIC ACID' ? 'C4 H7 N O4'     133.103 
GLN 'L-peptide linking' y GLUTAMINE       ? 'C5 H10 N2 O3'   146.144 
GLU 'L-peptide linking' y 'GLUTAMIC ACID' ? 'C5 H9 N O4'     147.129 
HIS 'L-peptide linking' y HISTIDINE       ? 'C6 H10 N3 O2 1' 156.162 
HOH non-polymer         . WATER           ? 'H2 O'           18.015  
ILE 'L-peptide linking' y ISOLEUCINE      ? 'C6 H13 N O2'    131.173 
LEU 'L-peptide linking' y LEUCINE         ? 'C6 H13 N O2'    131.173 
LYS 'L-peptide linking' y LYSINE          ? 'C6 H15 N2 O2 1' 147.195 
MET 'L-peptide linking' y METHIONINE      ? 'C5 H11 N O2 S'  149.211 
PHE 'L-peptide linking' y PHENYLALANINE   ? 'C9 H11 N O2'    165.189 
SER 'L-peptide linking' y SERINE          ? 'C3 H7 N O3'     105.093 
THR 'L-peptide linking' y THREONINE       ? 'C4 H9 N O3'     119.119 
VAL 'L-peptide linking' y VALINE          ? 'C5 H11 N O2'    117.146 
# 
loop_
_pdbx_poly_seq_scheme.asym_id 
_pdbx_poly_seq_scheme.entity_id 
_pdbx_poly_seq_scheme.seq_id 
_pdbx_poly_seq_scheme.mon_id 
_pdbx_poly_seq_scheme.ndb_seq_num 
_pdbx_poly_seq_scheme.pdb_seq_num 
_pdbx_poly_seq_scheme.auth_seq_num 
_pdbx_poly_seq_scheme.pdb_mon_id 
_pdbx_poly_seq_scheme.auth_mon_id 
_pdbx_poly_seq_scheme.pdb_strand_id 
_pdbx_poly_seq_scheme.pdb_ins_code 
_pdbx_poly_seq_scheme.hetero 
A 1 1  VAL 1  161 161 VAL VAL A . n 
A 1 2  ASP 2  162 162 ASP ASP A . n 
A 1 3  GLN 3  163 163 GLN GLN A . n 
A 1 4  LEU 4  164 164 LEU LEU A . n 
A 1 5  THR 5  165 165 THR THR A . n 
A 1 6  ASN 6  166 166 ASN ASN A . n 
A 1 7  ASP 7  167 167 ASP ASP A . n 
A 1 8  LYS 8  168 168 LYS LYS A . n 
A 1 9  ALA 9  169 169 ALA ALA A . n 
A 1 10 ARG 10 170 170 ARG ARG A . n 
A 1 11 VAL 11 171 171 VAL VAL A . n 
A 1 12 GLU 12 172 172 GLU GLU A . n 
A 1 13 VAL 13 173 173 VAL VAL A . n 
A 1 14 GLU 14 174 174 GLU GLU A . n 
A 1 15 ARG 15 175 175 ARG ARG A . n 
A 1 16 ASP 16 176 176 ASP ASP A . n 
A 1 17 ASN 17 177 177 ASN ASN A . n 
A 1 18 LEU 18 178 178 LEU LEU A . n 
A 1 19 ALA 19 179 179 ALA ALA A . n 
A 1 20 GLU 20 180 180 GLU GLU A . n 
A 1 21 ASP 21 181 181 ASP ASP A . n 
A 1 22 ILE 22 182 182 ILE ILE A . n 
A 1 23 MET 23 183 183 MET MET A . n 
A 1 24 ARG 24 184 184 ARG ARG A . n 
A 1 25 LEU 25 185 185 LEU LEU A . n 
A 1 26 ARG 26 186 186 ARG ARG A . n 
A 1 27 GLU 27 187 187 GLU GLU A . n 
A 1 28 LYS 28 188 188 LYS LYS A . n 
A 1 29 LEU 29 189 189 LEU LEU A . n 
A 1 30 GLN 30 190 190 GLN GLN A . n 
A 1 31 GLU 31 191 191 GLU GLU A . n 
A 1 32 GLU 32 192 192 GLU GLU A . n 
A 1 33 MET 33 193 193 MET MET A . n 
A 1 34 LEU 34 194 194 LEU LEU A . n 
A 1 35 GLN 35 195 195 GLN GLN A . n 
A 1 36 ARG 36 196 196 ARG ARG A . n 
A 1 37 GLU 37 197 197 GLU GLU A . n 
A 1 38 GLU 38 198 198 GLU GLU A . n 
A 1 39 ALA 39 199 199 ALA ALA A . n 
A 1 40 GLU 40 200 200 GLU GLU A . n 
A 1 41 ASN 41 201 201 ASN ASN A . n 
A 1 42 THR 42 202 202 THR THR A . n 
A 1 43 LEU 43 203 203 LEU LEU A . n 
A 1 44 GLN 44 204 204 GLN GLN A . n 
A 1 45 SER 45 205 205 SER SER A . n 
A 1 46 PHE 46 206 206 PHE PHE A . n 
A 1 47 ARG 47 207 207 ARG ARG A . n 
A 1 48 GLN 48 208 208 GLN GLN A . n 
A 1 49 ASP 49 209 209 ASP ASP A . n 
A 1 50 VAL 50 210 210 VAL VAL A . n 
A 1 51 ASP 51 211 211 ASP ASP A . n 
A 1 52 ASN 52 212 212 ASN ASN A . n 
A 1 53 ALA 53 213 213 ALA ALA A . n 
A 1 54 SER 54 214 214 SER SER A . n 
A 1 55 LEU 55 215 215 LEU LEU A . n 
A 1 56 ALA 56 216 216 ALA ALA A . n 
A 1 57 ARG 57 217 217 ARG ARG A . n 
A 1 58 LEU 58 218 218 LEU LEU A . n 
A 1 59 ASP 59 219 219 ASP ASP A . n 
A 1 60 LEU 60 220 220 LEU LEU A . n 
A 1 61 GLU 61 221 221 GLU GLU A . n 
A 1 62 ARG 62 222 222 ARG ARG A . n 
A 1 63 LYS 63 223 223 LYS LYS A . n 
A 1 64 VAL 64 224 224 VAL VAL A . n 
A 1 65 GLU 65 225 225 GLU GLU A . n 
A 1 66 SER 66 226 226 SER SER A . n 
A 1 67 LEU 67 227 227 LEU LEU A . n 
A 1 68 GLN 68 228 228 GLN GLN A . n 
A 1 69 GLU 69 229 229 GLU GLU A . n 
A 1 70 GLU 70 230 230 GLU GLU A . n 
A 1 71 ILE 71 231 231 ILE ILE A . n 
A 1 72 ALA 72 232 232 ALA ALA A . n 
A 1 73 PHE 73 233 233 PHE PHE A . n 
A 1 74 LEU 74 234 234 LEU LEU A . n 
A 1 75 LYS 75 235 235 LYS LYS A . n 
A 1 76 LYS 76 236 236 LYS LYS A . n 
A 1 77 LEU 77 237 237 LEU LEU A . n 
A 1 78 HIS 78 238 238 HIS HIS A . n 
A 1 79 GLU 79 239 239 GLU GLU A . n 
A 1 80 GLU 80 240 240 GLU GLU A . n 
A 1 81 GLU 81 241 241 GLU GLU A . n 
A 1 82 ILE 82 242 242 ILE ILE A . n 
A 1 83 GLN 83 243 243 GLN GLN A . n 
# 
loop_
_pdbx_nonpoly_scheme.asym_id 
_pdbx_nonpoly_scheme.entity_id 
_pdbx_nonpoly_scheme.mon_id 
_pdbx_nonpoly_scheme.ndb_seq_num 
_pdbx_nonpoly_scheme.pdb_seq_num 
_pdbx_nonpoly_scheme.auth_seq_num 
_pdbx_nonpoly_scheme.pdb_mon_id 
_pdbx_nonpoly_scheme.auth_mon_id 
_pdbx_nonpoly_scheme.pdb_strand_id 
_pdbx_nonpoly_scheme.pdb_ins_code 
B 2 HOH 1   301 113 HOH HOH A . 
B 2 HOH 2   302 4   HOH HOH A . 
B 2 HOH 3   303 27  HOH HOH A . 
B 2 HOH 4   304 71  HOH HOH A . 
B 2 HOH 5   305 36  HOH HOH A . 
B 2 HOH 6   306 65  HOH HOH A . 
B 2 HOH 7   307 52  HOH HOH A . 
B 2 HOH 8   308 59  HOH HOH A . 
B 2 HOH 9   309 9   HOH HOH A . 
B 2 HOH 10  310 15  HOH HOH A . 
B 2 HOH 11  311 60  HOH HOH A . 
B 2 HOH 12  312 21  HOH HOH A . 
B 2 HOH 13  313 57  HOH HOH A . 
B 2 HOH 14  314 49  HOH HOH A . 
B 2 HOH 15  315 103 HOH HOH A . 
B 2 HOH 16  316 41  HOH HOH A . 
B 2 HOH 17  317 6   HOH HOH A . 
B 2 HOH 18  318 70  HOH HOH A . 
B 2 HOH 19  319 22  HOH HOH A . 
B 2 HOH 20  320 5   HOH HOH A . 
B 2 HOH 21  321 34  HOH HOH A . 
B 2 HOH 22  322 17  HOH HOH A . 
B 2 HOH 23  323 107 HOH HOH A . 
B 2 HOH 24  324 53  HOH HOH A . 
B 2 HOH 25  325 92  HOH HOH A . 
B 2 HOH 26  326 13  HOH HOH A . 
B 2 HOH 27  327 28  HOH HOH A . 
B 2 HOH 28  328 1   HOH HOH A . 
B 2 HOH 29  329 25  HOH HOH A . 
B 2 HOH 30  330 30  HOH HOH A . 
B 2 HOH 31  331 89  HOH HOH A . 
B 2 HOH 32  332 16  HOH HOH A . 
B 2 HOH 33  333 106 HOH HOH A . 
B 2 HOH 34  334 78  HOH HOH A . 
B 2 HOH 35  335 98  HOH HOH A . 
B 2 HOH 36  336 51  HOH HOH A . 
B 2 HOH 37  337 83  HOH HOH A . 
B 2 HOH 38  338 112 HOH HOH A . 
B 2 HOH 39  339 29  HOH HOH A . 
B 2 HOH 40  340 3   HOH HOH A . 
B 2 HOH 41  341 12  HOH HOH A . 
B 2 HOH 42  342 82  HOH HOH A . 
B 2 HOH 43  343 91  HOH HOH A . 
B 2 HOH 44  344 35  HOH HOH A . 
B 2 HOH 45  345 63  HOH HOH A . 
B 2 HOH 46  346 55  HOH HOH A . 
B 2 HOH 47  347 95  HOH HOH A . 
B 2 HOH 48  348 32  HOH HOH A . 
B 2 HOH 49  349 80  HOH HOH A . 
B 2 HOH 50  350 19  HOH HOH A . 
B 2 HOH 51  351 2   HOH HOH A . 
B 2 HOH 52  352 115 HOH HOH A . 
B 2 HOH 53  353 66  HOH HOH A . 
B 2 HOH 54  354 111 HOH HOH A . 
B 2 HOH 55  355 47  HOH HOH A . 
B 2 HOH 56  356 42  HOH HOH A . 
B 2 HOH 57  357 79  HOH HOH A . 
B 2 HOH 58  358 8   HOH HOH A . 
B 2 HOH 59  359 100 HOH HOH A . 
B 2 HOH 60  360 84  HOH HOH A . 
B 2 HOH 61  361 74  HOH HOH A . 
B 2 HOH 62  362 39  HOH HOH A . 
B 2 HOH 63  363 110 HOH HOH A . 
B 2 HOH 64  364 38  HOH HOH A . 
B 2 HOH 65  365 99  HOH HOH A . 
B 2 HOH 66  366 26  HOH HOH A . 
B 2 HOH 67  367 11  HOH HOH A . 
B 2 HOH 68  368 20  HOH HOH A . 
B 2 HOH 69  369 68  HOH HOH A . 
B 2 HOH 70  370 77  HOH HOH A . 
B 2 HOH 71  371 67  HOH HOH A . 
B 2 HOH 72  372 64  HOH HOH A . 
B 2 HOH 73  373 93  HOH HOH A . 
B 2 HOH 74  374 7   HOH HOH A . 
B 2 HOH 75  375 37  HOH HOH A . 
B 2 HOH 76  376 10  HOH HOH A . 
B 2 HOH 77  377 14  HOH HOH A . 
B 2 HOH 78  378 18  HOH HOH A . 
B 2 HOH 79  379 23  HOH HOH A . 
B 2 HOH 80  380 24  HOH HOH A . 
B 2 HOH 81  381 31  HOH HOH A . 
B 2 HOH 82  382 40  HOH HOH A . 
B 2 HOH 83  383 43  HOH HOH A . 
B 2 HOH 84  384 44  HOH HOH A . 
B 2 HOH 85  385 45  HOH HOH A . 
B 2 HOH 86  386 46  HOH HOH A . 
B 2 HOH 87  387 48  HOH HOH A . 
B 2 HOH 88  388 50  HOH HOH A . 
B 2 HOH 89  389 54  HOH HOH A . 
B 2 HOH 90  390 56  HOH HOH A . 
B 2 HOH 91  391 61  HOH HOH A . 
B 2 HOH 92  392 62  HOH HOH A . 
B 2 HOH 93  393 72  HOH HOH A . 
B 2 HOH 94  394 73  HOH HOH A . 
B 2 HOH 95  395 75  HOH HOH A . 
B 2 HOH 96  396 76  HOH HOH A . 
B 2 HOH 97  397 81  HOH HOH A . 
B 2 HOH 98  398 86  HOH HOH A . 
B 2 HOH 99  399 87  HOH HOH A . 
B 2 HOH 100 400 88  HOH HOH A . 
B 2 HOH 101 401 90  HOH HOH A . 
B 2 HOH 102 402 94  HOH HOH A . 
B 2 HOH 103 403 96  HOH HOH A . 
B 2 HOH 104 404 97  HOH HOH A . 
B 2 HOH 105 405 102 HOH HOH A . 
B 2 HOH 106 406 105 HOH HOH A . 
B 2 HOH 107 407 108 HOH HOH A . 
B 2 HOH 108 408 109 HOH HOH A . 
B 2 HOH 109 409 114 HOH HOH A . 
# 
loop_
_software.citation_id 
_software.classification 
_software.compiler_name 
_software.compiler_version 
_software.contact_author 
_software.contact_author_email 
_software.date 
_software.description 
_software.dependencies 
_software.hardware 
_software.language 
_software.location 
_software.mods 
_software.name 
_software.os 
_software.os_version 
_software.type 
_software.version 
_software.pdbx_ordinal 
? 'data scaling'    ? ? ? ? ? ? ? ? ? ? ? XSCALE      ? ? ? .    1 
? phasing           ? ? ? ? ? ? ? ? ? ? ? PHASER      ? ? ? .    2 
? refinement        ? ? ? ? ? ? ? ? ? ? ? PHENIX      ? ? ? .    3 
? 'data extraction' ? ? ? ? ? ? ? ? ? ? ? PDB_EXTRACT ? ? ? 3.15 4 
? 'data reduction'  ? ? ? ? ? ? ? ? ? ? ? XDS         ? ? ? .    5 
# 
_cell.angle_alpha                  90.000 
_cell.angle_alpha_esd              ? 
_cell.angle_beta                   90.000 
_cell.angle_beta_esd               ? 
_cell.angle_gamma                  120.000 
_cell.angle_gamma_esd              ? 
_cell.entry_id                     4YPC 
_cell.details                      ? 
_cell.formula_units_Z              ? 
_cell.length_a                     35.447 
_cell.length_a_esd                 ? 
_cell.length_b                     35.447 
_cell.length_b_esd                 ? 
_cell.length_c                     200.080 
_cell.length_c_esd                 ? 
_cell.volume                       ? 
_cell.volume_esd                   ? 
_cell.Z_PDB                        9 
_cell.reciprocal_angle_alpha       ? 
_cell.reciprocal_angle_beta        ? 
_cell.reciprocal_angle_gamma       ? 
_cell.reciprocal_angle_alpha_esd   ? 
_cell.reciprocal_angle_beta_esd    ? 
_cell.reciprocal_angle_gamma_esd   ? 
_cell.reciprocal_length_a          ? 
_cell.reciprocal_length_b          ? 
_cell.reciprocal_length_c          ? 
_cell.reciprocal_length_a_esd      ? 
_cell.reciprocal_length_b_esd      ? 
_cell.reciprocal_length_c_esd      ? 
_cell.pdbx_unique_axis             ? 
# 
_symmetry.entry_id                         4YPC 
_symmetry.cell_setting                     ? 
_symmetry.Int_Tables_number                146 
_symmetry.space_group_name_Hall            ? 
_symmetry.space_group_name_H-M             'H 3' 
_symmetry.pdbx_full_space_group_name_H-M   ? 
# 
_exptl.absorpt_coefficient_mu     ? 
_exptl.absorpt_correction_T_max   ? 
_exptl.absorpt_correction_T_min   ? 
_exptl.absorpt_correction_type    ? 
_exptl.absorpt_process_details    ? 
_exptl.entry_id                   4YPC 
_exptl.crystals_number            1 
_exptl.details                    ? 
_exptl.method                     'X-RAY DIFFRACTION' 
_exptl.method_details             ? 
# 
_exptl_crystal.colour                      ? 
_exptl_crystal.density_diffrn              ? 
_exptl_crystal.density_Matthews            2.44 
_exptl_crystal.density_method              ? 
_exptl_crystal.density_percent_sol         49.54 
_exptl_crystal.description                 
'twinning -h-k, k, -l with estimated twin fraction 0.453 (Britton analyses), 0468 (H-test), 0.478 (ML method)' 
_exptl_crystal.F_000                       ? 
_exptl_crystal.id                          1 
_exptl_crystal.preparation                 ? 
_exptl_crystal.size_max                    ? 
_exptl_crystal.size_mid                    ? 
_exptl_crystal.size_min                    ? 
_exptl_crystal.size_rad                    ? 
_exptl_crystal.colour_lustre               ? 
_exptl_crystal.colour_modifier             ? 
_exptl_crystal.colour_primary              ? 
_exptl_crystal.density_meas                ? 
_exptl_crystal.density_meas_esd            ? 
_exptl_crystal.density_meas_gt             ? 
_exptl_crystal.density_meas_lt             ? 
_exptl_crystal.density_meas_temp           ? 
_exptl_crystal.density_meas_temp_esd       ? 
_exptl_crystal.density_meas_temp_gt        ? 
_exptl_crystal.density_meas_temp_lt        ? 
_exptl_crystal.pdbx_crystal_image_url      ? 
_exptl_crystal.pdbx_crystal_image_format   ? 
_exptl_crystal.pdbx_mosaicity              ? 
_exptl_crystal.pdbx_mosaicity_esd          ? 
# 
_exptl_crystal_grow.apparatus       ? 
_exptl_crystal_grow.atmosphere      ? 
_exptl_crystal_grow.crystal_id      1 
_exptl_crystal_grow.details         ? 
_exptl_crystal_grow.method          'VAPOR DIFFUSION, SITTING DROP' 
_exptl_crystal_grow.method_ref      ? 
_exptl_crystal_grow.pH              6.6 
_exptl_crystal_grow.pressure        ? 
_exptl_crystal_grow.pressure_esd    ? 
_exptl_crystal_grow.seeding         ? 
_exptl_crystal_grow.seeding_ref     ? 
_exptl_crystal_grow.temp            298 
_exptl_crystal_grow.temp_details    ? 
_exptl_crystal_grow.temp_esd        ? 
_exptl_crystal_grow.time            ? 
_exptl_crystal_grow.pdbx_details    
;protein in 10 mM Tris pH 8, 38 mM NaCl mixed in ratio 1:1 with 1M Sodium citrate tribasic dihydrate, 0.1 M Sodium cacodylate trihydrate pH 6.5
;
_exptl_crystal_grow.pdbx_pH_range   ? 
# 
loop_
_diffrn.ambient_environment 
_diffrn.ambient_temp 
_diffrn.ambient_temp_details 
_diffrn.ambient_temp_esd 
_diffrn.crystal_id 
_diffrn.crystal_support 
_diffrn.crystal_treatment 
_diffrn.details 
_diffrn.id 
_diffrn.ambient_pressure 
_diffrn.ambient_pressure_esd 
_diffrn.ambient_pressure_gt 
_diffrn.ambient_pressure_lt 
_diffrn.ambient_temp_gt 
_diffrn.ambient_temp_lt 
? 100 ? ? 1 ? ? ? 1 ? ? ? ? ? ? 
? 100 ? ? 1 ? ? ? 2 ? ? ? ? ? ? 
# 
loop_
_diffrn_detector.details 
_diffrn_detector.detector 
_diffrn_detector.diffrn_id 
_diffrn_detector.type 
_diffrn_detector.area_resol_mean 
_diffrn_detector.dtime 
_diffrn_detector.pdbx_frames_total 
_diffrn_detector.pdbx_collection_time_total 
_diffrn_detector.pdbx_collection_date 
? CCD 1 'ADSC QUANTUM 315r' ? ? ? ? 2010-11-14 
? CCD 2 'ADSC QUANTUM 315r' ? ? ? ? 2010-11-14 
# 
loop_
_diffrn_radiation.collimation 
_diffrn_radiation.diffrn_id 
_diffrn_radiation.filter_edge 
_diffrn_radiation.inhomogeneity 
_diffrn_radiation.monochromator 
_diffrn_radiation.polarisn_norm 
_diffrn_radiation.polarisn_ratio 
_diffrn_radiation.probe 
_diffrn_radiation.type 
_diffrn_radiation.xray_symbol 
_diffrn_radiation.wavelength_id 
_diffrn_radiation.pdbx_monochromatic_or_laue_m_l 
_diffrn_radiation.pdbx_wavelength_list 
_diffrn_radiation.pdbx_wavelength 
_diffrn_radiation.pdbx_diffrn_protocol 
_diffrn_radiation.pdbx_analyzer 
_diffrn_radiation.pdbx_scattering_type 
? 1 ? ? ? ? ? ? ? ? 1 M ? ? 'SINGLE WAVELENGTH' ? x-ray 
? 2 ? ? ? ? ? ? ? ? 2 M ? ? 'SINGLE WAVELENGTH' ? x-ray 
# 
loop_
_diffrn_radiation_wavelength.id 
_diffrn_radiation_wavelength.wavelength 
_diffrn_radiation_wavelength.wt 
1 0.97926 1.0 
2 0.8856  1.0 
# 
loop_
_diffrn_source.current 
_diffrn_source.details 
_diffrn_source.diffrn_id 
_diffrn_source.power 
_diffrn_source.size 
_diffrn_source.source 
_diffrn_source.target 
_diffrn_source.type 
_diffrn_source.voltage 
_diffrn_source.take-off_angle 
_diffrn_source.pdbx_wavelength_list 
_diffrn_source.pdbx_wavelength 
_diffrn_source.pdbx_synchrotron_beamline 
_diffrn_source.pdbx_synchrotron_site 
? ? 1 ? ? SYNCHROTRON ? 'SOLEIL BEAMLINE PROXIMA 1' ? ? 0.97926 ? 'PROXIMA 1' SOLEIL 
? ? 2 ? ? SYNCHROTRON ? 'SOLEIL BEAMLINE PROXIMA 1' ? ? 0.8856  ? 'PROXIMA 1' SOLEIL 
# 
_reflns.B_iso_Wilson_estimate            ? 
_reflns.entry_id                         4YPC 
_reflns.data_reduction_details           ? 
_reflns.data_reduction_method            ? 
_reflns.d_resolution_high                1.440 
_reflns.d_resolution_low                 20 
_reflns.details                          ? 
_reflns.limit_h_max                      ? 
_reflns.limit_h_min                      ? 
_reflns.limit_k_max                      ? 
_reflns.limit_k_min                      ? 
_reflns.limit_l_max                      ? 
_reflns.limit_l_min                      ? 
_reflns.number_all                       16952 
_reflns.number_obs                       16952 
_reflns.observed_criterion               ? 
_reflns.observed_criterion_F_max         ? 
_reflns.observed_criterion_F_min         ? 
_reflns.observed_criterion_I_max         ? 
_reflns.observed_criterion_I_min         ? 
_reflns.observed_criterion_sigma_F       ? 
_reflns.observed_criterion_sigma_I       -3.000 
_reflns.percent_possible_obs             99.700 
_reflns.R_free_details                   ? 
_reflns.Rmerge_F_all                     ? 
_reflns.Rmerge_F_obs                     0.998 
_reflns.Friedel_coverage                 ? 
_reflns.number_gt                        ? 
_reflns.threshold_expression             ? 
_reflns.pdbx_redundancy                  10.46 
_reflns.pdbx_Rmerge_I_obs                0.069 
_reflns.pdbx_Rmerge_I_all                ? 
_reflns.pdbx_Rsym_value                  0.069 
_reflns.pdbx_netI_over_av_sigmaI         ? 
_reflns.pdbx_netI_over_sigmaI            19.940 
_reflns.pdbx_res_netI_over_av_sigmaI_2   ? 
_reflns.pdbx_res_netI_over_sigmaI_2      ? 
_reflns.pdbx_chi_squared                 0.959 
_reflns.pdbx_scaling_rejects             ? 
_reflns.pdbx_d_res_high_opt              ? 
_reflns.pdbx_d_res_low_opt               ? 
_reflns.pdbx_d_res_opt_method            ? 
_reflns.phase_calculation_details        ? 
_reflns.pdbx_Rrim_I_all                  0.073 
_reflns.pdbx_Rpim_I_all                  ? 
_reflns.pdbx_d_opt                       ? 
_reflns.pdbx_number_measured_all         177342 
_reflns.pdbx_diffrn_id                   1 
_reflns.pdbx_ordinal                     1 
_reflns.pdbx_CC_half                     ? 
_reflns.pdbx_R_split                     ? 
# 
loop_
_reflns_shell.d_res_high 
_reflns_shell.d_res_low 
_reflns_shell.meanI_over_sigI_all 
_reflns_shell.meanI_over_sigI_obs 
_reflns_shell.number_measured_all 
_reflns_shell.number_measured_obs 
_reflns_shell.number_possible 
_reflns_shell.number_unique_all 
_reflns_shell.number_unique_obs 
_reflns_shell.percent_possible_all 
_reflns_shell.percent_possible_obs 
_reflns_shell.Rmerge_F_all 
_reflns_shell.Rmerge_F_obs 
_reflns_shell.Rmerge_I_all 
_reflns_shell.Rmerge_I_obs 
_reflns_shell.meanI_over_sigI_gt 
_reflns_shell.meanI_over_uI_all 
_reflns_shell.meanI_over_uI_gt 
_reflns_shell.number_measured_gt 
_reflns_shell.number_unique_gt 
_reflns_shell.percent_possible_gt 
_reflns_shell.Rmerge_F_gt 
_reflns_shell.Rmerge_I_gt 
_reflns_shell.pdbx_redundancy 
_reflns_shell.pdbx_Rsym_value 
_reflns_shell.pdbx_chi_squared 
_reflns_shell.pdbx_netI_over_sigmaI_all 
_reflns_shell.pdbx_netI_over_sigmaI_obs 
_reflns_shell.pdbx_Rrim_I_all 
_reflns_shell.pdbx_Rpim_I_all 
_reflns_shell.pdbx_rejects 
_reflns_shell.pdbx_ordinal 
_reflns_shell.pdbx_diffrn_id 
_reflns_shell.pdbx_CC_half 
_reflns_shell.pdbx_R_split 
1.440 1.480 ? 2.320  ? 4624  1280 ? 1276 99.700  ? ? 0.942 ? 0.567 ? ? ? ? ? ? ? ? 3.62 ? ? ? ? 0.658 ? 0 1  1 ? ? 
1.480 1.520 ? 4.380  ? 6478  1212 ? 1204 99.300  ? ? 0.986 ? 0.349 ? ? ? ? ? ? ? ? ?    ? ? ? ? 0.387 ? 0 2  1 ? ? 
1.520 1.560 ? 5.620  ? 7308  1203 ? 1203 100.000 ? ? 0.973 ? 0.345 ? ? ? ? ? ? ? ? ?    ? ? ? ? 0.378 ? 0 3  1 ? ? 
1.560 1.610 ? 6.760  ? 12711 1167 ? 1167 100.000 ? ? 0.957 ? 0.519 ? ? ? ? ? ? ? ? ?    ? ? ? ? 0.543 ? 0 4  1 ? ? 
1.610 1.660 ? 9.030  ? 13571 1097 ? 1097 100.000 ? ? 0.978 ? 0.394 ? ? ? ? ? ? ? ? ?    ? ? ? ? 0.412 ? 0 5  1 ? ? 
1.660 1.720 ? 10.750 ? 13349 1071 ? 1071 100.000 ? ? 0.981 ? 0.325 ? ? ? ? ? ? ? ? ?    ? ? ? ? 0.339 ? 0 6  1 ? ? 
1.720 1.790 ? 12.680 ? 13200 1060 ? 1060 100.000 ? ? 0.989 ? 0.252 ? ? ? ? ? ? ? ? ?    ? ? ? ? 0.263 ? 0 7  1 ? ? 
1.790 1.860 ? 16.140 ? 12905 1031 ? 1031 100.000 ? ? 0.995 ? 0.173 ? ? ? ? ? ? ? ? ?    ? ? ? ? 0.181 ? 0 8  1 ? ? 
1.860 1.940 ? 21.420 ? 11583 932  ? 932  100.000 ? ? 0.996 ? 0.123 ? ? ? ? ? ? ? ? ?    ? ? ? ? 0.128 ? 0 9  1 ? ? 
1.940 2.040 ? 26.070 ? 11448 920  ? 920  100.000 ? ? 0.997 ? 0.098 ? ? ? ? ? ? ? ? ?    ? ? ? ? 0.102 ? 0 10 1 ? ? 
2.040 2.150 ? 31.300 ? 10959 882  ? 882  100.000 ? ? 0.997 ? 0.077 ? ? ? ? ? ? ? ? ?    ? ? ? ? 0.081 ? 0 11 1 ? ? 
2.150 2.280 ? 35.080 ? 10339 831  ? 831  100.000 ? ? 0.998 ? 0.068 ? ? ? ? ? ? ? ? ?    ? ? ? ? 0.071 ? 0 12 1 ? ? 
2.280 2.430 ? 37.160 ? 9649  777  ? 777  100.000 ? ? 0.997 ? 0.064 ? ? ? ? ? ? ? ? ?    ? ? ? ? 0.067 ? 0 13 1 ? ? 
2.430 2.630 ? 38.450 ? 8983  729  ? 729  100.000 ? ? 0.997 ? 0.065 ? ? ? ? ? ? ? ? ?    ? ? ? ? 0.068 ? 0 14 1 ? ? 
2.630 2.880 ? 39.620 ? 8166  669  ? 669  100.000 ? ? 0.997 ? 0.065 ? ? ? ? ? ? ? ? ?    ? ? ? ? 0.068 ? 0 15 1 ? ? 
2.880 3.220 ? 40.680 ? 7555  625  ? 625  100.000 ? ? 0.998 ? 0.059 ? ? ? ? ? ? ? ? ?    ? ? ? ? 0.062 ? 0 16 1 ? ? 
3.220 3.720 ? 38.510 ? 5529  516  ? 516  100.000 ? ? 0.997 ? 0.058 ? ? ? ? ? ? ? ? ?    ? ? ? ? 0.062 ? 0 17 1 ? ? 
3.720 4.550 ? 35.880 ? 4206  452  ? 449  99.300  ? ? 0.996 ? 0.056 ? ? ? ? ? ? ? ? ?    ? ? ? ? 0.060 ? 0 18 1 ? ? 
4.550 6.440 ? 36.250 ? 3251  347  ? 338  97.400  ? ? 0.996 ? 0.053 ? ? ? ? ? ? ? ? ?    ? ? ? ? 0.057 ? 0 19 1 ? ? 
6.440 ?     ? 33.510 ? 1528  199  ? 175  87.900  ? ? 0.997 ? 0.059 ? ? ? ? ? ? ? ? ?    ? ? ? ? 0.064 ? 0 20 1 ? ? 
# 
_refine.aniso_B[1][1]                            ? 
_refine.aniso_B[1][2]                            ? 
_refine.aniso_B[1][3]                            ? 
_refine.aniso_B[2][2]                            ? 
_refine.aniso_B[2][3]                            ? 
_refine.aniso_B[3][3]                            ? 
_refine.B_iso_max                                58.220 
_refine.B_iso_mean                               24.0127 
_refine.B_iso_min                                12.910 
_refine.correlation_coeff_Fo_to_Fc               ? 
_refine.correlation_coeff_Fo_to_Fc_free          ? 
_refine.details                                  ? 
_refine.diff_density_max                         ? 
_refine.diff_density_max_esd                     ? 
_refine.diff_density_min                         ? 
_refine.diff_density_min_esd                     ? 
_refine.diff_density_rms                         ? 
_refine.diff_density_rms_esd                     ? 
_refine.entry_id                                 4YPC 
_refine.pdbx_refine_id                           'X-RAY DIFFRACTION' 
_refine.ls_abs_structure_details                 ? 
_refine.ls_abs_structure_Flack                   ? 
_refine.ls_abs_structure_Flack_esd               ? 
_refine.ls_abs_structure_Rogers                  ? 
_refine.ls_abs_structure_Rogers_esd              ? 
_refine.ls_d_res_high                            1.4400 
_refine.ls_d_res_low                             19.3900 
_refine.ls_extinction_coef                       ? 
_refine.ls_extinction_coef_esd                   ? 
_refine.ls_extinction_expression                 ? 
_refine.ls_extinction_method                     ? 
_refine.ls_goodness_of_fit_all                   ? 
_refine.ls_goodness_of_fit_all_esd               ? 
_refine.ls_goodness_of_fit_obs                   ? 
_refine.ls_goodness_of_fit_obs_esd               ? 
_refine.ls_hydrogen_treatment                    ? 
_refine.ls_matrix_type                           ? 
_refine.ls_number_constraints                    ? 
_refine.ls_number_parameters                     ? 
_refine.ls_number_reflns_all                     ? 
_refine.ls_number_reflns_obs                     16948 
_refine.ls_number_reflns_R_free                  853 
_refine.ls_number_reflns_R_work                  16069 
_refine.ls_number_restraints                     ? 
_refine.ls_percent_reflns_obs                    99.7400 
_refine.ls_percent_reflns_R_free                 5.0300 
_refine.ls_R_factor_all                          ? 
_refine.ls_R_factor_obs                          0.2533 
_refine.ls_R_factor_R_free                       0.2764 
_refine.ls_R_factor_R_free_error                 ? 
_refine.ls_R_factor_R_free_error_details         ? 
_refine.ls_R_factor_R_work                       0.2477 
_refine.ls_R_Fsqd_factor_obs                     ? 
_refine.ls_R_I_factor_obs                        ? 
_refine.ls_redundancy_reflns_all                 ? 
_refine.ls_redundancy_reflns_obs                 ? 
_refine.ls_restrained_S_all                      ? 
_refine.ls_restrained_S_obs                      ? 
_refine.ls_shift_over_esd_max                    ? 
_refine.ls_shift_over_esd_mean                   ? 
_refine.ls_structure_factor_coef                 ? 
_refine.ls_weighting_details                     ? 
_refine.ls_weighting_scheme                      ? 
_refine.ls_wR_factor_all                         ? 
_refine.ls_wR_factor_obs                         ? 
_refine.ls_wR_factor_R_free                      ? 
_refine.ls_wR_factor_R_work                      ? 
_refine.occupancy_max                            ? 
_refine.occupancy_min                            ? 
_refine.solvent_model_details                    'FLAT BULK SOLVENT MODEL' 
_refine.solvent_model_param_bsol                 ? 
_refine.solvent_model_param_ksol                 ? 
_refine.ls_R_factor_gt                           ? 
_refine.ls_goodness_of_fit_gt                    ? 
_refine.ls_goodness_of_fit_ref                   ? 
_refine.ls_shift_over_su_max                     ? 
_refine.ls_shift_over_su_max_lt                  ? 
_refine.ls_shift_over_su_mean                    ? 
_refine.ls_shift_over_su_mean_lt                 ? 
_refine.pdbx_ls_sigma_I                          ? 
_refine.pdbx_ls_sigma_F                          ? 
_refine.pdbx_ls_sigma_Fsqd                       ? 
_refine.pdbx_data_cutoff_high_absF               ? 
_refine.pdbx_data_cutoff_high_rms_absF           ? 
_refine.pdbx_data_cutoff_low_absF                ? 
_refine.pdbx_isotropic_thermal_model             ? 
_refine.pdbx_ls_cross_valid_method               'FREE R-VALUE' 
_refine.pdbx_method_to_determine_struct          'MOLECULAR REPLACEMENT' 
_refine.pdbx_starting_model                      '3SWK, 3UF1' 
_refine.pdbx_stereochemistry_target_values       TWIN_LSQ_F 
_refine.pdbx_R_Free_selection_details            'PHENIX selection' 
_refine.pdbx_stereochem_target_val_spec_case     ? 
_refine.pdbx_overall_ESU_R                       ? 
_refine.pdbx_overall_ESU_R_Free                  ? 
_refine.pdbx_solvent_vdw_probe_radii             1.1100 
_refine.pdbx_solvent_ion_probe_radii             ? 
_refine.pdbx_solvent_shrinkage_radii             0.9000 
_refine.pdbx_real_space_R                        ? 
_refine.pdbx_density_correlation                 ? 
_refine.pdbx_pd_number_of_powder_patterns        ? 
_refine.pdbx_pd_number_of_points                 ? 
_refine.pdbx_pd_meas_number_of_points            ? 
_refine.pdbx_pd_proc_ls_prof_R_factor            ? 
_refine.pdbx_pd_proc_ls_prof_wR_factor           ? 
_refine.pdbx_pd_Marquardt_correlation_coeff      ? 
_refine.pdbx_pd_Fsqrd_R_factor                   ? 
_refine.pdbx_pd_ls_matrix_band_width             ? 
_refine.pdbx_overall_phase_error                 36.9400 
_refine.pdbx_overall_SU_R_free_Cruickshank_DPI   ? 
_refine.pdbx_overall_SU_R_free_Blow_DPI          ? 
_refine.pdbx_overall_SU_R_Blow_DPI               ? 
_refine.pdbx_TLS_residual_ADP_flag               ? 
_refine.pdbx_diffrn_id                           2 
_refine.overall_SU_B                             ? 
_refine.overall_SU_ML                            ? 
_refine.overall_SU_R_Cruickshank_DPI             ? 
_refine.overall_SU_R_free                        ? 
_refine.overall_FOM_free_R_set                   ? 
_refine.overall_FOM_work_R_set                   ? 
_refine.pdbx_average_fsc_overall                 ? 
_refine.pdbx_average_fsc_work                    ? 
_refine.pdbx_average_fsc_free                    ? 
# 
_refine_hist.cycle_id                         final 
_refine_hist.pdbx_refine_id                   'X-RAY DIFFRACTION' 
_refine_hist.d_res_high                       1.4400 
_refine_hist.d_res_low                        19.3900 
_refine_hist.pdbx_number_atoms_ligand         0 
_refine_hist.number_atoms_solvent             109 
_refine_hist.number_atoms_total               803 
_refine_hist.pdbx_number_residues_total       83 
_refine_hist.pdbx_B_iso_mean_solvent          25.40 
_refine_hist.pdbx_number_atoms_protein        694 
_refine_hist.pdbx_number_atoms_nucleic_acid   0 
# 
loop_
_refine_ls_restr.pdbx_refine_id 
_refine_ls_restr.criterion 
_refine_ls_restr.dev_ideal 
_refine_ls_restr.dev_ideal_target 
_refine_ls_restr.number 
_refine_ls_restr.rejects 
_refine_ls_restr.type 
_refine_ls_restr.weight 
_refine_ls_restr.pdbx_restraint_function 
'X-RAY DIFFRACTION' ? 0.007  ? 750  ? f_bond_d           ? ? 
'X-RAY DIFFRACTION' ? 0.940  ? 1013 ? f_angle_d          ? ? 
'X-RAY DIFFRACTION' ? 0.069  ? 113  ? f_chiral_restr     ? ? 
'X-RAY DIFFRACTION' ? 0.002  ? 141  ? f_plane_restr      ? ? 
'X-RAY DIFFRACTION' ? 14.546 ? 322  ? f_dihedral_angle_d ? ? 
# 
loop_
_refine_ls_shell.pdbx_refine_id 
_refine_ls_shell.d_res_high 
_refine_ls_shell.d_res_low 
_refine_ls_shell.number_reflns_all 
_refine_ls_shell.number_reflns_obs 
_refine_ls_shell.number_reflns_R_free 
_refine_ls_shell.number_reflns_R_work 
_refine_ls_shell.percent_reflns_obs 
_refine_ls_shell.percent_reflns_R_free 
_refine_ls_shell.R_factor_all 
_refine_ls_shell.R_factor_obs 
_refine_ls_shell.R_factor_R_free 
_refine_ls_shell.R_factor_R_free_error 
_refine_ls_shell.R_factor_R_work 
_refine_ls_shell.redundancy_reflns_all 
_refine_ls_shell.redundancy_reflns_obs 
_refine_ls_shell.wR_factor_all 
_refine_ls_shell.wR_factor_obs 
_refine_ls_shell.wR_factor_R_free 
_refine_ls_shell.wR_factor_R_work 
_refine_ls_shell.pdbx_total_number_of_bins_used 
_refine_ls_shell.pdbx_phase_error 
_refine_ls_shell.pdbx_fsc_work 
_refine_ls_shell.pdbx_fsc_free 
'X-RAY DIFFRACTION' 1.4410 1.5312  2847 . 139 2708 95.0000 . . . 0.4451 . 0.4018 . . . . . . 6 . . . 
'X-RAY DIFFRACTION' 1.5312 1.6493  2799 . 142 2657 95.0000 . . . 0.3311 . 0.3401 . . . . . . 6 . . . 
'X-RAY DIFFRACTION' 1.6493 1.8151  2820 . 144 2676 95.0000 . . . 0.3251 . 0.3361 . . . . . . 6 . . . 
'X-RAY DIFFRACTION' 1.8151 2.0773  2834 . 148 2686 95.0000 . . . 0.3741 . 0.2958 . . . . . . 6 . . . 
'X-RAY DIFFRACTION' 2.0773 2.6156  2814 . 138 2676 95.0000 . . . 0.2588 . 0.2556 . . . . . . 6 . . . 
'X-RAY DIFFRACTION' 2.6156 16.7631 2808 . 142 2666 94.0000 . . . 0.2479 . 0.2114 . . . . . . 6 . . . 
# 
_struct.entry_id                     4YPC 
_struct.title                        'Trimeric crystal structure of vimentin coil1B fragment' 
_struct.pdbx_model_details           ? 
_struct.pdbx_formula_weight          ? 
_struct.pdbx_formula_weight_method   ? 
_struct.pdbx_model_type_details      ? 
_struct.pdbx_CASP_flag               ? 
# 
_struct_keywords.entry_id        4YPC 
_struct_keywords.text            
'cytoskeleton, intermediate filament, vimentin, alpha-helical coiled-coil trimer, structural protein' 
_struct_keywords.pdbx_keywords   'STRUCTURAL PROTEIN' 
# 
loop_
_struct_asym.id 
_struct_asym.pdbx_blank_PDB_chainid_flag 
_struct_asym.pdbx_modified 
_struct_asym.entity_id 
_struct_asym.details 
A N N 1 ? 
B N N 2 ? 
# 
_struct_ref.id                         1 
_struct_ref.db_name                    UNP 
_struct_ref.db_code                    VIME_HUMAN 
_struct_ref.pdbx_db_accession          P08670 
_struct_ref.pdbx_db_isoform            ? 
_struct_ref.entity_id                  1 
_struct_ref.pdbx_seq_one_letter_code   
;VDQLTNDKARVEVERDNLAEDIMRLREKLQEEMLQREEAENTLQSFRQDVDNASLARLDLERKVESLQEEIAFLKKLHEE
EIQ
;
_struct_ref.pdbx_align_begin           161 
# 
_struct_ref_seq.align_id                      1 
_struct_ref_seq.ref_id                        1 
_struct_ref_seq.pdbx_PDB_id_code              4YPC 
_struct_ref_seq.pdbx_strand_id                A 
_struct_ref_seq.seq_align_beg                 1 
_struct_ref_seq.pdbx_seq_align_beg_ins_code   ? 
_struct_ref_seq.seq_align_end                 83 
_struct_ref_seq.pdbx_seq_align_end_ins_code   ? 
_struct_ref_seq.pdbx_db_accession             P08670 
_struct_ref_seq.db_align_beg                  161 
_struct_ref_seq.pdbx_db_align_beg_ins_code    ? 
_struct_ref_seq.db_align_end                  243 
_struct_ref_seq.pdbx_db_align_end_ins_code    ? 
_struct_ref_seq.pdbx_auth_seq_align_beg       161 
_struct_ref_seq.pdbx_auth_seq_align_end       243 
# 
_pdbx_struct_assembly.id                   1 
_pdbx_struct_assembly.details              author_and_software_defined_assembly 
_pdbx_struct_assembly.method_details       PISA 
_pdbx_struct_assembly.oligomeric_details   Trimeric 
_pdbx_struct_assembly.oligomeric_count     3 
# 
loop_
_pdbx_struct_assembly_prop.biol_id 
_pdbx_struct_assembly_prop.type 
_pdbx_struct_assembly_prop.value 
_pdbx_struct_assembly_prop.details 
1 'ABSA (A^2)' 8740  ? 
1 MORE         -77   ? 
1 'SSA (A^2)'  16290 ? 
# 
_pdbx_struct_assembly_gen.assembly_id       1 
_pdbx_struct_assembly_gen.oper_expression   1,2,3 
_pdbx_struct_assembly_gen.asym_id_list      A,B 
# 
loop_
_pdbx_struct_oper_list.id 
_pdbx_struct_oper_list.type 
_pdbx_struct_oper_list.name 
_pdbx_struct_oper_list.symmetry_operation 
_pdbx_struct_oper_list.matrix[1][1] 
_pdbx_struct_oper_list.matrix[1][2] 
_pdbx_struct_oper_list.matrix[1][3] 
_pdbx_struct_oper_list.vector[1] 
_pdbx_struct_oper_list.matrix[2][1] 
_pdbx_struct_oper_list.matrix[2][2] 
_pdbx_struct_oper_list.matrix[2][3] 
_pdbx_struct_oper_list.vector[2] 
_pdbx_struct_oper_list.matrix[3][1] 
_pdbx_struct_oper_list.matrix[3][2] 
_pdbx_struct_oper_list.matrix[3][3] 
_pdbx_struct_oper_list.vector[3] 
1 'identity operation'         1_555 x,y,z     1.0000000000  0.0000000000  0.0000000000  0.0000000000  0.0000000000  1.0000000000 0.0000000000  0.0000000000  0.0000000000  0.0000000000  1.0000000000  0.0000000000  
2 'crystal symmetry operation' 2_555 -y,x-y,z  -0.2509787510 -0.6486038445 -0.7185559961 -1.2444748414 -0.4596858382 0.7331337445 -0.5012023971 -1.0211358738 0.8518794496  0.2045188638  -0.4821549935 -3.8396319728 
3 'crystal symmetry operation' 3_555 -x+y,-x,z -0.2509787510 -0.4596858382 0.8518794496  2.4891651302  -0.6486038445 0.7331337445 0.2045188638  0.7267351686  -0.7185559961 -0.5012023971 -0.4821549935 -3.2573183356 
# 
_struct_conf.conf_type_id            HELX_P 
_struct_conf.id                      HELX_P1 
_struct_conf.pdbx_PDB_helix_id       AA1 
_struct_conf.beg_label_comp_id       ASN 
_struct_conf.beg_label_asym_id       A 
_struct_conf.beg_label_seq_id        6 
_struct_conf.pdbx_beg_PDB_ins_code   ? 
_struct_conf.end_label_comp_id       LYS 
_struct_conf.end_label_asym_id       A 
_struct_conf.end_label_seq_id        76 
_struct_conf.pdbx_end_PDB_ins_code   ? 
_struct_conf.beg_auth_comp_id        ASN 
_struct_conf.beg_auth_asym_id        A 
_struct_conf.beg_auth_seq_id         166 
_struct_conf.end_auth_comp_id        LYS 
_struct_conf.end_auth_asym_id        A 
_struct_conf.end_auth_seq_id         236 
_struct_conf.pdbx_PDB_helix_class    1 
_struct_conf.details                 ? 
_struct_conf.pdbx_PDB_helix_length   71 
# 
_struct_conf_type.id          HELX_P 
_struct_conf_type.criteria    ? 
_struct_conf_type.reference   ? 
# 
loop_
_pdbx_validate_close_contact.id 
_pdbx_validate_close_contact.PDB_model_num 
_pdbx_validate_close_contact.auth_atom_id_1 
_pdbx_validate_close_contact.auth_asym_id_1 
_pdbx_validate_close_contact.auth_comp_id_1 
_pdbx_validate_close_contact.auth_seq_id_1 
_pdbx_validate_close_contact.PDB_ins_code_1 
_pdbx_validate_close_contact.label_alt_id_1 
_pdbx_validate_close_contact.auth_atom_id_2 
_pdbx_validate_close_contact.auth_asym_id_2 
_pdbx_validate_close_contact.auth_comp_id_2 
_pdbx_validate_close_contact.auth_seq_id_2 
_pdbx_validate_close_contact.PDB_ins_code_2 
_pdbx_validate_close_contact.label_alt_id_2 
_pdbx_validate_close_contact.dist 
1 1 OE2 A GLU 241 ? ? O A HOH 301 ? ? 1.74 
2 1 O   A HOH 400 ? ? O A HOH 406 ? ? 1.87 
3 1 O   A HOH 316 ? ? O A HOH 382 ? ? 1.89 
4 1 O   A HOH 400 ? ? O A HOH 402 ? ? 1.90 
5 1 O   A HOH 309 ? ? O A HOH 358 ? ? 1.94 
6 1 O   A HOH 340 ? ? O A HOH 351 ? ? 2.02 
7 1 O   A HOH 331 ? ? O A HOH 345 ? ? 2.04 
8 1 O   A HOH 355 ? ? O A HOH 388 ? ? 2.13 
9 1 O   A LYS 235 ? ? O A HOH 394 ? ? 2.17 
# 
loop_
_pdbx_validate_symm_contact.id 
_pdbx_validate_symm_contact.PDB_model_num 
_pdbx_validate_symm_contact.auth_atom_id_1 
_pdbx_validate_symm_contact.auth_asym_id_1 
_pdbx_validate_symm_contact.auth_comp_id_1 
_pdbx_validate_symm_contact.auth_seq_id_1 
_pdbx_validate_symm_contact.PDB_ins_code_1 
_pdbx_validate_symm_contact.label_alt_id_1 
_pdbx_validate_symm_contact.site_symmetry_1 
_pdbx_validate_symm_contact.auth_atom_id_2 
_pdbx_validate_symm_contact.auth_asym_id_2 
_pdbx_validate_symm_contact.auth_comp_id_2 
_pdbx_validate_symm_contact.auth_seq_id_2 
_pdbx_validate_symm_contact.PDB_ins_code_2 
_pdbx_validate_symm_contact.label_alt_id_2 
_pdbx_validate_symm_contact.site_symmetry_2 
_pdbx_validate_symm_contact.dist 
1 1 O A HOH 323 ? ? 1_555 O   A HOH 360 ? ? 2_555 1.99 
2 1 O A HOH 330 ? ? 1_555 O   A HOH 341 ? ? 9_554 2.04 
3 1 O A VAL 161 ? ? 1_555 OE1 A GLN 163 ? ? 2_555 2.08 
4 1 O A HOH 308 ? ? 1_555 O   A HOH 359 ? ? 3_555 2.08 
# 
loop_
_pdbx_validate_torsion.id 
_pdbx_validate_torsion.PDB_model_num 
_pdbx_validate_torsion.auth_comp_id 
_pdbx_validate_torsion.auth_asym_id 
_pdbx_validate_torsion.auth_seq_id 
_pdbx_validate_torsion.PDB_ins_code 
_pdbx_validate_torsion.label_alt_id 
_pdbx_validate_torsion.phi 
_pdbx_validate_torsion.psi 
1 1 GLN A 163 ? ? -162.48 90.69  
2 1 LEU A 164 ? ? -147.69 12.68  
3 1 GLU A 241 ? ? -114.44 -80.45 
4 1 ILE A 242 ? ? -114.46 -70.40 
# 
loop_
_pdbx_struct_special_symmetry.id 
_pdbx_struct_special_symmetry.PDB_model_num 
_pdbx_struct_special_symmetry.auth_asym_id 
_pdbx_struct_special_symmetry.auth_comp_id 
_pdbx_struct_special_symmetry.auth_seq_id 
_pdbx_struct_special_symmetry.PDB_ins_code 
_pdbx_struct_special_symmetry.label_asym_id 
_pdbx_struct_special_symmetry.label_comp_id 
_pdbx_struct_special_symmetry.label_seq_id 
1 1 A HOH 338 ? B HOH . 
2 1 A HOH 371 ? B HOH . 
3 1 A HOH 372 ? B HOH . 
# 
_phasing.method   MR 
# 
loop_
_pdbx_distant_solvent_atoms.id 
_pdbx_distant_solvent_atoms.PDB_model_num 
_pdbx_distant_solvent_atoms.auth_atom_id 
_pdbx_distant_solvent_atoms.label_alt_id 
_pdbx_distant_solvent_atoms.auth_asym_id 
_pdbx_distant_solvent_atoms.auth_comp_id 
_pdbx_distant_solvent_atoms.auth_seq_id 
_pdbx_distant_solvent_atoms.PDB_ins_code 
_pdbx_distant_solvent_atoms.neighbor_macromolecule_distance 
_pdbx_distant_solvent_atoms.neighbor_ligand_distance 
1 1 O ? A HOH 383 ? 6.01 . 
2 1 O ? A HOH 384 ? 8.88 . 
3 1 O ? A HOH 386 ? 7.04 . 
4 1 O ? A HOH 387 ? 7.82 . 
5 1 O ? A HOH 396 ? 6.42 . 
6 1 O ? A HOH 403 ? 6.34 . 
7 1 O ? A HOH 404 ? 7.60 . 
# 
loop_
_chem_comp_atom.comp_id 
_chem_comp_atom.atom_id 
_chem_comp_atom.type_symbol 
_chem_comp_atom.pdbx_aromatic_flag 
_chem_comp_atom.pdbx_stereo_config 
_chem_comp_atom.pdbx_ordinal 
ALA N    N N N 1   
ALA CA   C N S 2   
ALA C    C N N 3   
ALA O    O N N 4   
ALA CB   C N N 5   
ALA OXT  O N N 6   
ALA H    H N N 7   
ALA H2   H N N 8   
ALA HA   H N N 9   
ALA HB1  H N N 10  
ALA HB2  H N N 11  
ALA HB3  H N N 12  
ALA HXT  H N N 13  
ARG N    N N N 14  
ARG CA   C N S 15  
ARG C    C N N 16  
ARG O    O N N 17  
ARG CB   C N N 18  
ARG CG   C N N 19  
ARG CD   C N N 20  
ARG NE   N N N 21  
ARG CZ   C N N 22  
ARG NH1  N N N 23  
ARG NH2  N N N 24  
ARG OXT  O N N 25  
ARG H    H N N 26  
ARG H2   H N N 27  
ARG HA   H N N 28  
ARG HB2  H N N 29  
ARG HB3  H N N 30  
ARG HG2  H N N 31  
ARG HG3  H N N 32  
ARG HD2  H N N 33  
ARG HD3  H N N 34  
ARG HE   H N N 35  
ARG HH11 H N N 36  
ARG HH12 H N N 37  
ARG HH21 H N N 38  
ARG HH22 H N N 39  
ARG HXT  H N N 40  
ASN N    N N N 41  
ASN CA   C N S 42  
ASN C    C N N 43  
ASN O    O N N 44  
ASN CB   C N N 45  
ASN CG   C N N 46  
ASN OD1  O N N 47  
ASN ND2  N N N 48  
ASN OXT  O N N 49  
ASN H    H N N 50  
ASN H2   H N N 51  
ASN HA   H N N 52  
ASN HB2  H N N 53  
ASN HB3  H N N 54  
ASN HD21 H N N 55  
ASN HD22 H N N 56  
ASN HXT  H N N 57  
ASP N    N N N 58  
ASP CA   C N S 59  
ASP C    C N N 60  
ASP O    O N N 61  
ASP CB   C N N 62  
ASP CG   C N N 63  
ASP OD1  O N N 64  
ASP OD2  O N N 65  
ASP OXT  O N N 66  
ASP H    H N N 67  
ASP H2   H N N 68  
ASP HA   H N N 69  
ASP HB2  H N N 70  
ASP HB3  H N N 71  
ASP HD2  H N N 72  
ASP HXT  H N N 73  
GLN N    N N N 74  
GLN CA   C N S 75  
GLN C    C N N 76  
GLN O    O N N 77  
GLN CB   C N N 78  
GLN CG   C N N 79  
GLN CD   C N N 80  
GLN OE1  O N N 81  
GLN NE2  N N N 82  
GLN OXT  O N N 83  
GLN H    H N N 84  
GLN H2   H N N 85  
GLN HA   H N N 86  
GLN HB2  H N N 87  
GLN HB3  H N N 88  
GLN HG2  H N N 89  
GLN HG3  H N N 90  
GLN HE21 H N N 91  
GLN HE22 H N N 92  
GLN HXT  H N N 93  
GLU N    N N N 94  
GLU CA   C N S 95  
GLU C    C N N 96  
GLU O    O N N 97  
GLU CB   C N N 98  
GLU CG   C N N 99  
GLU CD   C N N 100 
GLU OE1  O N N 101 
GLU OE2  O N N 102 
GLU OXT  O N N 103 
GLU H    H N N 104 
GLU H2   H N N 105 
GLU HA   H N N 106 
GLU HB2  H N N 107 
GLU HB3  H N N 108 
GLU HG2  H N N 109 
GLU HG3  H N N 110 
GLU HE2  H N N 111 
GLU HXT  H N N 112 
HIS N    N N N 113 
HIS CA   C N S 114 
HIS C    C N N 115 
HIS O    O N N 116 
HIS CB   C N N 117 
HIS CG   C Y N 118 
HIS ND1  N Y N 119 
HIS CD2  C Y N 120 
HIS CE1  C Y N 121 
HIS NE2  N Y N 122 
HIS OXT  O N N 123 
HIS H    H N N 124 
HIS H2   H N N 125 
HIS HA   H N N 126 
HIS HB2  H N N 127 
HIS HB3  H N N 128 
HIS HD1  H N N 129 
HIS HD2  H N N 130 
HIS HE1  H N N 131 
HIS HE2  H N N 132 
HIS HXT  H N N 133 
HOH O    O N N 134 
HOH H1   H N N 135 
HOH H2   H N N 136 
ILE N    N N N 137 
ILE CA   C N S 138 
ILE C    C N N 139 
ILE O    O N N 140 
ILE CB   C N S 141 
ILE CG1  C N N 142 
ILE CG2  C N N 143 
ILE CD1  C N N 144 
ILE OXT  O N N 145 
ILE H    H N N 146 
ILE H2   H N N 147 
ILE HA   H N N 148 
ILE HB   H N N 149 
ILE HG12 H N N 150 
ILE HG13 H N N 151 
ILE HG21 H N N 152 
ILE HG22 H N N 153 
ILE HG23 H N N 154 
ILE HD11 H N N 155 
ILE HD12 H N N 156 
ILE HD13 H N N 157 
ILE HXT  H N N 158 
LEU N    N N N 159 
LEU CA   C N S 160 
LEU C    C N N 161 
LEU O    O N N 162 
LEU CB   C N N 163 
LEU CG   C N N 164 
LEU CD1  C N N 165 
LEU CD2  C N N 166 
LEU OXT  O N N 167 
LEU H    H N N 168 
LEU H2   H N N 169 
LEU HA   H N N 170 
LEU HB2  H N N 171 
LEU HB3  H N N 172 
LEU HG   H N N 173 
LEU HD11 H N N 174 
LEU HD12 H N N 175 
LEU HD13 H N N 176 
LEU HD21 H N N 177 
LEU HD22 H N N 178 
LEU HD23 H N N 179 
LEU HXT  H N N 180 
LYS N    N N N 181 
LYS CA   C N S 182 
LYS C    C N N 183 
LYS O    O N N 184 
LYS CB   C N N 185 
LYS CG   C N N 186 
LYS CD   C N N 187 
LYS CE   C N N 188 
LYS NZ   N N N 189 
LYS OXT  O N N 190 
LYS H    H N N 191 
LYS H2   H N N 192 
LYS HA   H N N 193 
LYS HB2  H N N 194 
LYS HB3  H N N 195 
LYS HG2  H N N 196 
LYS HG3  H N N 197 
LYS HD2  H N N 198 
LYS HD3  H N N 199 
LYS HE2  H N N 200 
LYS HE3  H N N 201 
LYS HZ1  H N N 202 
LYS HZ2  H N N 203 
LYS HZ3  H N N 204 
LYS HXT  H N N 205 
MET N    N N N 206 
MET CA   C N S 207 
MET C    C N N 208 
MET O    O N N 209 
MET CB   C N N 210 
MET CG   C N N 211 
MET SD   S N N 212 
MET CE   C N N 213 
MET OXT  O N N 214 
MET H    H N N 215 
MET H2   H N N 216 
MET HA   H N N 217 
MET HB2  H N N 218 
MET HB3  H N N 219 
MET HG2  H N N 220 
MET HG3  H N N 221 
MET HE1  H N N 222 
MET HE2  H N N 223 
MET HE3  H N N 224 
MET HXT  H N N 225 
PHE N    N N N 226 
PHE CA   C N S 227 
PHE C    C N N 228 
PHE O    O N N 229 
PHE CB   C N N 230 
PHE CG   C Y N 231 
PHE CD1  C Y N 232 
PHE CD2  C Y N 233 
PHE CE1  C Y N 234 
PHE CE2  C Y N 235 
PHE CZ   C Y N 236 
PHE OXT  O N N 237 
PHE H    H N N 238 
PHE H2   H N N 239 
PHE HA   H N N 240 
PHE HB2  H N N 241 
PHE HB3  H N N 242 
PHE HD1  H N N 243 
PHE HD2  H N N 244 
PHE HE1  H N N 245 
PHE HE2  H N N 246 
PHE HZ   H N N 247 
PHE HXT  H N N 248 
SER N    N N N 249 
SER CA   C N S 250 
SER C    C N N 251 
SER O    O N N 252 
SER CB   C N N 253 
SER OG   O N N 254 
SER OXT  O N N 255 
SER H    H N N 256 
SER H2   H N N 257 
SER HA   H N N 258 
SER HB2  H N N 259 
SER HB3  H N N 260 
SER HG   H N N 261 
SER HXT  H N N 262 
THR N    N N N 263 
THR CA   C N S 264 
THR C    C N N 265 
THR O    O N N 266 
THR CB   C N R 267 
THR OG1  O N N 268 
THR CG2  C N N 269 
THR OXT  O N N 270 
THR H    H N N 271 
THR H2   H N N 272 
THR HA   H N N 273 
THR HB   H N N 274 
THR HG1  H N N 275 
THR HG21 H N N 276 
THR HG22 H N N 277 
THR HG23 H N N 278 
THR HXT  H N N 279 
VAL N    N N N 280 
VAL CA   C N S 281 
VAL C    C N N 282 
VAL O    O N N 283 
VAL CB   C N N 284 
VAL CG1  C N N 285 
VAL CG2  C N N 286 
VAL OXT  O N N 287 
VAL H    H N N 288 
VAL H2   H N N 289 
VAL HA   H N N 290 
VAL HB   H N N 291 
VAL HG11 H N N 292 
VAL HG12 H N N 293 
VAL HG13 H N N 294 
VAL HG21 H N N 295 
VAL HG22 H N N 296 
VAL HG23 H N N 297 
VAL HXT  H N N 298 
# 
loop_
_chem_comp_bond.comp_id 
_chem_comp_bond.atom_id_1 
_chem_comp_bond.atom_id_2 
_chem_comp_bond.value_order 
_chem_comp_bond.pdbx_aromatic_flag 
_chem_comp_bond.pdbx_stereo_config 
_chem_comp_bond.pdbx_ordinal 
ALA N   CA   sing N N 1   
ALA N   H    sing N N 2   
ALA N   H2   sing N N 3   
ALA CA  C    sing N N 4   
ALA CA  CB   sing N N 5   
ALA CA  HA   sing N N 6   
ALA C   O    doub N N 7   
ALA C   OXT  sing N N 8   
ALA CB  HB1  sing N N 9   
ALA CB  HB2  sing N N 10  
ALA CB  HB3  sing N N 11  
ALA OXT HXT  sing N N 12  
ARG N   CA   sing N N 13  
ARG N   H    sing N N 14  
ARG N   H2   sing N N 15  
ARG CA  C    sing N N 16  
ARG CA  CB   sing N N 17  
ARG CA  HA   sing N N 18  
ARG C   O    doub N N 19  
ARG C   OXT  sing N N 20  
ARG CB  CG   sing N N 21  
ARG CB  HB2  sing N N 22  
ARG CB  HB3  sing N N 23  
ARG CG  CD   sing N N 24  
ARG CG  HG2  sing N N 25  
ARG CG  HG3  sing N N 26  
ARG CD  NE   sing N N 27  
ARG CD  HD2  sing N N 28  
ARG CD  HD3  sing N N 29  
ARG NE  CZ   sing N N 30  
ARG NE  HE   sing N N 31  
ARG CZ  NH1  sing N N 32  
ARG CZ  NH2  doub N N 33  
ARG NH1 HH11 sing N N 34  
ARG NH1 HH12 sing N N 35  
ARG NH2 HH21 sing N N 36  
ARG NH2 HH22 sing N N 37  
ARG OXT HXT  sing N N 38  
ASN N   CA   sing N N 39  
ASN N   H    sing N N 40  
ASN N   H2   sing N N 41  
ASN CA  C    sing N N 42  
ASN CA  CB   sing N N 43  
ASN CA  HA   sing N N 44  
ASN C   O    doub N N 45  
ASN C   OXT  sing N N 46  
ASN CB  CG   sing N N 47  
ASN CB  HB2  sing N N 48  
ASN CB  HB3  sing N N 49  
ASN CG  OD1  doub N N 50  
ASN CG  ND2  sing N N 51  
ASN ND2 HD21 sing N N 52  
ASN ND2 HD22 sing N N 53  
ASN OXT HXT  sing N N 54  
ASP N   CA   sing N N 55  
ASP N   H    sing N N 56  
ASP N   H2   sing N N 57  
ASP CA  C    sing N N 58  
ASP CA  CB   sing N N 59  
ASP CA  HA   sing N N 60  
ASP C   O    doub N N 61  
ASP C   OXT  sing N N 62  
ASP CB  CG   sing N N 63  
ASP CB  HB2  sing N N 64  
ASP CB  HB3  sing N N 65  
ASP CG  OD1  doub N N 66  
ASP CG  OD2  sing N N 67  
ASP OD2 HD2  sing N N 68  
ASP OXT HXT  sing N N 69  
GLN N   CA   sing N N 70  
GLN N   H    sing N N 71  
GLN N   H2   sing N N 72  
GLN CA  C    sing N N 73  
GLN CA  CB   sing N N 74  
GLN CA  HA   sing N N 75  
GLN C   O    doub N N 76  
GLN C   OXT  sing N N 77  
GLN CB  CG   sing N N 78  
GLN CB  HB2  sing N N 79  
GLN CB  HB3  sing N N 80  
GLN CG  CD   sing N N 81  
GLN CG  HG2  sing N N 82  
GLN CG  HG3  sing N N 83  
GLN CD  OE1  doub N N 84  
GLN CD  NE2  sing N N 85  
GLN NE2 HE21 sing N N 86  
GLN NE2 HE22 sing N N 87  
GLN OXT HXT  sing N N 88  
GLU N   CA   sing N N 89  
GLU N   H    sing N N 90  
GLU N   H2   sing N N 91  
GLU CA  C    sing N N 92  
GLU CA  CB   sing N N 93  
GLU CA  HA   sing N N 94  
GLU C   O    doub N N 95  
GLU C   OXT  sing N N 96  
GLU CB  CG   sing N N 97  
GLU CB  HB2  sing N N 98  
GLU CB  HB3  sing N N 99  
GLU CG  CD   sing N N 100 
GLU CG  HG2  sing N N 101 
GLU CG  HG3  sing N N 102 
GLU CD  OE1  doub N N 103 
GLU CD  OE2  sing N N 104 
GLU OE2 HE2  sing N N 105 
GLU OXT HXT  sing N N 106 
HIS N   CA   sing N N 107 
HIS N   H    sing N N 108 
HIS N   H2   sing N N 109 
HIS CA  C    sing N N 110 
HIS CA  CB   sing N N 111 
HIS CA  HA   sing N N 112 
HIS C   O    doub N N 113 
HIS C   OXT  sing N N 114 
HIS CB  CG   sing N N 115 
HIS CB  HB2  sing N N 116 
HIS CB  HB3  sing N N 117 
HIS CG  ND1  sing Y N 118 
HIS CG  CD2  doub Y N 119 
HIS ND1 CE1  doub Y N 120 
HIS ND1 HD1  sing N N 121 
HIS CD2 NE2  sing Y N 122 
HIS CD2 HD2  sing N N 123 
HIS CE1 NE2  sing Y N 124 
HIS CE1 HE1  sing N N 125 
HIS NE2 HE2  sing N N 126 
HIS OXT HXT  sing N N 127 
HOH O   H1   sing N N 128 
HOH O   H2   sing N N 129 
ILE N   CA   sing N N 130 
ILE N   H    sing N N 131 
ILE N   H2   sing N N 132 
ILE CA  C    sing N N 133 
ILE CA  CB   sing N N 134 
ILE CA  HA   sing N N 135 
ILE C   O    doub N N 136 
ILE C   OXT  sing N N 137 
ILE CB  CG1  sing N N 138 
ILE CB  CG2  sing N N 139 
ILE CB  HB   sing N N 140 
ILE CG1 CD1  sing N N 141 
ILE CG1 HG12 sing N N 142 
ILE CG1 HG13 sing N N 143 
ILE CG2 HG21 sing N N 144 
ILE CG2 HG22 sing N N 145 
ILE CG2 HG23 sing N N 146 
ILE CD1 HD11 sing N N 147 
ILE CD1 HD12 sing N N 148 
ILE CD1 HD13 sing N N 149 
ILE OXT HXT  sing N N 150 
LEU N   CA   sing N N 151 
LEU N   H    sing N N 152 
LEU N   H2   sing N N 153 
LEU CA  C    sing N N 154 
LEU CA  CB   sing N N 155 
LEU CA  HA   sing N N 156 
LEU C   O    doub N N 157 
LEU C   OXT  sing N N 158 
LEU CB  CG   sing N N 159 
LEU CB  HB2  sing N N 160 
LEU CB  HB3  sing N N 161 
LEU CG  CD1  sing N N 162 
LEU CG  CD2  sing N N 163 
LEU CG  HG   sing N N 164 
LEU CD1 HD11 sing N N 165 
LEU CD1 HD12 sing N N 166 
LEU CD1 HD13 sing N N 167 
LEU CD2 HD21 sing N N 168 
LEU CD2 HD22 sing N N 169 
LEU CD2 HD23 sing N N 170 
LEU OXT HXT  sing N N 171 
LYS N   CA   sing N N 172 
LYS N   H    sing N N 173 
LYS N   H2   sing N N 174 
LYS CA  C    sing N N 175 
LYS CA  CB   sing N N 176 
LYS CA  HA   sing N N 177 
LYS C   O    doub N N 178 
LYS C   OXT  sing N N 179 
LYS CB  CG   sing N N 180 
LYS CB  HB2  sing N N 181 
LYS CB  HB3  sing N N 182 
LYS CG  CD   sing N N 183 
LYS CG  HG2  sing N N 184 
LYS CG  HG3  sing N N 185 
LYS CD  CE   sing N N 186 
LYS CD  HD2  sing N N 187 
LYS CD  HD3  sing N N 188 
LYS CE  NZ   sing N N 189 
LYS CE  HE2  sing N N 190 
LYS CE  HE3  sing N N 191 
LYS NZ  HZ1  sing N N 192 
LYS NZ  HZ2  sing N N 193 
LYS NZ  HZ3  sing N N 194 
LYS OXT HXT  sing N N 195 
MET N   CA   sing N N 196 
MET N   H    sing N N 197 
MET N   H2   sing N N 198 
MET CA  C    sing N N 199 
MET CA  CB   sing N N 200 
MET CA  HA   sing N N 201 
MET C   O    doub N N 202 
MET C   OXT  sing N N 203 
MET CB  CG   sing N N 204 
MET CB  HB2  sing N N 205 
MET CB  HB3  sing N N 206 
MET CG  SD   sing N N 207 
MET CG  HG2  sing N N 208 
MET CG  HG3  sing N N 209 
MET SD  CE   sing N N 210 
MET CE  HE1  sing N N 211 
MET CE  HE2  sing N N 212 
MET CE  HE3  sing N N 213 
MET OXT HXT  sing N N 214 
PHE N   CA   sing N N 215 
PHE N   H    sing N N 216 
PHE N   H2   sing N N 217 
PHE CA  C    sing N N 218 
PHE CA  CB   sing N N 219 
PHE CA  HA   sing N N 220 
PHE C   O    doub N N 221 
PHE C   OXT  sing N N 222 
PHE CB  CG   sing N N 223 
PHE CB  HB2  sing N N 224 
PHE CB  HB3  sing N N 225 
PHE CG  CD1  doub Y N 226 
PHE CG  CD2  sing Y N 227 
PHE CD1 CE1  sing Y N 228 
PHE CD1 HD1  sing N N 229 
PHE CD2 CE2  doub Y N 230 
PHE CD2 HD2  sing N N 231 
PHE CE1 CZ   doub Y N 232 
PHE CE1 HE1  sing N N 233 
PHE CE2 CZ   sing Y N 234 
PHE CE2 HE2  sing N N 235 
PHE CZ  HZ   sing N N 236 
PHE OXT HXT  sing N N 237 
SER N   CA   sing N N 238 
SER N   H    sing N N 239 
SER N   H2   sing N N 240 
SER CA  C    sing N N 241 
SER CA  CB   sing N N 242 
SER CA  HA   sing N N 243 
SER C   O    doub N N 244 
SER C   OXT  sing N N 245 
SER CB  OG   sing N N 246 
SER CB  HB2  sing N N 247 
SER CB  HB3  sing N N 248 
SER OG  HG   sing N N 249 
SER OXT HXT  sing N N 250 
THR N   CA   sing N N 251 
THR N   H    sing N N 252 
THR N   H2   sing N N 253 
THR CA  C    sing N N 254 
THR CA  CB   sing N N 255 
THR CA  HA   sing N N 256 
THR C   O    doub N N 257 
THR C   OXT  sing N N 258 
THR CB  OG1  sing N N 259 
THR CB  CG2  sing N N 260 
THR CB  HB   sing N N 261 
THR OG1 HG1  sing N N 262 
THR CG2 HG21 sing N N 263 
THR CG2 HG22 sing N N 264 
THR CG2 HG23 sing N N 265 
THR OXT HXT  sing N N 266 
VAL N   CA   sing N N 267 
VAL N   H    sing N N 268 
VAL N   H2   sing N N 269 
VAL CA  C    sing N N 270 
VAL CA  CB   sing N N 271 
VAL CA  HA   sing N N 272 
VAL C   O    doub N N 273 
VAL C   OXT  sing N N 274 
VAL CB  CG1  sing N N 275 
VAL CB  CG2  sing N N 276 
VAL CB  HB   sing N N 277 
VAL CG1 HG11 sing N N 278 
VAL CG1 HG12 sing N N 279 
VAL CG1 HG13 sing N N 280 
VAL CG2 HG21 sing N N 281 
VAL CG2 HG22 sing N N 282 
VAL CG2 HG23 sing N N 283 
VAL OXT HXT  sing N N 284 
# 
_pdbx_audit_support.funding_organization   'KU Leuven' 
_pdbx_audit_support.country                Belgium 
_pdbx_audit_support.grant_number           07/071 
_pdbx_audit_support.ordinal                1 
# 
loop_
_pdbx_initial_refinement_model.id 
_pdbx_initial_refinement_model.entity_id_list 
_pdbx_initial_refinement_model.type 
_pdbx_initial_refinement_model.source_name 
_pdbx_initial_refinement_model.accession_code 
_pdbx_initial_refinement_model.details 
1 ? 'experimental model' PDB 3SWK '3SWK, 3UF1' 
2 ? 'experimental model' PDB 3UF1 '3SWK, 3UF1' 
# 
_pdbx_reflns_twin.domain_id                    1 
_pdbx_reflns_twin.crystal_id                   1 
_pdbx_reflns_twin.diffrn_id                    1 
_pdbx_reflns_twin.fraction                     0.510 
_pdbx_reflns_twin.operator                     -h-k,k,-l 
_pdbx_reflns_twin.type                         ? 
_pdbx_reflns_twin.mean_F_square_over_mean_F2   ? 
_pdbx_reflns_twin.mean_I2_over_mean_I_square   ? 
# 
_atom_sites.entry_id                    4YPC 
_atom_sites.fract_transf_matrix[1][1]   -0.00574220 
_atom_sites.fract_transf_matrix[1][2]   0.00127388 
_atom_sites.fract_transf_matrix[1][3]   0.03204003 
_atom_sites.fract_transf_matrix[2][1]   -0.02815022 
_atom_sites.fract_transf_matrix[2][2]   -0.01121124 
_atom_sites.fract_transf_matrix[2][3]   0.01196114 
_atom_sites.fract_transf_matrix[3][1]   0.00203643 
_atom_sites.fract_transf_matrix[3][2]   -0.00453164 
_atom_sites.fract_transf_matrix[3][3]   0.00054514 
_atom_sites.fract_transf_vector[1]      0.078303 
_atom_sites.fract_transf_vector[2]      0.038875 
_atom_sites.fract_transf_vector[3]      0.392877 
# 
loop_
_atom_type.symbol 
C 
N 
O 
S 
# 
loop_
_atom_site.group_PDB 
_atom_site.id 
_atom_site.type_symbol 
_atom_site.label_atom_id 
_atom_site.label_alt_id 
_atom_site.label_comp_id 
_atom_site.label_asym_id 
_atom_site.label_entity_id 
_atom_site.label_seq_id 
_atom_site.pdbx_PDB_ins_code 
_atom_site.Cartn_x 
_atom_site.Cartn_y 
_atom_site.Cartn_z 
_atom_site.occupancy 
_atom_site.B_iso_or_equiv 
_atom_site.pdbx_formal_charge 
_atom_site.auth_seq_id 
_atom_site.auth_comp_id 
_atom_site.auth_asym_id 
_atom_site.auth_atom_id 
_atom_site.pdbx_PDB_model_num 
ATOM   1   N N   . VAL A 1 1  ? 27.747  -58.840 8.601   0.50 34.26 ? 161 VAL A N   1 
ATOM   2   C CA  . VAL A 1 1  ? 26.315  -58.762 8.346   0.50 34.19 ? 161 VAL A CA  1 
ATOM   3   C C   . VAL A 1 1  ? 25.865  -57.310 8.479   0.50 34.22 ? 161 VAL A C   1 
ATOM   4   O O   . VAL A 1 1  ? 25.293  -56.745 7.549   0.50 34.92 ? 161 VAL A O   1 
ATOM   5   C CB  . VAL A 1 1  ? 25.520  -59.707 9.281   0.50 33.26 ? 161 VAL A CB  1 
ATOM   6   C CG1 . VAL A 1 1  ? 26.115  -59.703 10.683  0.50 33.16 ? 161 VAL A CG1 1 
ATOM   7   C CG2 . VAL A 1 1  ? 24.050  -59.308 9.321   0.50 32.87 ? 161 VAL A CG2 1 
ATOM   8   N N   . ASP A 1 2  ? 26.062  -56.701 9.642   0.50 32.96 ? 162 ASP A N   1 
ATOM   9   C CA  . ASP A 1 2  ? 25.579  -55.339 9.860   0.50 33.45 ? 162 ASP A CA  1 
ATOM   10  C C   . ASP A 1 2  ? 26.220  -54.306 8.913   0.50 34.25 ? 162 ASP A C   1 
ATOM   11  O O   . ASP A 1 2  ? 27.464  -54.316 8.656   0.50 33.81 ? 162 ASP A O   1 
ATOM   12  C CB  . ASP A 1 2  ? 25.759  -54.925 11.329  0.50 32.29 ? 162 ASP A CB  1 
ATOM   13  C CG  . ASP A 1 2  ? 27.130  -55.279 11.879  0.50 31.81 ? 162 ASP A CG  1 
ATOM   14  O OD1 . ASP A 1 2  ? 27.698  -56.303 11.448  0.50 31.67 ? 162 ASP A OD1 1 
ATOM   15  O OD2 . ASP A 1 2  ? 27.680  -54.527 12.692  0.50 31.11 ? 162 ASP A OD2 1 
ATOM   16  N N   . GLN A 1 3  ? 25.420  -53.375 8.352   1.00 36.48 ? 163 GLN A N   1 
ATOM   17  C CA  . GLN A 1 3  ? 25.927  -52.337 7.398   1.00 37.22 ? 163 GLN A CA  1 
ATOM   18  C C   . GLN A 1 3  ? 25.105  -51.019 7.058   1.00 36.40 ? 163 GLN A C   1 
ATOM   19  O O   . GLN A 1 3  ? 24.259  -50.972 6.110   1.00 37.06 ? 163 GLN A O   1 
ATOM   20  C CB  . GLN A 1 3  ? 26.437  -52.991 6.115   1.00 38.26 ? 163 GLN A CB  1 
ATOM   21  C CG  . GLN A 1 3  ? 27.101  -52.007 5.159   1.00 38.23 ? 163 GLN A CG  1 
ATOM   22  C CD  . GLN A 1 3  ? 27.750  -52.704 3.970   1.00 36.95 ? 163 GLN A CD  1 
ATOM   23  O OE1 . GLN A 1 3  ? 27.781  -53.929 3.913   1.00 36.69 ? 163 GLN A OE1 1 
ATOM   24  N NE2 . GLN A 1 3  ? 28.276  -51.932 3.027   1.00 37.48 ? 163 GLN A NE2 1 
ATOM   25  N N   . LEU A 1 4  ? 25.387  -49.997 7.855   1.00 36.36 ? 164 LEU A N   1 
ATOM   26  C CA  . LEU A 1 4  ? 24.694  -48.736 7.735   1.00 34.55 ? 164 LEU A CA  1 
ATOM   27  C C   . LEU A 1 4  ? 25.544  -47.520 8.086   1.00 34.21 ? 164 LEU A C   1 
ATOM   28  O O   . LEU A 1 4  ? 24.958  -46.435 8.230   1.00 33.49 ? 164 LEU A O   1 
ATOM   29  C CB  . LEU A 1 4  ? 23.434  -48.741 8.611   1.00 35.51 ? 164 LEU A CB  1 
ATOM   30  C CG  . LEU A 1 4  ? 23.638  -48.636 10.129  1.00 35.29 ? 164 LEU A CG  1 
ATOM   31  C CD1 . LEU A 1 4  ? 24.788  -49.519 10.586  1.00 34.53 ? 164 LEU A CD1 1 
ATOM   32  C CD2 . LEU A 1 4  ? 23.843  -47.198 10.580  1.00 32.77 ? 164 LEU A CD2 1 
ATOM   33  N N   . THR A 1 5  ? 26.861  -47.664 8.213   1.00 35.79 ? 165 THR A N   1 
ATOM   34  C CA  . THR A 1 5  ? 27.732  -46.547 8.564   1.00 35.45 ? 165 THR A CA  1 
ATOM   35  C C   . THR A 1 5  ? 28.020  -45.517 7.473   1.00 33.22 ? 165 THR A C   1 
ATOM   36  O O   . THR A 1 5  ? 28.225  -44.337 7.765   1.00 31.62 ? 165 THR A O   1 
ATOM   37  C CB  . THR A 1 5  ? 29.130  -47.032 8.997   1.00 36.49 ? 165 THR A CB  1 
ATOM   38  O OG1 . THR A 1 5  ? 29.006  -47.898 10.131  1.00 37.89 ? 165 THR A OG1 1 
ATOM   39  C CG2 . THR A 1 5  ? 30.014  -45.846 9.359   1.00 36.44 ? 165 THR A CG2 1 
ATOM   40  N N   . ASN A 1 6  ? 28.041  -45.974 6.226   1.00 34.47 ? 166 ASN A N   1 
ATOM   41  C CA  . ASN A 1 6  ? 28.411  -45.112 5.111   1.00 34.20 ? 166 ASN A CA  1 
ATOM   42  C C   . ASN A 1 6  ? 27.131  -44.574 4.482   1.00 31.74 ? 166 ASN A C   1 
ATOM   43  O O   . ASN A 1 6  ? 27.158  -43.562 3.783   1.00 32.77 ? 166 ASN A O   1 
ATOM   44  C CB  . ASN A 1 6  ? 29.242  -45.833 4.051   1.00 35.24 ? 166 ASN A CB  1 
ATOM   45  C CG  . ASN A 1 6  ? 28.476  -46.949 3.372   1.00 35.31 ? 166 ASN A CG  1 
ATOM   46  O OD1 . ASN A 1 6  ? 27.672  -47.639 3.999   1.00 35.35 ? 166 ASN A OD1 1 
ATOM   47  N ND2 . ASN A 1 6  ? 28.717  -47.128 2.079   1.00 34.69 ? 166 ASN A ND2 1 
ATOM   48  N N   . ASP A 1 7  ? 26.014  -45.248 4.727   1.00 31.53 ? 167 ASP A N   1 
ATOM   49  C CA  . ASP A 1 7  ? 24.739  -44.832 4.155   1.00 30.74 ? 167 ASP A CA  1 
ATOM   50  C C   . ASP A 1 7  ? 24.139  -43.667 4.934   1.00 27.55 ? 167 ASP A C   1 
ATOM   51  O O   . ASP A 1 7  ? 23.615  -42.721 4.348   1.00 25.14 ? 167 ASP A O   1 
ATOM   52  C CB  . ASP A 1 7  ? 23.756  -46.004 4.120   1.00 32.91 ? 167 ASP A CB  1 
ATOM   53  C CG  . ASP A 1 7  ? 24.336  -47.234 3.444   1.00 33.56 ? 167 ASP A CG  1 
ATOM   54  O OD1 . ASP A 1 7  ? 24.455  -47.239 2.200   1.00 34.93 ? 167 ASP A OD1 1 
ATOM   55  O OD2 . ASP A 1 7  ? 24.662  -48.203 4.161   1.00 34.28 ? 167 ASP A OD2 1 
ATOM   56  N N   . LYS A 1 8  ? 24.229  -43.738 6.259   1.00 25.33 ? 168 LYS A N   1 
ATOM   57  C CA  . LYS A 1 8  ? 23.683  -42.701 7.123   1.00 24.48 ? 168 LYS A CA  1 
ATOM   58  C C   . LYS A 1 8  ? 24.488  -41.414 7.013   1.00 23.25 ? 168 LYS A C   1 
ATOM   59  O O   . LYS A 1 8  ? 24.002  -40.338 7.360   1.00 22.48 ? 168 LYS A O   1 
ATOM   60  C CB  . LYS A 1 8  ? 23.653  -43.172 8.577   1.00 24.71 ? 168 LYS A CB  1 
ATOM   61  C CG  . LYS A 1 8  ? 25.019  -43.226 9.235   1.00 25.74 ? 168 LYS A CG  1 
ATOM   62  C CD  . LYS A 1 8  ? 24.917  -43.571 10.709  1.00 25.51 ? 168 LYS A CD  1 
ATOM   63  C CE  . LYS A 1 8  ? 26.244  -43.327 11.413  1.00 25.88 ? 168 LYS A CE  1 
ATOM   64  N NZ  . LYS A 1 8  ? 26.643  -41.889 11.364  1.00 26.08 ? 168 LYS A NZ  1 
ATOM   65  N N   . ALA A 1 9  ? 25.724  -41.530 6.536   1.00 24.87 ? 169 ALA A N   1 
ATOM   66  C CA  . ALA A 1 9  ? 26.565  -40.363 6.321   1.00 24.38 ? 169 ALA A CA  1 
ATOM   67  C C   . ALA A 1 9  ? 26.161  -39.663 5.032   1.00 21.94 ? 169 ALA A C   1 
ATOM   68  O O   . ALA A 1 9  ? 26.235  -38.439 4.938   1.00 19.83 ? 169 ALA A O   1 
ATOM   69  C CB  . ALA A 1 9  ? 28.027  -40.756 6.279   1.00 24.88 ? 169 ALA A CB  1 
ATOM   70  N N   . ARG A 1 10 ? 25.730  -40.441 4.042   1.00 20.74 ? 170 ARG A N   1 
ATOM   71  C CA  . ARG A 1 10 ? 25.271  -39.875 2.780   1.00 19.39 ? 170 ARG A CA  1 
ATOM   72  C C   . ARG A 1 10 ? 23.954  -39.137 2.982   1.00 18.54 ? 170 ARG A C   1 
ATOM   73  O O   . ARG A 1 10 ? 23.771  -38.028 2.483   1.00 17.07 ? 170 ARG A O   1 
ATOM   74  C CB  . ARG A 1 10 ? 25.109  -40.963 1.720   1.00 19.33 ? 170 ARG A CB  1 
ATOM   75  C CG  . ARG A 1 10 ? 24.710  -40.426 0.357   1.00 17.87 ? 170 ARG A CG  1 
ATOM   76  C CD  . ARG A 1 10 ? 24.490  -41.546 -0.639  1.00 18.65 ? 170 ARG A CD  1 
ATOM   77  N NE  . ARG A 1 10 ? 25.684  -42.366 -0.799  1.00 18.57 ? 170 ARG A NE  1 
ATOM   78  C CZ  . ARG A 1 10 ? 26.645  -42.116 -1.680  1.00 18.31 ? 170 ARG A CZ  1 
ATOM   79  N NH1 . ARG A 1 10 ? 26.549  -41.064 -2.482  1.00 16.85 ? 170 ARG A NH1 1 
ATOM   80  N NH2 . ARG A 1 10 ? 27.700  -42.914 -1.760  1.00 19.13 ? 170 ARG A NH2 1 
ATOM   81  N N   . VAL A 1 11 ? 23.045  -39.764 3.722   1.00 20.01 ? 171 VAL A N   1 
ATOM   82  C CA  . VAL A 1 11 ? 21.771  -39.152 4.078   1.00 19.21 ? 171 VAL A CA  1 
ATOM   83  C C   . VAL A 1 11 ? 21.994  -37.847 4.833   1.00 18.48 ? 171 VAL A C   1 
ATOM   84  O O   . VAL A 1 11 ? 21.277  -36.870 4.629   1.00 17.28 ? 171 VAL A O   1 
ATOM   85  C CB  . VAL A 1 11 ? 20.913  -40.101 4.943   1.00 19.69 ? 171 VAL A CB  1 
ATOM   86  C CG1 . VAL A 1 11 ? 19.580  -39.457 5.286   1.00 19.29 ? 171 VAL A CG1 1 
ATOM   87  C CG2 . VAL A 1 11 ? 20.696  -41.424 4.227   1.00 19.64 ? 171 VAL A CG2 1 
ATOM   88  N N   . GLU A 1 12 ? 23.006  -37.840 5.694   1.00 20.87 ? 172 GLU A N   1 
ATOM   89  C CA  . GLU A 1 12 ? 23.332  -36.678 6.511   1.00 21.50 ? 172 GLU A CA  1 
ATOM   90  C C   . GLU A 1 12 ? 23.815  -35.500 5.666   1.00 18.99 ? 172 GLU A C   1 
ATOM   91  O O   . GLU A 1 12 ? 23.471  -34.350 5.939   1.00 18.97 ? 172 GLU A O   1 
ATOM   92  C CB  . GLU A 1 12 ? 24.386  -37.057 7.557   1.00 24.14 ? 172 GLU A CB  1 
ATOM   93  C CG  . GLU A 1 12 ? 23.905  -38.033 8.616   1.00 24.80 ? 172 GLU A CG  1 
ATOM   94  C CD  . GLU A 1 12 ? 25.002  -38.434 9.586   1.00 31.28 ? 172 GLU A CD  1 
ATOM   95  O OE1 . GLU A 1 12 ? 26.178  -38.102 9.323   1.00 37.13 ? 172 GLU A OE1 1 
ATOM   96  O OE2 . GLU A 1 12 ? 24.691  -39.086 10.606  1.00 32.64 ? 172 GLU A OE2 1 
ATOM   97  N N   . VAL A 1 13 ? 24.605  -35.792 4.637   1.00 17.38 ? 173 VAL A N   1 
ATOM   98  C CA  . VAL A 1 13 ? 25.116  -34.755 3.748   1.00 17.25 ? 173 VAL A CA  1 
ATOM   99  C C   . VAL A 1 13 ? 23.997  -34.159 2.897   1.00 16.34 ? 173 VAL A C   1 
ATOM   100 O O   . VAL A 1 13 ? 23.892  -32.939 2.774   1.00 16.31 ? 173 VAL A O   1 
ATOM   101 C CB  . VAL A 1 13 ? 26.232  -35.298 2.825   1.00 17.23 ? 173 VAL A CB  1 
ATOM   102 C CG1 . VAL A 1 13 ? 26.532  -34.318 1.701   1.00 16.54 ? 173 VAL A CG1 1 
ATOM   103 C CG2 . VAL A 1 13 ? 27.489  -35.595 3.625   1.00 18.15 ? 173 VAL A CG2 1 
ATOM   104 N N   A GLU A 1 14 ? 23.160  -35.018 2.326   0.50 17.78 ? 174 GLU A N   1 
ATOM   105 N N   B GLU A 1 14 ? 23.171  -35.021 2.313   0.50 17.76 ? 174 GLU A N   1 
ATOM   106 C CA  A GLU A 1 14 ? 22.055  -34.561 1.489   0.50 17.34 ? 174 GLU A CA  1 
ATOM   107 C CA  B GLU A 1 14 ? 22.046  -34.573 1.499   0.50 17.37 ? 174 GLU A CA  1 
ATOM   108 C C   A GLU A 1 14 ? 21.021  -33.810 2.322   0.50 16.33 ? 174 GLU A C   1 
ATOM   109 C C   B GLU A 1 14 ? 21.063  -33.776 2.341   0.50 16.17 ? 174 GLU A C   1 
ATOM   110 O O   A GLU A 1 14 ? 20.377  -32.879 1.841   0.50 17.33 ? 174 GLU A O   1 
ATOM   111 O O   B GLU A 1 14 ? 20.502  -32.780 1.886   0.50 17.15 ? 174 GLU A O   1 
ATOM   112 C CB  A GLU A 1 14 ? 21.397  -35.740 0.766   0.50 17.75 ? 174 GLU A CB  1 
ATOM   113 C CB  B GLU A 1 14 ? 21.331  -35.761 0.849   0.50 17.74 ? 174 GLU A CB  1 
ATOM   114 C CG  A GLU A 1 14 ? 22.360  -36.624 -0.028  0.50 17.40 ? 174 GLU A CG  1 
ATOM   115 C CG  B GLU A 1 14 ? 22.174  -36.527 -0.161  0.50 17.42 ? 174 GLU A CG  1 
ATOM   116 C CD  A GLU A 1 14 ? 22.735  -36.049 -1.388  0.50 19.67 ? 174 GLU A CD  1 
ATOM   117 C CD  B GLU A 1 14 ? 22.671  -35.651 -1.292  0.50 15.48 ? 174 GLU A CD  1 
ATOM   118 O OE1 A GLU A 1 14 ? 22.522  -34.839 -1.618  0.50 17.32 ? 174 GLU A OE1 1 
ATOM   119 O OE1 B GLU A 1 14 ? 21.891  -34.797 -1.760  0.50 17.08 ? 174 GLU A OE1 1 
ATOM   120 O OE2 A GLU A 1 14 ? 23.247  -36.817 -2.230  0.50 17.12 ? 174 GLU A OE2 1 
ATOM   121 O OE2 B GLU A 1 14 ? 23.839  -35.812 -1.704  0.50 17.45 ? 174 GLU A OE2 1 
ATOM   122 N N   . ARG A 1 15 ? 20.864  -34.224 3.575   1.00 18.76 ? 175 ARG A N   1 
ATOM   123 C CA  . ARG A 1 15 ? 19.968  -33.550 4.502   1.00 18.46 ? 175 ARG A CA  1 
ATOM   124 C C   . ARG A 1 15 ? 20.478  -32.150 4.841   1.00 18.47 ? 175 ARG A C   1 
ATOM   125 O O   . ARG A 1 15 ? 19.711  -31.186 4.842   1.00 17.67 ? 175 ARG A O   1 
ATOM   126 C CB  . ARG A 1 15 ? 19.809  -34.376 5.778   1.00 19.12 ? 175 ARG A CB  1 
ATOM   127 C CG  . ARG A 1 15 ? 19.235  -33.626 6.962   1.00 18.89 ? 175 ARG A CG  1 
ATOM   128 C CD  . ARG A 1 15 ? 19.635  -34.304 8.257   1.00 19.14 ? 175 ARG A CD  1 
ATOM   129 N NE  . ARG A 1 15 ? 21.079  -34.241 8.475   1.00 18.66 ? 175 ARG A NE  1 
ATOM   130 C CZ  . ARG A 1 15 ? 21.678  -33.342 9.251   1.00 19.64 ? 175 ARG A CZ  1 
ATOM   131 N NH1 . ARG A 1 15 ? 20.955  -32.437 9.895   1.00 19.38 ? 175 ARG A NH1 1 
ATOM   132 N NH2 . ARG A 1 15 ? 22.997  -33.349 9.394   1.00 20.49 ? 175 ARG A NH2 1 
ATOM   133 N N   . ASP A 1 16 ? 21.774  -32.049 5.127   1.00 19.19 ? 176 ASP A N   1 
ATOM   134 C CA  . ASP A 1 16 ? 22.389  -30.776 5.493   1.00 19.75 ? 176 ASP A CA  1 
ATOM   135 C C   . ASP A 1 16 ? 22.204  -29.732 4.397   1.00 19.04 ? 176 ASP A C   1 
ATOM   136 O O   . ASP A 1 16 ? 21.824  -28.597 4.672   1.00 19.14 ? 176 ASP A O   1 
ATOM   137 C CB  . ASP A 1 16 ? 23.881  -30.961 5.795   1.00 20.92 ? 176 ASP A CB  1 
ATOM   138 C CG  . ASP A 1 16 ? 24.579  -29.649 6.147   1.00 25.00 ? 176 ASP A CG  1 
ATOM   139 O OD1 . ASP A 1 16 ? 23.896  -28.719 6.635   1.00 25.97 ? 176 ASP A OD1 1 
ATOM   140 O OD2 . ASP A 1 16 ? 25.811  -29.553 5.946   1.00 28.94 ? 176 ASP A OD2 1 
ATOM   141 N N   . ASN A 1 17 ? 22.471  -30.125 3.156   1.00 17.14 ? 177 ASN A N   1 
ATOM   142 C CA  . ASN A 1 17 ? 22.381  -29.208 2.027   1.00 17.11 ? 177 ASN A CA  1 
ATOM   143 C C   . ASN A 1 17 ? 20.943  -28.808 1.694   1.00 16.17 ? 177 ASN A C   1 
ATOM   144 O O   . ASN A 1 17 ? 20.677  -27.646 1.391   1.00 16.63 ? 177 ASN A O   1 
ATOM   145 C CB  . ASN A 1 17 ? 23.051  -29.827 0.799   1.00 16.56 ? 177 ASN A CB  1 
ATOM   146 C CG  . ASN A 1 17 ? 24.556  -29.968 0.964   1.00 16.45 ? 177 ASN A CG  1 
ATOM   147 O OD1 . ASN A 1 17 ? 25.286  -28.976 0.973   1.00 15.88 ? 177 ASN A OD1 1 
ATOM   148 N ND2 . ASN A 1 17 ? 25.027  -31.205 1.077   1.00 16.23 ? 177 ASN A ND2 1 
ATOM   149 N N   . LEU A 1 18 ? 20.023  -29.767 1.748   1.00 15.40 ? 178 LEU A N   1 
ATOM   150 C CA  . LEU A 1 18 ? 18.612  -29.477 1.514   1.00 15.12 ? 178 LEU A CA  1 
ATOM   151 C C   . LEU A 1 18 ? 18.079  -28.536 2.582   1.00 15.13 ? 178 LEU A C   1 
ATOM   152 O O   . LEU A 1 18 ? 17.265  -27.658 2.303   1.00 14.71 ? 178 LEU A O   1 
ATOM   153 C CB  . LEU A 1 18 ? 17.783  -30.763 1.490   1.00 15.03 ? 178 LEU A CB  1 
ATOM   154 C CG  . LEU A 1 18 ? 17.837  -31.614 0.222   1.00 14.95 ? 178 LEU A CG  1 
ATOM   155 C CD1 . LEU A 1 18 ? 16.918  -32.820 0.346   1.00 14.18 ? 178 LEU A CD1 1 
ATOM   156 C CD2 . LEU A 1 18 ? 17.466  -30.787 -0.997  1.00 13.84 ? 178 LEU A CD2 1 
ATOM   157 N N   . ALA A 1 19 ? 18.554  -28.729 3.808   1.00 16.93 ? 179 ALA A N   1 
ATOM   158 C CA  . ALA A 1 19 ? 18.165  -27.891 4.934   1.00 16.94 ? 179 ALA A CA  1 
ATOM   159 C C   . ALA A 1 19 ? 18.656  -26.458 4.753   1.00 17.05 ? 179 ALA A C   1 
ATOM   160 O O   . ALA A 1 19 ? 17.990  -25.507 5.155   1.00 17.48 ? 179 ALA A O   1 
ATOM   161 C CB  . ALA A 1 19 ? 18.700  -28.477 6.227   1.00 17.14 ? 179 ALA A CB  1 
ATOM   162 N N   . GLU A 1 20 ? 19.824  -26.315 4.136   1.00 18.47 ? 180 GLU A N   1 
ATOM   163 C CA  A GLU A 1 20 ? 20.412  -25.006 3.888   0.50 18.67 ? 180 GLU A CA  1 
ATOM   164 C CA  B GLU A 1 20 ? 20.441  -24.981 3.980   0.50 18.66 ? 180 GLU A CA  1 
ATOM   165 C C   . GLU A 1 20 ? 19.601  -24.199 2.877   1.00 18.16 ? 180 GLU A C   1 
ATOM   166 O O   . GLU A 1 20 ? 19.430  -22.992 3.037   1.00 18.22 ? 180 GLU A O   1 
ATOM   167 C CB  A GLU A 1 20 ? 21.856  -25.155 3.399   0.50 19.18 ? 180 GLU A CB  1 
ATOM   168 C CB  B GLU A 1 20 ? 21.886  -25.131 3.492   0.50 19.17 ? 180 GLU A CB  1 
ATOM   169 C CG  A GLU A 1 20 ? 22.853  -25.570 4.480   0.50 19.74 ? 180 GLU A CG  1 
ATOM   170 C CG  B GLU A 1 20 ? 22.823  -25.822 4.481   0.50 19.76 ? 180 GLU A CG  1 
ATOM   171 C CD  A GLU A 1 20 ? 24.238  -25.861 3.920   0.50 20.26 ? 180 GLU A CD  1 
ATOM   172 C CD  B GLU A 1 20 ? 22.892  -25.105 5.822   0.50 20.15 ? 180 GLU A CD  1 
ATOM   173 O OE1 A GLU A 1 20 ? 24.448  -25.640 2.710   0.50 19.64 ? 180 GLU A OE1 1 
ATOM   174 O OE1 B GLU A 1 20 ? 22.913  -23.857 5.829   0.50 20.35 ? 180 GLU A OE1 1 
ATOM   175 O OE2 A GLU A 1 20 ? 25.115  -26.312 4.689   0.50 20.58 ? 180 GLU A OE2 1 
ATOM   176 O OE2 B GLU A 1 20 ? 22.927  -25.789 6.868   0.50 20.29 ? 180 GLU A OE2 1 
ATOM   177 N N   . ASP A 1 21 ? 19.115  -24.870 1.837   1.00 17.67 ? 181 ASP A N   1 
ATOM   178 C CA  . ASP A 1 21 ? 18.314  -24.218 0.805   1.00 18.04 ? 181 ASP A CA  1 
ATOM   179 C C   . ASP A 1 21 ? 16.948  -23.846 1.354   1.00 17.38 ? 181 ASP A C   1 
ATOM   180 O O   . ASP A 1 21 ? 16.438  -22.757 1.097   1.00 17.43 ? 181 ASP A O   1 
ATOM   181 C CB  . ASP A 1 21 ? 18.162  -25.123 -0.421  1.00 17.78 ? 181 ASP A CB  1 
ATOM   182 C CG  . ASP A 1 21 ? 19.459  -25.285 -1.196  1.00 16.91 ? 181 ASP A CG  1 
ATOM   183 O OD1 . ASP A 1 21 ? 20.276  -24.343 -1.191  1.00 17.60 ? 181 ASP A OD1 1 
ATOM   184 O OD2 . ASP A 1 21 ? 19.665  -26.354 -1.812  1.00 16.42 ? 181 ASP A OD2 1 
ATOM   185 N N   . ILE A 1 22 ? 16.364  -24.762 2.117   1.00 15.69 ? 182 ILE A N   1 
ATOM   186 C CA  . ILE A 1 22 ? 15.106  -24.500 2.796   1.00 15.92 ? 182 ILE A CA  1 
ATOM   187 C C   . ILE A 1 22 ? 15.282  -23.332 3.764   1.00 15.33 ? 182 ILE A C   1 
ATOM   188 O O   . ILE A 1 22 ? 14.386  -22.507 3.925   1.00 15.80 ? 182 ILE A O   1 
ATOM   189 C CB  . ILE A 1 22 ? 14.598  -25.749 3.555   1.00 15.38 ? 182 ILE A CB  1 
ATOM   190 C CG1 . ILE A 1 22 ? 14.289  -26.887 2.577   1.00 14.60 ? 182 ILE A CG1 1 
ATOM   191 C CG2 . ILE A 1 22 ? 13.355  -25.418 4.358   1.00 14.78 ? 182 ILE A CG2 1 
ATOM   192 C CD1 . ILE A 1 22 ? 13.987  -28.208 3.255   1.00 14.21 ? 182 ILE A CD1 1 
ATOM   193 N N   . MET A 1 23 ? 16.452  -23.259 4.390   1.00 16.74 ? 183 MET A N   1 
ATOM   194 C CA  A MET A 1 23 ? 16.747  -22.190 5.342   0.50 16.98 ? 183 MET A CA  1 
ATOM   195 C CA  B MET A 1 23 ? 16.779  -22.196 5.340   0.50 17.43 ? 183 MET A CA  1 
ATOM   196 C C   . MET A 1 23 ? 16.730  -20.814 4.691   1.00 17.46 ? 183 MET A C   1 
ATOM   197 O O   . MET A 1 23 ? 16.081  -19.900 5.186   1.00 18.05 ? 183 MET A O   1 
ATOM   198 C CB  A MET A 1 23 ? 18.105  -22.428 6.019   0.50 17.41 ? 183 MET A CB  1 
ATOM   199 C CB  B MET A 1 23 ? 18.172  -22.453 5.929   0.50 17.44 ? 183 MET A CB  1 
ATOM   200 C CG  A MET A 1 23 ? 18.535  -21.311 6.971   0.50 18.00 ? 183 MET A CG  1 
ATOM   201 C CG  B MET A 1 23 ? 18.384  -22.065 7.379   0.50 17.57 ? 183 MET A CG  1 
ATOM   202 S SD  A MET A 1 23 ? 17.491  -21.141 8.435   0.50 17.18 ? 183 MET A SD  1 
ATOM   203 S SD  B MET A 1 23 ? 19.980  -22.723 7.936   0.50 16.70 ? 183 MET A SD  1 
ATOM   204 C CE  A MET A 1 23 ? 17.951  -22.604 9.364   0.50 18.48 ? 183 MET A CE  1 
ATOM   205 C CE  B MET A 1 23 ? 20.134  -22.010 9.573   0.50 18.06 ? 183 MET A CE  1 
ATOM   206 N N   . ARG A 1 24 ? 17.436  -20.678 3.577   1.00 18.92 ? 184 ARG A N   1 
ATOM   207 C CA  . ARG A 1 24 ? 17.515  -19.415 2.846   1.00 19.19 ? 184 ARG A CA  1 
ATOM   208 C C   . ARG A 1 24 ? 16.161  -18.944 2.321   1.00 19.48 ? 184 ARG A C   1 
ATOM   209 O O   . ARG A 1 24 ? 15.833  -17.761 2.398   1.00 19.89 ? 184 ARG A O   1 
ATOM   210 C CB  . ARG A 1 24 ? 18.495  -19.537 1.672   1.00 19.95 ? 184 ARG A CB  1 
ATOM   211 C CG  . ARG A 1 24 ? 19.922  -19.840 2.099   1.00 21.28 ? 184 ARG A CG  1 
ATOM   212 C CD  . ARG A 1 24 ? 20.586  -18.638 2.754   1.00 22.65 ? 184 ARG A CD  1 
ATOM   213 N NE  . ARG A 1 24 ? 20.858  -17.572 1.793   1.00 25.23 ? 184 ARG A NE  1 
ATOM   214 C CZ  . ARG A 1 24 ? 21.351  -16.382 2.121   1.00 24.76 ? 184 ARG A CZ  1 
ATOM   215 N NH1 . ARG A 1 24 ? 21.623  -16.105 3.388   1.00 25.32 ? 184 ARG A NH1 1 
ATOM   216 N NH2 . ARG A 1 24 ? 21.566  -15.472 1.181   1.00 25.46 ? 184 ARG A NH2 1 
ATOM   217 N N   . LEU A 1 25 ? 15.385  -19.876 1.784   1.00 17.05 ? 185 LEU A N   1 
ATOM   218 C CA  . LEU A 1 25 ? 14.073  -19.558 1.248   1.00 17.47 ? 185 LEU A CA  1 
ATOM   219 C C   . LEU A 1 25 ? 13.145  -19.109 2.359   1.00 17.75 ? 185 LEU A C   1 
ATOM   220 O O   . LEU A 1 25 ? 12.293  -18.246 2.157   1.00 18.20 ? 185 LEU A O   1 
ATOM   221 C CB  . LEU A 1 25 ? 13.487  -20.766 0.518   1.00 16.80 ? 185 LEU A CB  1 
ATOM   222 C CG  . LEU A 1 25 ? 14.264  -21.239 -0.713  1.00 16.79 ? 185 LEU A CG  1 
ATOM   223 C CD1 . LEU A 1 25 ? 13.468  -22.285 -1.483  1.00 15.97 ? 185 LEU A CD1 1 
ATOM   224 C CD2 . LEU A 1 25 ? 14.635  -20.067 -1.612  1.00 18.19 ? 185 LEU A CD2 1 
ATOM   225 N N   . ARG A 1 26 ? 13.324  -19.696 3.537   1.00 18.86 ? 186 ARG A N   1 
ATOM   226 C CA  . ARG A 1 26 ? 12.534  -19.322 4.698   1.00 19.17 ? 186 ARG A CA  1 
ATOM   227 C C   . ARG A 1 26 ? 12.853  -17.899 5.135   1.00 19.98 ? 186 ARG A C   1 
ATOM   228 O O   . ARG A 1 26 ? 11.952  -17.136 5.468   1.00 20.40 ? 186 ARG A O   1 
ATOM   229 C CB  . ARG A 1 26 ? 12.776  -20.286 5.862   1.00 18.97 ? 186 ARG A CB  1 
ATOM   230 C CG  . ARG A 1 26 ? 12.013  -19.911 7.128   1.00 19.39 ? 186 ARG A CG  1 
ATOM   231 C CD  . ARG A 1 26 ? 12.342  -20.824 8.304   1.00 19.54 ? 186 ARG A CD  1 
ATOM   232 N NE  . ARG A 1 26 ? 11.886  -22.194 8.090   1.00 18.43 ? 186 ARG A NE  1 
ATOM   233 C CZ  . ARG A 1 26 ? 12.694  -23.224 7.866   1.00 17.88 ? 186 ARG A CZ  1 
ATOM   234 N NH1 . ARG A 1 26 ? 14.006  -23.044 7.839   1.00 17.13 ? 186 ARG A NH1 1 
ATOM   235 N NH2 . ARG A 1 26 ? 12.191  -24.436 7.677   1.00 17.63 ? 186 ARG A NH2 1 
ATOM   236 N N   A GLU A 1 27 ? 14.137  -17.549 5.132   0.48 18.79 ? 187 GLU A N   1 
ATOM   237 N N   B GLU A 1 27 ? 14.138  -17.550 5.136   0.52 19.25 ? 187 GLU A N   1 
ATOM   238 C CA  A GLU A 1 27 ? 14.569  -16.218 5.550   0.48 19.53 ? 187 GLU A CA  1 
ATOM   239 C CA  B GLU A 1 27 ? 14.566  -16.218 5.552   0.52 19.97 ? 187 GLU A CA  1 
ATOM   240 C C   A GLU A 1 27 ? 14.111  -15.149 4.565   0.48 19.95 ? 187 GLU A C   1 
ATOM   241 C C   B GLU A 1 27 ? 14.095  -15.155 4.565   0.52 20.00 ? 187 GLU A C   1 
ATOM   242 O O   A GLU A 1 27 ? 13.726  -14.051 4.962   0.48 20.42 ? 187 GLU A O   1 
ATOM   243 O O   B GLU A 1 27 ? 13.681  -14.067 4.964   0.52 20.39 ? 187 GLU A O   1 
ATOM   244 C CB  A GLU A 1 27 ? 16.090  -16.169 5.708   0.48 19.93 ? 187 GLU A CB  1 
ATOM   245 C CB  B GLU A 1 27 ? 16.088  -16.161 5.706   0.52 19.93 ? 187 GLU A CB  1 
ATOM   246 C CG  A GLU A 1 27 ? 16.616  -16.968 6.887   0.48 19.98 ? 187 GLU A CG  1 
ATOM   247 C CG  B GLU A 1 27 ? 16.632  -17.024 6.833   0.52 20.26 ? 187 GLU A CG  1 
ATOM   248 C CD  A GLU A 1 27 ? 18.117  -16.838 7.047   0.48 20.69 ? 187 GLU A CD  1 
ATOM   249 C CD  B GLU A 1 27 ? 18.003  -16.571 7.300   0.52 20.49 ? 187 GLU A CD  1 
ATOM   250 O OE1 A GLU A 1 27 ? 18.764  -16.269 6.142   0.48 21.09 ? 187 GLU A OE1 1 
ATOM   251 O OE1 B GLU A 1 27 ? 18.419  -15.454 6.925   0.52 21.30 ? 187 GLU A OE1 1 
ATOM   252 O OE2 A GLU A 1 27 ? 18.652  -17.305 8.073   0.48 20.02 ? 187 GLU A OE2 1 
ATOM   253 O OE2 B GLU A 1 27 ? 18.663  -17.329 8.042   0.52 19.99 ? 187 GLU A OE2 1 
ATOM   254 N N   . LYS A 1 28 ? 14.159  -15.479 3.278   1.00 19.47 ? 188 LYS A N   1 
ATOM   255 C CA  . LYS A 1 28 ? 13.667  -14.582 2.246   1.00 20.11 ? 188 LYS A CA  1 
ATOM   256 C C   . LYS A 1 28 ? 12.167  -14.417 2.397   1.00 20.14 ? 188 LYS A C   1 
ATOM   257 O O   . LYS A 1 28 ? 11.643  -13.316 2.276   1.00 20.36 ? 188 LYS A O   1 
ATOM   258 C CB  . LYS A 1 28 ? 14.001  -15.111 0.852   1.00 19.17 ? 188 LYS A CB  1 
ATOM   259 C CG  . LYS A 1 28 ? 15.471  -15.054 0.487   1.00 19.50 ? 188 LYS A CG  1 
ATOM   260 C CD  . LYS A 1 28 ? 15.683  -14.249 -0.790  1.00 19.59 ? 188 LYS A CD  1 
ATOM   261 C CE  . LYS A 1 28 ? 17.081  -14.449 -1.360  1.00 21.10 ? 188 LYS A CE  1 
ATOM   262 N NZ  . LYS A 1 28 ? 17.269  -15.827 -1.901  1.00 20.61 ? 188 LYS A NZ  1 
ATOM   263 N N   . LEU A 1 29 ? 11.491  -15.524 2.679   1.00 19.60 ? 189 LEU A N   1 
ATOM   264 C CA  . LEU A 1 29 ? 10.044  -15.532 2.844   1.00 19.53 ? 189 LEU A CA  1 
ATOM   265 C C   . LEU A 1 29 ? 9.615   -14.644 4.007   1.00 19.69 ? 189 LEU A C   1 
ATOM   266 O O   . LEU A 1 29 ? 8.683   -13.853 3.874   1.00 19.35 ? 189 LEU A O   1 
ATOM   267 C CB  . LEU A 1 29 ? 9.542   -16.963 3.049   1.00 19.06 ? 189 LEU A CB  1 
ATOM   268 C CG  . LEU A 1 29 ? 8.037   -17.213 3.139   1.00 19.09 ? 189 LEU A CG  1 
ATOM   269 C CD1 . LEU A 1 29 ? 7.320   -16.618 1.942   1.00 18.96 ? 189 LEU A CD1 1 
ATOM   270 C CD2 . LEU A 1 29 ? 7.766   -18.707 3.232   1.00 18.76 ? 189 LEU A CD2 1 
ATOM   271 N N   . GLN A 1 30 ? 10.304  -14.769 5.139   1.00 22.07 ? 190 GLN A N   1 
ATOM   272 C CA  . GLN A 1 30 ? 10.032  -13.929 6.302   1.00 22.85 ? 190 GLN A CA  1 
ATOM   273 C C   . GLN A 1 30 ? 10.277  -12.451 5.980   1.00 23.07 ? 190 GLN A C   1 
ATOM   274 O O   . GLN A 1 30 ? 9.543   -11.580 6.449   1.00 22.63 ? 190 GLN A O   1 
ATOM   275 C CB  . GLN A 1 30 ? 10.894  -14.355 7.497   1.00 23.69 ? 190 GLN A CB  1 
ATOM   276 C CG  . GLN A 1 30 ? 10.628  -15.767 8.014   1.00 23.94 ? 190 GLN A CG  1 
ATOM   277 C CD  . GLN A 1 30 ? 11.606  -16.184 9.104   1.00 23.83 ? 190 GLN A CD  1 
ATOM   278 O OE1 . GLN A 1 30 ? 12.539  -15.451 9.430   1.00 23.84 ? 190 GLN A OE1 1 
ATOM   279 N NE2 . GLN A 1 30 ? 11.393  -17.367 9.673   1.00 23.22 ? 190 GLN A NE2 1 
ATOM   280 N N   . GLU A 1 31 ? 11.302  -12.178 5.174   1.00 23.11 ? 191 GLU A N   1 
ATOM   281 C CA  . GLU A 1 31 ? 11.631  -10.810 4.776   1.00 24.79 ? 191 GLU A CA  1 
ATOM   282 C C   . GLU A 1 31 ? 10.534  -10.196 3.907   1.00 25.18 ? 191 GLU A C   1 
ATOM   283 O O   . GLU A 1 31 ? 10.189  -9.027  4.068   1.00 24.77 ? 191 GLU A O   1 
ATOM   284 C CB  . GLU A 1 31 ? 12.973  -10.768 4.032   1.00 25.52 ? 191 GLU A CB  1 
ATOM   285 C CG  . GLU A 1 31 ? 14.202  -10.884 4.932   1.00 25.70 ? 191 GLU A CG  1 
ATOM   286 C CD  . GLU A 1 31 ? 15.512  -10.840 4.157   1.00 27.64 ? 191 GLU A CD  1 
ATOM   287 O OE1 . GLU A 1 31 ? 15.479  -10.552 2.943   1.00 34.93 ? 191 GLU A OE1 1 
ATOM   288 O OE2 . GLU A 1 31 ? 16.575  -11.097 4.763   1.00 27.23 ? 191 GLU A OE2 1 
ATOM   289 N N   . GLU A 1 32 ? 9.985   -10.992 2.995   1.00 25.20 ? 192 GLU A N   1 
ATOM   290 C CA  . GLU A 1 32 ? 8.915   -10.521 2.126   1.00 25.59 ? 192 GLU A CA  1 
ATOM   291 C C   . GLU A 1 32 ? 7.648   -10.271 2.929   1.00 25.16 ? 192 GLU A C   1 
ATOM   292 O O   . GLU A 1 32 ? 6.871   -9.372  2.611   1.00 25.02 ? 192 GLU A O   1 
ATOM   293 C CB  . GLU A 1 32 ? 8.633   -11.526 1.005   1.00 25.69 ? 192 GLU A CB  1 
ATOM   294 C CG  . GLU A 1 32 ? 9.865   -11.998 0.242   1.00 25.17 ? 192 GLU A CG  1 
ATOM   295 C CD  . GLU A 1 32 ? 10.888  -10.897 0.033   1.00 25.12 ? 192 GLU A CD  1 
ATOM   296 O OE1 . GLU A 1 32 ? 10.557  -9.898  -0.638  1.00 25.50 ? 192 GLU A OE1 1 
ATOM   297 O OE2 . GLU A 1 32 ? 12.019  -11.028 0.549   1.00 24.80 ? 192 GLU A OE2 1 
ATOM   298 N N   . MET A 1 33 ? 7.445   -11.077 3.968   1.00 23.36 ? 193 MET A N   1 
ATOM   299 C CA  . MET A 1 33 ? 6.259   -10.973 4.814   1.00 24.10 ? 193 MET A CA  1 
ATOM   300 C C   . MET A 1 33 ? 6.215   -9.659  5.582   1.00 24.85 ? 193 MET A C   1 
ATOM   301 O O   . MET A 1 33 ? 5.184   -8.993  5.619   1.00 24.98 ? 193 MET A O   1 
ATOM   302 C CB  . MET A 1 33 ? 6.192   -12.142 5.800   1.00 24.47 ? 193 MET A CB  1 
ATOM   303 C CG  . MET A 1 33 ? 5.827   -13.474 5.177   1.00 23.85 ? 193 MET A CG  1 
ATOM   304 S SD  . MET A 1 33 ? 5.793   -14.786 6.412   1.00 19.31 ? 193 MET A SD  1 
ATOM   305 C CE  . MET A 1 33 ? 4.459   -14.222 7.466   1.00 25.24 ? 193 MET A CE  1 
ATOM   306 N N   . LEU A 1 34 ? 7.331   -9.300  6.206   1.00 22.41 ? 194 LEU A N   1 
ATOM   307 C CA  . LEU A 1 34 ? 7.414   -8.048  6.943   1.00 23.89 ? 194 LEU A CA  1 
ATOM   308 C C   . LEU A 1 34 ? 7.259   -6.866  5.993   1.00 23.82 ? 194 LEU A C   1 
ATOM   309 O O   . LEU A 1 34 ? 6.617   -5.870  6.328   1.00 23.10 ? 194 LEU A O   1 
ATOM   310 C CB  . LEU A 1 34 ? 8.740   -7.952  7.703   1.00 22.91 ? 194 LEU A CB  1 
ATOM   311 C CG  . LEU A 1 34 ? 9.040   -9.022  8.757   1.00 23.11 ? 194 LEU A CG  1 
ATOM   312 C CD1 . LEU A 1 34 ? 10.424  -8.821  9.367   1.00 24.00 ? 194 LEU A CD1 1 
ATOM   313 C CD2 . LEU A 1 34 ? 7.974   -9.017  9.838   1.00 25.28 ? 194 LEU A CD2 1 
ATOM   314 N N   . GLN A 1 35 ? 7.843   -6.990  4.803   1.00 25.05 ? 195 GLN A N   1 
ATOM   315 C CA  . GLN A 1 35 ? 7.780   -5.944  3.782   1.00 25.60 ? 195 GLN A CA  1 
ATOM   316 C C   . GLN A 1 35 ? 6.360   -5.698  3.294   1.00 26.01 ? 195 GLN A C   1 
ATOM   317 O O   . GLN A 1 35 ? 5.928   -4.553  3.171   1.00 24.53 ? 195 GLN A O   1 
ATOM   318 C CB  . GLN A 1 35 ? 8.672   -6.306  2.590   1.00 26.22 ? 195 GLN A CB  1 
ATOM   319 C CG  . GLN A 1 35 ? 10.150  -6.063  2.820   1.00 25.87 ? 195 GLN A CG  1 
ATOM   320 C CD  . GLN A 1 35 ? 11.018  -6.669  1.733   1.00 25.13 ? 195 GLN A CD  1 
ATOM   321 O OE1 . GLN A 1 35 ? 10.747  -7.767  1.247   1.00 25.00 ? 195 GLN A OE1 1 
ATOM   322 N NE2 . GLN A 1 35 ? 12.064  -5.950  1.340   1.00 26.55 ? 195 GLN A NE2 1 
ATOM   323 N N   . ARG A 1 36 ? 5.641   -6.778  3.006   1.00 25.77 ? 196 ARG A N   1 
ATOM   324 C CA  . ARG A 1 36 ? 4.279   -6.668  2.501   1.00 25.12 ? 196 ARG A CA  1 
ATOM   325 C C   . ARG A 1 36 ? 3.303   -6.331  3.624   1.00 25.07 ? 196 ARG A C   1 
ATOM   326 O O   . ARG A 1 36 ? 2.191   -5.865  3.374   1.00 25.24 ? 196 ARG A O   1 
ATOM   327 C CB  . ARG A 1 36 ? 3.854   -7.960  1.804   1.00 25.09 ? 196 ARG A CB  1 
ATOM   328 C CG  . ARG A 1 36 ? 3.686   -9.146  2.729   1.00 26.49 ? 196 ARG A CG  1 
ATOM   329 C CD  . ARG A 1 36 ? 2.402   -9.888  2.417   1.00 26.49 ? 196 ARG A CD  1 
ATOM   330 N NE  . ARG A 1 36 ? 1.229   -9.127  2.828   1.00 24.95 ? 196 ARG A NE  1 
ATOM   331 C CZ  . ARG A 1 36 ? 0.681   -9.201  4.036   1.00 26.12 ? 196 ARG A CZ  1 
ATOM   332 N NH1 . ARG A 1 36 ? 1.201   -10.010 4.949   1.00 26.42 ? 196 ARG A NH1 1 
ATOM   333 N NH2 . ARG A 1 36 ? -0.388  -8.476  4.330   1.00 26.08 ? 196 ARG A NH2 1 
ATOM   334 N N   . GLU A 1 37 ? 3.725   -6.566  4.862   1.00 25.42 ? 197 GLU A N   1 
ATOM   335 C CA  . GLU A 1 37 ? 2.919   -6.200  6.020   1.00 26.42 ? 197 GLU A CA  1 
ATOM   336 C C   . GLU A 1 37 ? 2.967   -4.695  6.253   1.00 27.30 ? 197 GLU A C   1 
ATOM   337 O O   . GLU A 1 37 ? 1.956   -4.077  6.579   1.00 27.03 ? 197 GLU A O   1 
ATOM   338 C CB  . GLU A 1 37 ? 3.391   -6.949  7.269   1.00 26.92 ? 197 GLU A CB  1 
ATOM   339 C CG  . GLU A 1 37 ? 2.726   -8.306  7.464   1.00 27.12 ? 197 GLU A CG  1 
ATOM   340 C CD  . GLU A 1 37 ? 3.432   -9.164  8.499   1.00 27.25 ? 197 GLU A CD  1 
ATOM   341 O OE1 . GLU A 1 37 ? 2.744   -9.747  9.363   1.00 27.25 ? 197 GLU A OE1 1 
ATOM   342 O OE2 . GLU A 1 37 ? 4.678   -9.257  8.445   1.00 25.32 ? 197 GLU A OE2 1 
ATOM   343 N N   . GLU A 1 38 ? 4.148   -4.111  6.082   1.00 25.97 ? 198 GLU A N   1 
ATOM   344 C CA  . GLU A 1 38 ? 4.302   -2.670  6.197   1.00 27.61 ? 198 GLU A CA  1 
ATOM   345 C C   . GLU A 1 38 ? 3.683   -1.984  4.985   1.00 27.00 ? 198 GLU A C   1 
ATOM   346 O O   . GLU A 1 38 ? 3.209   -0.851  5.074   1.00 26.40 ? 198 GLU A O   1 
ATOM   347 C CB  . GLU A 1 38 ? 5.778   -2.292  6.336   1.00 27.76 ? 198 GLU A CB  1 
ATOM   348 C CG  . GLU A 1 38 ? 6.018   -0.803  6.551   1.00 28.35 ? 198 GLU A CG  1 
ATOM   349 C CD  . GLU A 1 38 ? 7.475   -0.470  6.818   1.00 29.74 ? 198 GLU A CD  1 
ATOM   350 O OE1 . GLU A 1 38 ? 8.270   -1.404  7.055   1.00 28.84 ? 198 GLU A OE1 1 
ATOM   351 O OE2 . GLU A 1 38 ? 7.824   0.730   6.792   1.00 30.86 ? 198 GLU A OE2 1 
ATOM   352 N N   . ALA A 1 39 ? 3.688   -2.680  3.854   1.00 27.52 ? 199 ALA A N   1 
ATOM   353 C CA  . ALA A 1 39 ? 3.061   -2.173  2.639   1.00 27.39 ? 199 ALA A CA  1 
ATOM   354 C C   . ALA A 1 39 ? 1.551   -2.093  2.818   1.00 26.76 ? 199 ALA A C   1 
ATOM   355 O O   . ALA A 1 39 ? 0.901   -1.183  2.307   1.00 27.14 ? 199 ALA A O   1 
ATOM   356 C CB  . ALA A 1 39 ? 3.410   -3.051  1.452   1.00 27.35 ? 199 ALA A CB  1 
ATOM   357 N N   . GLU A 1 40 ? 1.005   -3.058  3.551   1.00 25.57 ? 200 GLU A N   1 
ATOM   358 C CA  . GLU A 1 40 ? -0.417  -3.088  3.862   1.00 26.91 ? 200 GLU A CA  1 
ATOM   359 C C   . GLU A 1 40 ? -0.790  -1.874  4.717   1.00 27.74 ? 200 GLU A C   1 
ATOM   360 O O   . GLU A 1 40 ? -1.850  -1.276  4.535   1.00 27.51 ? 200 GLU A O   1 
ATOM   361 C CB  . GLU A 1 40 ? -0.777  -4.394  4.582   1.00 27.67 ? 200 GLU A CB  1 
ATOM   362 C CG  . GLU A 1 40 ? -2.180  -4.920  4.296   1.00 27.44 ? 200 GLU A CG  1 
ATOM   363 C CD  . GLU A 1 40 ? -2.300  -5.576  2.931   1.00 26.72 ? 200 GLU A CD  1 
ATOM   364 O OE1 . GLU A 1 40 ? -1.435  -6.410  2.591   1.00 25.48 ? 200 GLU A OE1 1 
ATOM   365 O OE2 . GLU A 1 40 ? -3.261  -5.256  2.198   1.00 26.56 ? 200 GLU A OE2 1 
ATOM   366 N N   . ASN A 1 41 ? 0.099   -1.512  5.639   1.00 28.17 ? 201 ASN A N   1 
ATOM   367 C CA  . ASN A 1 41 ? -0.105  -0.347  6.498   1.00 29.31 ? 201 ASN A CA  1 
ATOM   368 C C   . ASN A 1 41 ? -0.044  0.954   5.713   1.00 29.04 ? 201 ASN A C   1 
ATOM   369 O O   . ASN A 1 41 ? -0.848  1.859   5.931   1.00 28.07 ? 201 ASN A O   1 
ATOM   370 C CB  . ASN A 1 41 ? 0.933   -0.320  7.623   1.00 31.08 ? 201 ASN A CB  1 
ATOM   371 C CG  . ASN A 1 41 ? 0.400   -0.890  8.925   1.00 32.80 ? 201 ASN A CG  1 
ATOM   372 O OD1 . ASN A 1 41 ? -0.765  -0.694  9.271   1.00 37.43 ? 201 ASN A OD1 1 
ATOM   373 N ND2 . ASN A 1 41 ? 1.254   -1.596  9.655   1.00 34.02 ? 201 ASN A ND2 1 
ATOM   374 N N   . THR A 1 42 ? 0.922   1.040   4.805   1.00 27.26 ? 202 THR A N   1 
ATOM   375 C CA  . THR A 1 42 ? 1.071   2.201   3.939   1.00 26.06 ? 202 THR A CA  1 
ATOM   376 C C   . THR A 1 42 ? -0.131  2.302   3.004   1.00 25.02 ? 202 THR A C   1 
ATOM   377 O O   . THR A 1 42 ? -0.548  3.396   2.624   1.00 24.32 ? 202 THR A O   1 
ATOM   378 C CB  . THR A 1 42 ? 2.375   2.125   3.120   1.00 26.51 ? 202 THR A CB  1 
ATOM   379 O OG1 . THR A 1 42 ? 3.460   1.759   3.980   1.00 26.69 ? 202 THR A OG1 1 
ATOM   380 C CG2 . THR A 1 42 ? 2.685   3.464   2.467   1.00 25.99 ? 202 THR A CG2 1 
ATOM   381 N N   . LEU A 1 43 ? -0.688  1.148   2.649   1.00 25.31 ? 203 LEU A N   1 
ATOM   382 C CA  . LEU A 1 43 ? -1.875  1.083   1.807   1.00 26.16 ? 203 LEU A CA  1 
ATOM   383 C C   . LEU A 1 43 ? -3.089  1.669   2.524   1.00 25.72 ? 203 LEU A C   1 
ATOM   384 O O   . LEU A 1 43 ? -3.902  2.365   1.914   1.00 24.91 ? 203 LEU A O   1 
ATOM   385 C CB  . LEU A 1 43 ? -2.151  -0.363  1.390   1.00 25.77 ? 203 LEU A CB  1 
ATOM   386 C CG  . LEU A 1 43 ? -2.468  -0.603  -0.085  1.00 25.64 ? 203 LEU A CG  1 
ATOM   387 C CD1 . LEU A 1 43 ? -1.358  -0.042  -0.954  1.00 25.62 ? 203 LEU A CD1 1 
ATOM   388 C CD2 . LEU A 1 43 ? -2.662  -2.087  -0.361  1.00 25.82 ? 203 LEU A CD2 1 
ATOM   389 N N   . GLN A 1 44 ? -3.203  1.382   3.820   1.00 27.82 ? 204 GLN A N   1 
ATOM   390 C CA  . GLN A 1 44 ? -4.288  1.905   4.651   1.00 29.12 ? 204 GLN A CA  1 
ATOM   391 C C   . GLN A 1 44 ? -4.206  3.419   4.768   1.00 28.73 ? 204 GLN A C   1 
ATOM   392 O O   . GLN A 1 44 ? -5.213  4.118   4.657   1.00 27.16 ? 204 GLN A O   1 
ATOM   393 C CB  . GLN A 1 44 ? -4.250  1.274   6.050   1.00 30.48 ? 204 GLN A CB  1 
ATOM   394 C CG  . GLN A 1 44 ? -5.485  1.548   6.924   1.00 31.61 ? 204 GLN A CG  1 
ATOM   395 C CD  . GLN A 1 44 ? -5.429  2.873   7.678   1.00 30.68 ? 204 GLN A CD  1 
ATOM   396 O OE1 . GLN A 1 44 ? -4.366  3.479   7.825   1.00 32.19 ? 204 GLN A OE1 1 
ATOM   397 N NE2 . GLN A 1 44 ? -6.582  3.325   8.160   1.00 31.04 ? 204 GLN A NE2 1 
ATOM   398 N N   . SER A 1 45 ? -2.995  3.911   5.009   1.00 26.41 ? 205 SER A N   1 
ATOM   399 C CA  . SER A 1 45 ? -2.756  5.335   5.171   1.00 26.13 ? 205 SER A CA  1 
ATOM   400 C C   . SER A 1 45 ? -3.049  6.079   3.882   1.00 24.08 ? 205 SER A C   1 
ATOM   401 O O   . SER A 1 45 ? -3.525  7.212   3.904   1.00 22.94 ? 205 SER A O   1 
ATOM   402 C CB  . SER A 1 45 ? -1.315  5.589   5.611   1.00 26.74 ? 205 SER A CB  1 
ATOM   403 O OG  . SER A 1 45 ? -1.121  5.183   6.953   1.00 25.15 ? 205 SER A OG  1 
ATOM   404 N N   . PHE A 1 46 ? -2.766  5.435   2.756   1.00 23.69 ? 206 PHE A N   1 
ATOM   405 C CA  . PHE A 1 46 ? -3.051  6.025   1.457   1.00 23.02 ? 206 PHE A CA  1 
ATOM   406 C C   . PHE A 1 46 ? -4.558  6.127   1.236   1.00 23.05 ? 206 PHE A C   1 
ATOM   407 O O   . PHE A 1 46 ? -5.054  7.155   0.781   1.00 22.33 ? 206 PHE A O   1 
ATOM   408 C CB  . PHE A 1 46 ? -2.394  5.212   0.339   1.00 23.44 ? 206 PHE A CB  1 
ATOM   409 C CG  . PHE A 1 46 ? -0.913  5.441   0.210   1.00 23.67 ? 206 PHE A CG  1 
ATOM   410 C CD1 . PHE A 1 46 ? -0.277  6.399   0.981   1.00 23.88 ? 206 PHE A CD1 1 
ATOM   411 C CD2 . PHE A 1 46 ? -0.160  4.707   -0.691  1.00 23.83 ? 206 PHE A CD2 1 
ATOM   412 C CE1 . PHE A 1 46 ? 1.082   6.613   0.862   1.00 23.90 ? 206 PHE A CE1 1 
ATOM   413 C CE2 . PHE A 1 46 ? 1.201   4.918   -0.814  1.00 23.80 ? 206 PHE A CE2 1 
ATOM   414 C CZ  . PHE A 1 46 ? 1.821   5.872   -0.038  1.00 23.96 ? 206 PHE A CZ  1 
ATOM   415 N N   . ARG A 1 47 ? -5.278  5.062   1.579   1.00 24.16 ? 207 ARG A N   1 
ATOM   416 C CA  . ARG A 1 47 ? -6.731  5.016   1.428   1.00 24.36 ? 207 ARG A CA  1 
ATOM   417 C C   . ARG A 1 47 ? -7.423  6.094   2.262   1.00 24.28 ? 207 ARG A C   1 
ATOM   418 O O   . ARG A 1 47 ? -8.405  6.695   1.828   1.00 23.23 ? 207 ARG A O   1 
ATOM   419 C CB  . ARG A 1 47 ? -7.258  3.631   1.817   1.00 25.21 ? 207 ARG A CB  1 
ATOM   420 C CG  . ARG A 1 47 ? -8.752  3.431   1.606   1.00 25.55 ? 207 ARG A CG  1 
ATOM   421 C CD  . ARG A 1 47 ? -9.116  3.473   0.133   1.00 26.13 ? 207 ARG A CD  1 
ATOM   422 N NE  . ARG A 1 47 ? -10.555 3.628   -0.061  1.00 26.64 ? 207 ARG A NE  1 
ATOM   423 C CZ  . ARG A 1 47 ? -11.119 4.037   -1.194  1.00 26.78 ? 207 ARG A CZ  1 
ATOM   424 N NH1 . ARG A 1 47 ? -10.365 4.342   -2.241  1.00 26.92 ? 207 ARG A NH1 1 
ATOM   425 N NH2 . ARG A 1 47 ? -12.438 4.148   -1.277  1.00 27.08 ? 207 ARG A NH2 1 
ATOM   426 N N   . GLN A 1 48 ? -6.901  6.327   3.464   1.00 24.04 ? 208 GLN A N   1 
ATOM   427 C CA  . GLN A 1 48 ? -7.440  7.341   4.361   1.00 24.96 ? 208 GLN A CA  1 
ATOM   428 C C   . GLN A 1 48 ? -7.109  8.741   3.840   1.00 23.48 ? 208 GLN A C   1 
ATOM   429 O O   . GLN A 1 48 ? -7.846  9.694   4.090   1.00 22.15 ? 208 GLN A O   1 
ATOM   430 C CB  . GLN A 1 48 ? -6.890  7.141   5.779   1.00 26.52 ? 208 GLN A CB  1 
ATOM   431 C CG  . GLN A 1 48 ? -7.561  7.983   6.866   1.00 26.61 ? 208 GLN A CG  1 
ATOM   432 C CD  . GLN A 1 48 ? -8.972  7.519   7.201   1.00 26.51 ? 208 GLN A CD  1 
ATOM   433 O OE1 . GLN A 1 48 ? -9.339  6.370   6.952   1.00 26.73 ? 208 GLN A OE1 1 
ATOM   434 N NE2 . GLN A 1 48 ? -9.769  8.418   7.770   1.00 25.67 ? 208 GLN A NE2 1 
ATOM   435 N N   . ASP A 1 49 ? -6.000  8.849   3.112   1.00 22.53 ? 209 ASP A N   1 
ATOM   436 C CA  . ASP A 1 49 ? -5.567  10.122  2.536   1.00 21.94 ? 209 ASP A CA  1 
ATOM   437 C C   . ASP A 1 49 ? -6.417  10.560  1.331   1.00 21.74 ? 209 ASP A C   1 
ATOM   438 O O   . ASP A 1 49 ? -6.769  11.724  1.219   1.00 21.12 ? 209 ASP A O   1 
ATOM   439 C CB  . ASP A 1 49 ? -4.083  10.055  2.142   1.00 21.89 ? 209 ASP A CB  1 
ATOM   440 C CG  . ASP A 1 49 ? -3.147  10.092  3.342   1.00 22.66 ? 209 ASP A CG  1 
ATOM   441 O OD1 . ASP A 1 49 ? -3.530  10.662  4.381   1.00 22.69 ? 209 ASP A OD1 1 
ATOM   442 O OD2 . ASP A 1 49 ? -2.020  9.564   3.237   1.00 23.11 ? 209 ASP A OD2 1 
ATOM   443 N N   . VAL A 1 50 ? -6.750  9.622   0.447   1.00 21.71 ? 210 VAL A N   1 
ATOM   444 C CA  A VAL A 1 50 ? -7.505  9.942   -0.759  0.50 21.10 ? 210 VAL A CA  1 
ATOM   445 C CA  B VAL A 1 50 ? -7.528  9.899   -0.765  0.50 21.12 ? 210 VAL A CA  1 
ATOM   446 C C   . VAL A 1 50 ? -8.977  10.282  -0.469  1.00 20.59 ? 210 VAL A C   1 
ATOM   447 O O   . VAL A 1 50 ? -9.582  11.097  -1.172  1.00 19.65 ? 210 VAL A O   1 
ATOM   448 C CB  A VAL A 1 50 ? -7.366  8.811   -1.825  0.50 22.19 ? 210 VAL A CB  1 
ATOM   449 C CB  B VAL A 1 50 ? -7.561  8.671   -1.712  0.50 20.83 ? 210 VAL A CB  1 
ATOM   450 C CG1 A VAL A 1 50 ? -7.628  7.443   -1.210  0.50 22.42 ? 210 VAL A CG1 1 
ATOM   451 C CG1 B VAL A 1 50 ? -8.186  9.036   -3.052  0.50 21.28 ? 210 VAL A CG1 1 
ATOM   452 C CG2 A VAL A 1 50 ? -8.264  9.059   -3.032  0.50 21.45 ? 210 VAL A CG2 1 
ATOM   453 C CG2 B VAL A 1 50 ? -6.173  8.108   -1.923  0.50 22.19 ? 210 VAL A CG2 1 
ATOM   454 N N   . ASP A 1 51 ? -9.549  9.677   0.565   1.00 19.49 ? 211 ASP A N   1 
ATOM   455 C CA  . ASP A 1 51 ? -10.926 9.961   0.951   1.00 20.12 ? 211 ASP A CA  1 
ATOM   456 C C   . ASP A 1 51 ? -11.039 11.337  1.566   1.00 18.69 ? 211 ASP A C   1 
ATOM   457 O O   . ASP A 1 51 ? -11.956 12.081  1.258   1.00 17.97 ? 211 ASP A O   1 
ATOM   458 C CB  . ASP A 1 51 ? -11.424 8.941   1.961   1.00 20.75 ? 211 ASP A CB  1 
ATOM   459 C CG  . ASP A 1 51 ? -12.370 7.947   1.359   1.00 21.62 ? 211 ASP A CG  1 
ATOM   460 O OD1 . ASP A 1 51 ? -12.974 8.238   0.310   1.00 21.45 ? 211 ASP A OD1 1 
ATOM   461 O OD2 . ASP A 1 51 ? -12.514 6.865   1.949   1.00 25.25 ? 211 ASP A OD2 1 
ATOM   462 N N   . ASN A 1 52 ? -10.112 11.665  2.456   1.00 20.67 ? 212 ASN A N   1 
ATOM   463 C CA  . ASN A 1 52 ? -10.096 12.982  3.068   1.00 20.54 ? 212 ASN A CA  1 
ATOM   464 C C   . ASN A 1 52 ? -9.811  14.053  2.018   1.00 20.15 ? 212 ASN A C   1 
ATOM   465 O O   . ASN A 1 52 ? -10.330 15.156  2.102   1.00 19.49 ? 212 ASN A O   1 
ATOM   466 C CB  . ASN A 1 52 ? -9.081  13.051  4.216   1.00 20.93 ? 212 ASN A CB  1 
ATOM   467 C CG  . ASN A 1 52 ? -9.434  12.126  5.379   1.00 22.04 ? 212 ASN A CG  1 
ATOM   468 O OD1 . ASN A 1 52 ? -10.585 11.729  5.553   1.00 21.48 ? 212 ASN A OD1 1 
ATOM   469 N ND2 . ASN A 1 52 ? -8.438  11.793  6.187   1.00 23.10 ? 212 ASN A ND2 1 
ATOM   470 N N   . ALA A 1 53 ? -8.992  13.722  1.025   1.00 16.08 ? 213 ALA A N   1 
ATOM   471 C CA  . ALA A 1 53 ? -8.738  14.629  -0.086  1.00 16.86 ? 213 ALA A CA  1 
ATOM   472 C C   . ALA A 1 53 ? -10.001 14.807  -0.893  1.00 17.73 ? 213 ALA A C   1 
ATOM   473 O O   . ALA A 1 53 ? -10.260 15.880  -1.405  1.00 18.52 ? 213 ALA A O   1 
ATOM   474 C CB  . ALA A 1 53 ? -7.610  14.118  -0.968  1.00 17.10 ? 213 ALA A CB  1 
ATOM   475 N N   . SER A 1 54 ? -10.791 13.748  -0.996  1.00 17.56 ? 214 SER A N   1 
ATOM   476 C CA  . SER A 1 54 ? -12.047 13.797  -1.725  1.00 17.52 ? 214 SER A CA  1 
ATOM   477 C C   . SER A 1 54 ? -13.125 14.606  -1.001  1.00 18.00 ? 214 SER A C   1 
ATOM   478 O O   . SER A 1 54 ? -14.046 15.093  -1.633  1.00 17.72 ? 214 SER A O   1 
ATOM   479 C CB  . SER A 1 54 ? -12.544 12.382  -2.012  1.00 16.54 ? 214 SER A CB  1 
ATOM   480 O OG  . SER A 1 54 ? -11.588 11.644  -2.758  1.00 15.88 ? 214 SER A OG  1 
ATOM   481 N N   . LEU A 1 55 ? -12.995 14.743  0.316   1.00 18.12 ? 215 LEU A N   1 
ATOM   482 C CA  . LEU A 1 55 ? -13.937 15.486  1.143   1.00 17.89 ? 215 LEU A CA  1 
ATOM   483 C C   . LEU A 1 55 ? -13.677 16.980  1.045   1.00 18.81 ? 215 LEU A C   1 
ATOM   484 O O   . LEU A 1 55 ? -14.596 17.780  0.985   1.00 18.49 ? 215 LEU A O   1 
ATOM   485 C CB  . LEU A 1 55 ? -13.779 15.071  2.599   1.00 16.94 ? 215 LEU A CB  1 
ATOM   486 C CG  . LEU A 1 55 ? -14.200 13.669  3.014   1.00 17.22 ? 215 LEU A CG  1 
ATOM   487 C CD1 . LEU A 1 55 ? -13.775 13.410  4.440   1.00 18.40 ? 215 LEU A CD1 1 
ATOM   488 C CD2 . LEU A 1 55 ? -15.696 13.534  2.868   1.00 17.01 ? 215 LEU A CD2 1 
ATOM   489 N N   . ALA A 1 56 ? -12.400 17.341  1.056   1.00 17.51 ? 216 ALA A N   1 
ATOM   490 C CA  . ALA A 1 56 ? -11.966 18.730  1.023   1.00 19.29 ? 216 ALA A CA  1 
ATOM   491 C C   . ALA A 1 56 ? -12.053 19.303  -0.376  1.00 20.68 ? 216 ALA A C   1 
ATOM   492 O O   . ALA A 1 56 ? -12.243 20.501  -0.554  1.00 19.40 ? 216 ALA A O   1 
ATOM   493 C CB  . ALA A 1 56 ? -10.549 18.826  1.531   1.00 18.46 ? 216 ALA A CB  1 
ATOM   494 N N   . ARG A 1 57 ? -11.905 18.441  -1.371  1.00 21.10 ? 217 ARG A N   1 
ATOM   495 C CA  A ARG A 1 57 ? -12.043 18.852  -2.757  0.70 21.10 ? 217 ARG A CA  1 
ATOM   496 C CA  B ARG A 1 57 ? -12.049 18.824  -2.760  0.30 21.10 ? 217 ARG A CA  1 
ATOM   497 C C   . ARG A 1 57 ? -13.522 19.066  -3.066  1.00 21.10 ? 217 ARG A C   1 
ATOM   498 O O   . ARG A 1 57 ? -13.869 19.788  -3.974  1.00 21.10 ? 217 ARG A O   1 
ATOM   499 C CB  A ARG A 1 57 ? -11.390 17.820  -3.688  0.70 18.81 ? 217 ARG A CB  1 
ATOM   500 C CB  B ARG A 1 57 ? -11.509 17.704  -3.636  0.30 18.81 ? 217 ARG A CB  1 
ATOM   501 C CG  A ARG A 1 57 ? -11.797 17.877  -5.144  0.70 18.39 ? 217 ARG A CG  1 
ATOM   502 C CG  B ARG A 1 57 ? -11.265 18.095  -5.056  0.30 18.47 ? 217 ARG A CG  1 
ATOM   503 C CD  A ARG A 1 57 ? -10.992 16.899  -5.986  0.70 16.80 ? 217 ARG A CD  1 
ATOM   504 C CD  B ARG A 1 57 ? -10.493 17.024  -5.800  0.30 17.08 ? 217 ARG A CD  1 
ATOM   505 N NE  A ARG A 1 57 ? -11.417 15.509  -5.853  0.70 15.27 ? 217 ARG A NE  1 
ATOM   506 N NE  B ARG A 1 57 ? -11.012 15.668  -5.633  0.30 15.18 ? 217 ARG A NE  1 
ATOM   507 C CZ  A ARG A 1 57 ? -10.733 14.591  -5.183  0.70 14.79 ? 217 ARG A CZ  1 
ATOM   508 C CZ  B ARG A 1 57 ? -12.192 15.243  -6.081  0.30 14.49 ? 217 ARG A CZ  1 
ATOM   509 N NH1 A ARG A 1 57 ? -9.604  14.925  -4.577  0.70 15.12 ? 217 ARG A NH1 1 
ATOM   510 N NH1 B ARG A 1 57 ? -13.023 16.071  -6.695  0.30 14.79 ? 217 ARG A NH1 1 
ATOM   511 N NH2 A ARG A 1 57 ? -11.168 13.339  -5.116  0.70 14.21 ? 217 ARG A NH2 1 
ATOM   512 N NH2 B ARG A 1 57 ? -12.560 13.986  -5.900  0.30 14.50 ? 217 ARG A NH2 1 
ATOM   513 N N   . LEU A 1 58 ? -14.386 18.454  -2.275  1.00 21.11 ? 218 LEU A N   1 
ATOM   514 C CA  . LEU A 1 58 ? -15.831 18.594  -2.412  1.00 19.20 ? 218 LEU A CA  1 
ATOM   515 C C   . LEU A 1 58 ? -16.306 19.888  -1.782  1.00 16.90 ? 218 LEU A C   1 
ATOM   516 O O   . LEU A 1 58 ? -17.118 20.599  -2.350  1.00 14.92 ? 218 LEU A O   1 
ATOM   517 C CB  . LEU A 1 58 ? -16.521 17.430  -1.711  1.00 16.52 ? 218 LEU A CB  1 
ATOM   518 C CG  . LEU A 1 58 ? -18.036 17.296  -1.716  1.00 14.63 ? 218 LEU A CG  1 
ATOM   519 C CD1 . LEU A 1 58 ? -18.505 17.070  -3.126  1.00 15.14 ? 218 LEU A CD1 1 
ATOM   520 C CD2 . LEU A 1 58 ? -18.438 16.147  -0.808  1.00 14.96 ? 218 LEU A CD2 1 
ATOM   521 N N   . ASP A 1 59 ? -15.793 20.174  -0.596  1.00 20.02 ? 219 ASP A N   1 
ATOM   522 C CA  . ASP A 1 59 ? -16.059 21.427  0.083   1.00 18.55 ? 219 ASP A CA  1 
ATOM   523 C C   . ASP A 1 59 ? -15.603 22.606  -0.776  1.00 17.42 ? 219 ASP A C   1 
ATOM   524 O O   . ASP A 1 59 ? -16.232 23.649  -0.762  1.00 16.47 ? 219 ASP A O   1 
ATOM   525 C CB  . ASP A 1 59 ? -15.344 21.446  1.432   1.00 18.08 ? 219 ASP A CB  1 
ATOM   526 C CG  . ASP A 1 59 ? -15.876 22.505  2.352   1.00 16.84 ? 219 ASP A CG  1 
ATOM   527 O OD1 . ASP A 1 59 ? -17.107 22.641  2.419   1.00 15.39 ? 219 ASP A OD1 1 
ATOM   528 O OD2 . ASP A 1 59 ? -15.075 23.202  3.006   1.00 15.94 ? 219 ASP A OD2 1 
ATOM   529 N N   . LEU A 1 60 ? -14.519 22.432  -1.530  1.00 16.14 ? 220 LEU A N   1 
ATOM   530 C CA  . LEU A 1 60 ? -14.003 23.485  -2.404  1.00 15.06 ? 220 LEU A CA  1 
ATOM   531 C C   . LEU A 1 60 ? -14.905 23.690  -3.605  1.00 13.51 ? 220 LEU A C   1 
ATOM   532 O O   . LEU A 1 60 ? -15.222 24.811  -3.948  1.00 12.91 ? 220 LEU A O   1 
ATOM   533 C CB  . LEU A 1 60 ? -12.581 23.181  -2.876  1.00 15.99 ? 220 LEU A CB  1 
ATOM   534 C CG  . LEU A 1 60 ? -11.382 23.446  -1.962  1.00 17.16 ? 220 LEU A CG  1 
ATOM   535 C CD1 . LEU A 1 60 ? -10.165 22.643  -2.410  1.00 20.25 ? 220 LEU A CD1 1 
ATOM   536 C CD2 . LEU A 1 60 ? -11.058 24.904  -1.980  1.00 14.35 ? 220 LEU A CD2 1 
ATOM   537 N N   . GLU A 1 61 ? -15.324 22.601  -4.235  1.00 15.84 ? 221 GLU A N   1 
ATOM   538 C CA  . GLU A 1 61 ? -16.217 22.678  -5.389  1.00 15.06 ? 221 GLU A CA  1 
ATOM   539 C C   . GLU A 1 61 ? -17.539 23.365  -5.047  1.00 13.45 ? 221 GLU A C   1 
ATOM   540 O O   . GLU A 1 61 ? -18.068 24.132  -5.849  1.00 13.07 ? 221 GLU A O   1 
ATOM   541 C CB  . GLU A 1 61 ? -16.485 21.278  -5.953  1.00 15.87 ? 221 GLU A CB  1 
ATOM   542 C CG  . GLU A 1 61 ? -15.248 20.587  -6.524  1.00 17.27 ? 221 GLU A CG  1 
ATOM   543 C CD  . GLU A 1 61 ? -15.468 19.111  -6.820  1.00 18.71 ? 221 GLU A CD  1 
ATOM   544 O OE1 . GLU A 1 61 ? -16.613 18.636  -6.674  1.00 16.14 ? 221 GLU A OE1 1 
ATOM   545 O OE2 . GLU A 1 61 ? -14.493 18.426  -7.198  1.00 19.03 ? 221 GLU A OE2 1 
ATOM   546 N N   . ARG A 1 62 ? -18.061 23.096  -3.854  1.00 16.26 ? 222 ARG A N   1 
ATOM   547 C CA  . ARG A 1 62 ? -19.315 23.695  -3.403  1.00 15.57 ? 222 ARG A CA  1 
ATOM   548 C C   . ARG A 1 62 ? -19.165 25.189  -3.139  1.00 15.03 ? 222 ARG A C   1 
ATOM   549 O O   . ARG A 1 62 ? -20.048 25.982  -3.465  1.00 14.94 ? 222 ARG A O   1 
ATOM   550 C CB  . ARG A 1 62 ? -19.816 23.005  -2.134  1.00 15.60 ? 222 ARG A CB  1 
ATOM   551 C CG  . ARG A 1 62 ? -20.049 21.511  -2.267  1.00 16.19 ? 222 ARG A CG  1 
ATOM   552 C CD  . ARG A 1 62 ? -21.307 21.200  -3.052  1.00 16.31 ? 222 ARG A CD  1 
ATOM   553 N NE  . ARG A 1 62 ? -21.414 19.772  -3.323  1.00 16.84 ? 222 ARG A NE  1 
ATOM   554 C CZ  . ARG A 1 62 ? -21.323 19.239  -4.535  1.00 16.86 ? 222 ARG A CZ  1 
ATOM   555 N NH1 . ARG A 1 62 ? -21.143 20.019  -5.592  1.00 16.24 ? 222 ARG A NH1 1 
ATOM   556 N NH2 . ARG A 1 62 ? -21.421 17.926  -4.690  1.00 16.33 ? 222 ARG A NH2 1 
ATOM   557 N N   . LYS A 1 63 ? -18.047 25.566  -2.529  1.00 15.84 ? 223 LYS A N   1 
ATOM   558 C CA  . LYS A 1 63 ? -17.793 26.966  -2.226  1.00 15.59 ? 223 LYS A CA  1 
ATOM   559 C C   . LYS A 1 63 ? -17.450 27.743  -3.494  1.00 15.53 ? 223 LYS A C   1 
ATOM   560 O O   . LYS A 1 63 ? -17.738 28.936  -3.589  1.00 15.27 ? 223 LYS A O   1 
ATOM   561 C CB  . LYS A 1 63 ? -16.674 27.099  -1.189  1.00 15.60 ? 223 LYS A CB  1 
ATOM   562 C CG  . LYS A 1 63 ? -17.027 26.513  0.176   1.00 16.38 ? 223 LYS A CG  1 
ATOM   563 C CD  . LYS A 1 63 ? -16.043 26.944  1.255   1.00 17.17 ? 223 LYS A CD  1 
ATOM   564 C CE  . LYS A 1 63 ? -16.291 26.202  2.561   1.00 18.64 ? 223 LYS A CE  1 
ATOM   565 N NZ  . LYS A 1 63 ? -17.744 26.104  2.881   1.00 17.59 ? 223 LYS A NZ  1 
ATOM   566 N N   . VAL A 1 64 ? -16.848 27.069  -4.470  1.00 14.05 ? 224 VAL A N   1 
ATOM   567 C CA  . VAL A 1 64 ? -16.571 27.699  -5.759  1.00 13.89 ? 224 VAL A CA  1 
ATOM   568 C C   . VAL A 1 64 ? -17.885 28.052  -6.454  1.00 13.54 ? 224 VAL A C   1 
ATOM   569 O O   . VAL A 1 64 ? -18.039 29.155  -6.977  1.00 14.27 ? 224 VAL A O   1 
ATOM   570 C CB  . VAL A 1 64 ? -15.708 26.793  -6.667  1.00 13.78 ? 224 VAL A CB  1 
ATOM   571 C CG1 . VAL A 1 64 ? -15.791 27.237  -8.117  1.00 13.76 ? 224 VAL A CG1 1 
ATOM   572 C CG2 . VAL A 1 64 ? -14.260 26.798  -6.194  1.00 13.35 ? 224 VAL A CG2 1 
ATOM   573 N N   . GLU A 1 65 ? -18.833 27.117  -6.435  1.00 16.41 ? 225 GLU A N   1 
ATOM   574 C CA  . GLU A 1 65 ? -20.176 27.369  -6.949  1.00 16.35 ? 225 GLU A CA  1 
ATOM   575 C C   . GLU A 1 65 ? -20.830 28.551  -6.230  1.00 16.41 ? 225 GLU A C   1 
ATOM   576 O O   . GLU A 1 65 ? -21.497 29.368  -6.862  1.00 16.37 ? 225 GLU A O   1 
ATOM   577 C CB  . GLU A 1 65 ? -21.055 26.120  -6.810  1.00 16.68 ? 225 GLU A CB  1 
ATOM   578 C CG  . GLU A 1 65 ? -20.603 24.916  -7.632  1.00 16.93 ? 225 GLU A CG  1 
ATOM   579 C CD  . GLU A 1 65 ? -21.454 23.676  -7.385  1.00 17.39 ? 225 GLU A CD  1 
ATOM   580 O OE1 . GLU A 1 65 ? -22.291 23.695  -6.456  1.00 16.09 ? 225 GLU A OE1 1 
ATOM   581 O OE2 . GLU A 1 65 ? -21.289 22.681  -8.123  1.00 17.22 ? 225 GLU A OE2 1 
ATOM   582 N N   . SER A 1 66 ? -20.632 28.644  -4.917  1.00 16.71 ? 226 SER A N   1 
ATOM   583 C CA  . SER A 1 66 ? -21.186 29.747  -4.135  1.00 17.02 ? 226 SER A CA  1 
ATOM   584 C C   . SER A 1 66 ? -20.620 31.084  -4.590  1.00 17.10 ? 226 SER A C   1 
ATOM   585 O O   . SER A 1 66 ? -21.335 32.081  -4.646  1.00 17.39 ? 226 SER A O   1 
ATOM   586 C CB  . SER A 1 66 ? -20.912 29.552  -2.645  1.00 16.99 ? 226 SER A CB  1 
ATOM   587 O OG  . SER A 1 66 ? -21.383 30.659  -1.896  1.00 18.43 ? 226 SER A OG  1 
ATOM   588 N N   . LEU A 1 67 ? -19.331 31.091  -4.911  1.00 15.28 ? 227 LEU A N   1 
ATOM   589 C CA  . LEU A 1 67 ? -18.663 32.282  -5.417  1.00 15.16 ? 227 LEU A CA  1 
ATOM   590 C C   . LEU A 1 67 ? -19.192 32.653  -6.795  1.00 15.33 ? 227 LEU A C   1 
ATOM   591 O O   . LEU A 1 67 ? -19.335 33.829  -7.119  1.00 16.01 ? 227 LEU A O   1 
ATOM   592 C CB  . LEU A 1 67 ? -17.152 32.062  -5.482  1.00 14.96 ? 227 LEU A CB  1 
ATOM   593 C CG  . LEU A 1 67 ? -16.419 31.815  -4.163  1.00 14.91 ? 227 LEU A CG  1 
ATOM   594 C CD1 . LEU A 1 67 ? -14.989 31.382  -4.429  1.00 14.47 ? 227 LEU A CD1 1 
ATOM   595 C CD2 . LEU A 1 67 ? -16.440 33.059  -3.300  1.00 15.29 ? 227 LEU A CD2 1 
ATOM   596 N N   . GLN A 1 68 ? -19.478 31.635  -7.600  1.00 16.30 ? 228 GLN A N   1 
ATOM   597 C CA  . GLN A 1 68 ? -20.005 31.835  -8.945  1.00 16.49 ? 228 GLN A CA  1 
ATOM   598 C C   . GLN A 1 68 ? -21.392 32.467  -8.911  1.00 17.14 ? 228 GLN A C   1 
ATOM   599 O O   . GLN A 1 68 ? -21.709 33.331  -9.727  1.00 17.18 ? 228 GLN A O   1 
ATOM   600 C CB  . GLN A 1 68 ? -20.056 30.505  -9.701  1.00 16.24 ? 228 GLN A CB  1 
ATOM   601 C CG  . GLN A 1 68 ? -18.695 29.922  -10.045 1.00 15.89 ? 228 GLN A CG  1 
ATOM   602 C CD  . GLN A 1 68 ? -18.798 28.604  -10.789 1.00 15.83 ? 228 GLN A CD  1 
ATOM   603 O OE1 . GLN A 1 68 ? -17.979 28.302  -11.657 1.00 14.63 ? 228 GLN A OE1 1 
ATOM   604 N NE2 . GLN A 1 68 ? -19.805 27.810  -10.447 1.00 15.55 ? 228 GLN A NE2 1 
ATOM   605 N N   . GLU A 1 69 ? -22.214 32.028  -7.964  1.00 17.74 ? 229 GLU A N   1 
ATOM   606 C CA  . GLU A 1 69 ? -23.567 32.551  -7.809  1.00 18.40 ? 229 GLU A CA  1 
ATOM   607 C C   . GLU A 1 69 ? -23.555 34.011  -7.354  1.00 19.10 ? 229 GLU A C   1 
ATOM   608 O O   . GLU A 1 69 ? -24.278 34.847  -7.896  1.00 19.49 ? 229 GLU A O   1 
ATOM   609 C CB  . GLU A 1 69 ? -24.361 31.699  -6.809  1.00 18.46 ? 229 GLU A CB  1 
ATOM   610 C CG  . GLU A 1 69 ? -24.613 30.258  -7.245  1.00 17.86 ? 229 GLU A CG  1 
ATOM   611 C CD  . GLU A 1 69 ? -25.152 29.389  -6.116  1.00 17.84 ? 229 GLU A CD  1 
ATOM   612 O OE1 . GLU A 1 69 ? -25.190 29.864  -4.963  1.00 17.32 ? 229 GLU A OE1 1 
ATOM   613 O OE2 . GLU A 1 69 ? -25.535 28.230  -6.382  1.00 16.96 ? 229 GLU A OE2 1 
ATOM   614 N N   . GLU A 1 70 ? -22.725 34.306  -6.357  1.00 19.28 ? 230 GLU A N   1 
ATOM   615 C CA  . GLU A 1 70 ? -22.634 35.647  -5.784  1.00 20.22 ? 230 GLU A CA  1 
ATOM   616 C C   . GLU A 1 70 ? -22.036 36.652  -6.771  1.00 21.05 ? 230 GLU A C   1 
ATOM   617 O O   . GLU A 1 70 ? -22.383 37.833  -6.752  1.00 21.38 ? 230 GLU A O   1 
ATOM   618 C CB  . GLU A 1 70 ? -21.811 35.618  -4.487  1.00 20.00 ? 230 GLU A CB  1 
ATOM   619 C CG  . GLU A 1 70 ? -22.449 34.806  -3.356  1.00 20.29 ? 230 GLU A CG  1 
ATOM   620 C CD  . GLU A 1 70 ? -21.664 34.867  -2.050  1.00 20.39 ? 230 GLU A CD  1 
ATOM   621 O OE1 . GLU A 1 70 ? -20.971 35.876  -1.811  1.00 19.52 ? 230 GLU A OE1 1 
ATOM   622 O OE2 . GLU A 1 70 ? -21.741 33.901  -1.260  1.00 20.30 ? 230 GLU A OE2 1 
ATOM   623 N N   . ILE A 1 71 ? -21.141 36.178  -7.631  1.00 18.10 ? 231 ILE A N   1 
ATOM   624 C CA  . ILE A 1 71 ? -20.541 37.013  -8.666  1.00 19.33 ? 231 ILE A CA  1 
ATOM   625 C C   . ILE A 1 71 ? -21.537 37.288  -9.782  1.00 20.63 ? 231 ILE A C   1 
ATOM   626 O O   . ILE A 1 71 ? -21.654 38.415  -10.264 1.00 21.35 ? 231 ILE A O   1 
ATOM   627 C CB  . ILE A 1 71 ? -19.281 36.356  -9.258  1.00 17.65 ? 231 ILE A CB  1 
ATOM   628 C CG1 . ILE A 1 71 ? -18.100 36.524  -8.307  1.00 16.47 ? 231 ILE A CG1 1 
ATOM   629 C CG2 . ILE A 1 71 ? -18.929 36.962  -10.602 1.00 18.24 ? 231 ILE A CG2 1 
ATOM   630 C CD1 . ILE A 1 71 ? -16.833 35.886  -8.797  1.00 15.60 ? 231 ILE A CD1 1 
ATOM   631 N N   . ALA A 1 72 ? -22.256 36.246  -10.187 1.00 19.94 ? 232 ALA A N   1 
ATOM   632 C CA  . ALA A 1 72 ? -23.283 36.373  -11.212 1.00 21.48 ? 232 ALA A CA  1 
ATOM   633 C C   . ALA A 1 72 ? -24.377 37.342  -10.771 1.00 22.32 ? 232 ALA A C   1 
ATOM   634 O O   . ALA A 1 72 ? -24.994 38.008  -11.601 1.00 22.63 ? 232 ALA A O   1 
ATOM   635 C CB  . ALA A 1 72 ? -23.877 35.016  -11.541 1.00 20.44 ? 232 ALA A CB  1 
ATOM   636 N N   . PHE A 1 73 ? -24.611 37.423  -9.464  1.00 22.89 ? 233 PHE A N   1 
ATOM   637 C CA  . PHE A 1 73 ? -25.593 38.363  -8.937  1.00 25.26 ? 233 PHE A CA  1 
ATOM   638 C C   . PHE A 1 73 ? -25.017 39.776  -8.890  1.00 26.78 ? 233 PHE A C   1 
ATOM   639 O O   . PHE A 1 73 ? -25.729 40.747  -9.135  1.00 26.79 ? 233 PHE A O   1 
ATOM   640 C CB  . PHE A 1 73 ? -26.081 37.938  -7.550  1.00 24.33 ? 233 PHE A CB  1 
ATOM   641 C CG  . PHE A 1 73 ? -27.118 38.860  -6.967  1.00 25.36 ? 233 PHE A CG  1 
ATOM   642 C CD1 . PHE A 1 73 ? -28.164 39.330  -7.747  1.00 26.15 ? 233 PHE A CD1 1 
ATOM   643 C CD2 . PHE A 1 73 ? -27.055 39.249  -5.638  1.00 24.96 ? 233 PHE A CD2 1 
ATOM   644 C CE1 . PHE A 1 73 ? -29.119 40.180  -7.219  1.00 26.05 ? 233 PHE A CE1 1 
ATOM   645 C CE2 . PHE A 1 73 ? -28.009 40.095  -5.103  1.00 24.73 ? 233 PHE A CE2 1 
ATOM   646 C CZ  . PHE A 1 73 ? -29.042 40.561  -5.894  1.00 24.94 ? 233 PHE A CZ  1 
ATOM   647 N N   . LEU A 1 74 ? -23.727 39.884  -8.582  1.00 25.44 ? 234 LEU A N   1 
ATOM   648 C CA  . LEU A 1 74 ? -23.028 41.166  -8.628  1.00 26.04 ? 234 LEU A CA  1 
ATOM   649 C C   . LEU A 1 74 ? -23.001 41.717  -10.043 1.00 27.27 ? 234 LEU A C   1 
ATOM   650 O O   . LEU A 1 74 ? -22.955 42.930  -10.249 1.00 29.07 ? 234 LEU A O   1 
ATOM   651 C CB  . LEU A 1 74 ? -21.598 41.026  -8.109  1.00 24.69 ? 234 LEU A CB  1 
ATOM   652 C CG  . LEU A 1 74 ? -21.413 40.908  -6.600  1.00 24.72 ? 234 LEU A CG  1 
ATOM   653 C CD1 . LEU A 1 74 ? -19.959 40.605  -6.277  1.00 22.85 ? 234 LEU A CD1 1 
ATOM   654 C CD2 . LEU A 1 74 ? -21.869 42.188  -5.921  1.00 27.85 ? 234 LEU A CD2 1 
ATOM   655 N N   . LYS A 1 75 ? -23.018 40.811  -11.015 1.00 25.76 ? 235 LYS A N   1 
ATOM   656 C CA  . LYS A 1 75 ? -22.988 41.192  -12.419 1.00 27.85 ? 235 LYS A CA  1 
ATOM   657 C C   . LYS A 1 75 ? -24.382 41.542  -12.931 1.00 27.95 ? 235 LYS A C   1 
ATOM   658 O O   . LYS A 1 75 ? -24.516 42.315  -13.878 1.00 29.25 ? 235 LYS A O   1 
ATOM   659 C CB  . LYS A 1 75 ? -22.378 40.073  -13.271 1.00 25.90 ? 235 LYS A CB  1 
ATOM   660 C CG  . LYS A 1 75 ? -20.862 40.172  -13.445 1.00 24.79 ? 235 LYS A CG  1 
ATOM   661 C CD  . LYS A 1 75 ? -20.347 39.117  -14.411 1.00 23.17 ? 235 LYS A CD  1 
ATOM   662 C CE  . LYS A 1 75 ? -18.930 39.409  -14.875 1.00 22.20 ? 235 LYS A CE  1 
ATOM   663 N NZ  . LYS A 1 75 ? -17.998 39.584  -13.736 1.00 20.41 ? 235 LYS A NZ  1 
ATOM   664 N N   . LYS A 1 76 ? -25.420 40.982  -12.311 1.00 30.07 ? 236 LYS A N   1 
ATOM   665 C CA  A LYS A 1 76 ? -26.792 41.271  -12.730 0.70 31.19 ? 236 LYS A CA  1 
ATOM   666 C CA  B LYS A 1 76 ? -26.763 41.295  -12.637 0.30 31.05 ? 236 LYS A CA  1 
ATOM   667 C C   . LYS A 1 76 ? -27.416 42.357  -11.860 1.00 32.29 ? 236 LYS A C   1 
ATOM   668 O O   . LYS A 1 76 ? -28.634 42.541  -11.849 1.00 32.11 ? 236 LYS A O   1 
ATOM   669 C CB  A LYS A 1 76 ? -27.661 40.008  -12.688 0.70 30.93 ? 236 LYS A CB  1 
ATOM   670 C CB  B LYS A 1 76 ? -27.632 40.032  -12.596 0.30 30.72 ? 236 LYS A CB  1 
ATOM   671 C CG  A LYS A 1 76 ? -27.929 39.477  -11.291 0.70 29.98 ? 236 LYS A CG  1 
ATOM   672 C CG  B LYS A 1 76 ? -29.078 40.252  -13.002 0.30 31.22 ? 236 LYS A CG  1 
ATOM   673 C CD  A LYS A 1 76 ? -29.151 38.572  -11.245 0.70 29.07 ? 236 LYS A CD  1 
ATOM   674 C CD  B LYS A 1 76 ? -29.824 38.942  -13.202 0.30 30.72 ? 236 LYS A CD  1 
ATOM   675 C CE  A LYS A 1 76 ? -30.429 39.391  -11.289 0.70 29.80 ? 236 LYS A CE  1 
ATOM   676 C CE  B LYS A 1 76 ? -30.067 38.252  -11.871 0.30 29.71 ? 236 LYS A CE  1 
ATOM   677 N NZ  A LYS A 1 76 ? -31.642 38.556  -11.079 0.70 28.71 ? 236 LYS A NZ  1 
ATOM   678 N NZ  B LYS A 1 76 ? -30.956 37.067  -12.004 0.30 29.32 ? 236 LYS A NZ  1 
ATOM   679 N N   . LEU A 1 77 ? -26.569 43.089  -11.146 1.00 33.79 ? 237 LEU A N   1 
ATOM   680 C CA  . LEU A 1 77 ? -27.045 44.096  -10.211 1.00 34.73 ? 237 LEU A CA  1 
ATOM   681 C C   . LEU A 1 77 ? -26.733 45.524  -10.666 1.00 37.35 ? 237 LEU A C   1 
ATOM   682 O O   . LEU A 1 77 ? -27.641 46.298  -10.979 1.00 39.94 ? 237 LEU A O   1 
ATOM   683 C CB  . LEU A 1 77 ? -26.438 43.841  -8.830  1.00 34.42 ? 237 LEU A CB  1 
ATOM   684 C CG  . LEU A 1 77 ? -27.290 44.149  -7.597  1.00 33.88 ? 237 LEU A CG  1 
ATOM   685 C CD1 . LEU A 1 77 ? -26.653 43.542  -6.362  1.00 31.56 ? 237 LEU A CD1 1 
ATOM   686 C CD2 . LEU A 1 77 ? -27.479 45.645  -7.409  1.00 36.28 ? 237 LEU A CD2 1 
ATOM   687 N N   . HIS A 1 78 ? -25.445 45.861  -10.696 1.00 41.40 ? 238 HIS A N   1 
ATOM   688 C CA  . HIS A 1 78 ? -24.996 47.235  -10.908 1.00 43.97 ? 238 HIS A CA  1 
ATOM   689 C C   . HIS A 1 78 ? -24.903 47.657  -12.371 1.00 43.97 ? 238 HIS A C   1 
ATOM   690 O O   . HIS A 1 78 ? -24.651 48.822  -12.678 1.00 44.37 ? 238 HIS A O   1 
ATOM   691 C CB  . HIS A 1 78 ? -23.577 47.419  -10.352 1.00 44.07 ? 238 HIS A CB  1 
ATOM   692 C CG  . HIS A 1 78 ? -23.337 46.706  -9.054  1.00 45.12 ? 238 HIS A CG  1 
ATOM   693 N ND1 . HIS A 1 78 ? -24.034 46.993  -7.907  1.00 43.63 ? 238 HIS A ND1 1 
ATOM   694 C CD2 . HIS A 1 78 ? -22.457 45.724  -8.731  1.00 42.16 ? 238 HIS A CD2 1 
ATOM   695 C CE1 . HIS A 1 78 ? -23.610 46.208  -6.927  1.00 42.91 ? 238 HIS A CE1 1 
ATOM   696 N NE2 . HIS A 1 78 ? -22.647 45.444  -7.398  1.00 45.79 ? 238 HIS A NE2 1 
ATOM   697 N N   . GLU A 1 79 ? -25.108 46.709  -13.277 1.00 39.51 ? 239 GLU A N   1 
ATOM   698 C CA  . GLU A 1 79 ? -24.836 46.968  -14.684 1.00 40.10 ? 239 GLU A CA  1 
ATOM   699 C C   . GLU A 1 79 ? -26.172 47.055  -15.424 1.00 41.52 ? 239 GLU A C   1 
ATOM   700 O O   . GLU A 1 79 ? -26.278 47.748  -16.437 1.00 41.82 ? 239 GLU A O   1 
ATOM   701 C CB  . GLU A 1 79 ? -23.846 45.974  -15.302 1.00 39.45 ? 239 GLU A CB  1 
ATOM   702 C CG  . GLU A 1 79 ? -22.513 45.850  -14.574 1.00 38.14 ? 239 GLU A CG  1 
ATOM   703 C CD  . GLU A 1 79 ? -21.549 44.936  -15.308 1.00 34.39 ? 239 GLU A CD  1 
ATOM   704 O OE1 . GLU A 1 79 ? -21.592 44.908  -16.557 1.00 33.71 ? 239 GLU A OE1 1 
ATOM   705 O OE2 . GLU A 1 79 ? -20.756 44.239  -14.642 1.00 32.20 ? 239 GLU A OE2 1 
ATOM   706 N N   . GLU A 1 80 ? -27.206 46.355  -14.947 1.00 44.27 ? 240 GLU A N   1 
ATOM   707 C CA  . GLU A 1 80 ? -28.484 46.273  -15.693 1.00 45.74 ? 240 GLU A CA  1 
ATOM   708 C C   . GLU A 1 80 ? -29.801 46.498  -14.908 1.00 43.37 ? 240 GLU A C   1 
ATOM   709 O O   . GLU A 1 80 ? -30.748 45.686  -14.992 1.00 43.37 ? 240 GLU A O   1 
ATOM   710 C CB  . GLU A 1 80 ? -28.588 44.935  -16.436 1.00 45.34 ? 240 GLU A CB  1 
ATOM   711 C CG  . GLU A 1 80 ? -27.600 44.726  -17.573 1.00 46.03 ? 240 GLU A CG  1 
ATOM   712 C CD  . GLU A 1 80 ? -27.742 43.346  -18.189 1.00 46.48 ? 240 GLU A CD  1 
ATOM   713 O OE1 . GLU A 1 80 ? -28.465 42.510  -17.608 1.00 46.03 ? 240 GLU A OE1 1 
ATOM   714 O OE2 . GLU A 1 80 ? -27.142 43.095  -19.259 1.00 45.27 ? 240 GLU A OE2 1 
ATOM   715 N N   . GLU A 1 81 ? -29.883 47.607  -14.170 1.00 41.12 ? 241 GLU A N   1 
ATOM   716 C CA  . GLU A 1 81 ? -31.104 47.928  -13.424 1.00 39.56 ? 241 GLU A CA  1 
ATOM   717 C C   . GLU A 1 81 ? -31.809 49.188  -13.930 1.00 38.06 ? 241 GLU A C   1 
ATOM   718 O O   . GLU A 1 81 ? -32.791 49.102  -14.668 1.00 38.94 ? 241 GLU A O   1 
ATOM   719 C CB  . GLU A 1 81 ? -30.824 48.043  -11.924 1.00 36.80 ? 241 GLU A CB  1 
ATOM   720 C CG  . GLU A 1 81 ? -32.068 48.228  -11.069 1.00 33.55 ? 241 GLU A CG  1 
ATOM   721 C CD  . GLU A 1 81 ? -33.020 47.048  -11.155 1.00 31.94 ? 241 GLU A CD  1 
ATOM   722 O OE1 . GLU A 1 81 ? -32.588 45.963  -11.598 1.00 31.43 ? 241 GLU A OE1 1 
ATOM   723 O OE2 . GLU A 1 81 ? -34.201 47.207  -10.786 1.00 29.61 ? 241 GLU A OE2 1 
ATOM   724 N N   . ILE A 1 82 ? -31.314 50.353  -13.516 0.80 38.04 ? 242 ILE A N   1 
ATOM   725 C CA  . ILE A 1 82 ? -31.889 51.631  -13.936 0.80 40.29 ? 242 ILE A CA  1 
ATOM   726 C C   . ILE A 1 82 ? -30.902 52.419  -14.793 0.80 42.59 ? 242 ILE A C   1 
ATOM   727 O O   . ILE A 1 82 ? -31.100 52.556  -16.001 0.80 42.71 ? 242 ILE A O   1 
ATOM   728 C CB  . ILE A 1 82 ? -32.317 52.499  -12.734 0.80 39.53 ? 242 ILE A CB  1 
ATOM   729 C CG1 . ILE A 1 82 ? -33.277 51.731  -11.825 0.80 37.63 ? 242 ILE A CG1 1 
ATOM   730 C CG2 . ILE A 1 82 ? -32.966 53.790  -13.213 0.80 39.60 ? 242 ILE A CG2 1 
ATOM   731 C CD1 . ILE A 1 82 ? -33.647 52.476  -10.560 0.80 34.79 ? 242 ILE A CD1 1 
ATOM   732 N N   . GLN A 1 83 ? -29.841 52.915  -14.155 0.80 45.40 ? 243 GLN A N   1 
ATOM   733 C CA  . GLN A 1 83 ? -28.754 53.621  -14.834 0.80 46.98 ? 243 GLN A CA  1 
ATOM   734 C C   . GLN A 1 83 ? -29.246 54.787  -15.687 0.80 49.50 ? 243 GLN A C   1 
ATOM   735 O O   . GLN A 1 83 ? -29.353 54.682  -16.906 0.80 55.07 ? 243 GLN A O   1 
ATOM   736 C CB  . GLN A 1 83 ? -27.951 52.649  -15.703 0.80 46.30 ? 243 GLN A CB  1 
ATOM   737 C CG  . GLN A 1 83 ? -27.220 51.581  -14.912 0.80 44.90 ? 243 GLN A CG  1 
ATOM   738 C CD  . GLN A 1 83 ? -26.645 50.495  -15.794 0.80 43.54 ? 243 GLN A CD  1 
ATOM   739 O OE1 . GLN A 1 83 ? -27.344 49.923  -16.629 0.80 43.83 ? 243 GLN A OE1 1 
ATOM   740 N NE2 . GLN A 1 83 ? -25.360 50.210  -15.619 0.80 43.42 ? 243 GLN A NE2 1 
ATOM   741 O OXT . GLN A 1 83 ? -29.545 55.868  -15.186 0.80 50.66 ? 243 GLN A OXT 1 
HETATM 742 O O   . HOH B 2 .  ? -35.844 47.767  -10.877 1.00 22.25 ? 301 HOH A O   1 
HETATM 743 O O   . HOH B 2 .  ? -14.445 8.320   -1.336  1.00 23.93 ? 302 HOH A O   1 
HETATM 744 O O   . HOH B 2 .  ? 17.815  -26.532 -3.037  1.00 19.12 ? 303 HOH A O   1 
HETATM 745 O O   . HOH B 2 .  ? -19.985 42.930  -16.346 1.00 24.81 ? 304 HOH A O   1 
HETATM 746 O O   . HOH B 2 .  ? -33.259 36.919  -10.717 1.00 23.20 ? 305 HOH A O   1 
HETATM 747 O O   . HOH B 2 .  ? 12.958  -8.902  0.787   1.00 27.60 ? 306 HOH A O   1 
HETATM 748 O O   . HOH B 2 .  ? -25.782 48.002  -6.676  1.00 32.11 ? 307 HOH A O   1 
HETATM 749 O O   . HOH B 2 .  ? 18.221  -17.974 -2.201  1.00 25.79 ? 308 HOH A O   1 
HETATM 750 O O   . HOH B 2 .  ? -12.673 11.522  6.664   1.00 33.46 ? 309 HOH A O   1 
HETATM 751 O O   . HOH B 2 .  ? -9.671  11.587  -4.523  1.00 20.98 ? 310 HOH A O   1 
HETATM 752 O O   . HOH B 2 .  ? -23.235 44.454  -18.219 1.00 37.92 ? 311 HOH A O   1 
HETATM 753 O O   . HOH B 2 .  ? 19.758  -26.028 -4.194  1.00 21.74 ? 312 HOH A O   1 
HETATM 754 O O   . HOH B 2 .  ? 24.037  -38.703 -3.509  1.00 24.37 ? 313 HOH A O   1 
HETATM 755 O O   . HOH B 2 .  ? -23.193 51.294  -15.405 1.00 27.67 ? 314 HOH A O   1 
HETATM 756 O O   . HOH B 2 .  ? -18.754 19.148  -7.746  1.00 24.68 ? 315 HOH A O   1 
HETATM 757 O O   . HOH B 2 .  ? 17.238  -12.497 6.715   1.00 21.88 ? 316 HOH A O   1 
HETATM 758 O O   . HOH B 2 .  ? -21.888 31.224  0.512   1.00 16.72 ? 317 HOH A O   1 
HETATM 759 O O   . HOH B 2 .  ? 13.173  -16.883 11.415  1.00 25.06 ? 318 HOH A O   1 
HETATM 760 O O   . HOH B 2 .  ? -12.720 11.326  -5.328  1.00 21.16 ? 319 HOH A O   1 
HETATM 761 O O   . HOH B 2 .  ? -24.177 31.409  -3.167  1.00 19.75 ? 320 HOH A O   1 
HETATM 762 O O   . HOH B 2 .  ? -13.884 19.374  -9.532  1.00 23.70 ? 321 HOH A O   1 
HETATM 763 O O   . HOH B 2 .  ? -11.695 6.918   5.938   1.00 33.80 ? 322 HOH A O   1 
HETATM 764 O O   . HOH B 2 .  ? -11.666 13.300  -8.311  1.00 22.04 ? 323 HOH A O   1 
HETATM 765 O O   . HOH B 2 .  ? -10.999 1.350   -1.435  1.00 31.52 ? 324 HOH A O   1 
HETATM 766 O O   . HOH B 2 .  ? -17.366 27.898  -14.253 1.00 23.03 ? 325 HOH A O   1 
HETATM 767 O O   . HOH B 2 .  ? -19.243 32.829  -1.236  1.00 17.93 ? 326 HOH A O   1 
HETATM 768 O O   . HOH B 2 .  ? -18.386 42.895  -14.630 1.00 29.56 ? 327 HOH A O   1 
HETATM 769 O O   . HOH B 2 .  ? 22.135  -27.642 -2.145  1.00 16.47 ? 328 HOH A O   1 
HETATM 770 O O   . HOH B 2 .  ? 21.017  -32.190 -1.179  1.00 17.11 ? 329 HOH A O   1 
HETATM 771 O O   . HOH B 2 .  ? -24.746 23.155  -5.192  1.00 20.53 ? 330 HOH A O   1 
HETATM 772 O O   . HOH B 2 .  ? 24.511  -24.207 0.279   1.00 22.63 ? 331 HOH A O   1 
HETATM 773 O O   . HOH B 2 .  ? 29.781  -41.994 -0.061  1.00 20.93 ? 332 HOH A O   1 
HETATM 774 O O   . HOH B 2 .  ? -20.544 33.608  1.322   1.00 19.65 ? 333 HOH A O   1 
HETATM 775 O O   . HOH B 2 .  ? 2.159   -11.601 7.219   1.00 28.92 ? 334 HOH A O   1 
HETATM 776 O O   . HOH B 2 .  ? 23.920  -14.307 3.243   1.00 29.82 ? 335 HOH A O   1 
HETATM 777 O O   . HOH B 2 .  ? 2.277   -11.005 11.983  1.00 31.79 ? 336 HOH A O   1 
HETATM 778 O O   . HOH B 2 .  ? -14.587 14.315  -8.497  1.00 24.14 ? 337 HOH A O   1 
HETATM 779 O O   . HOH B 2 .  ? -7.019  16.433  -4.355  0.33 16.64 ? 338 HOH A O   1 
HETATM 780 O O   . HOH B 2 .  ? -22.973 26.260  -4.090  1.00 22.23 ? 339 HOH A O   1 
HETATM 781 O O   . HOH B 2 .  ? 15.793  -17.307 -4.069  1.00 22.48 ? 340 HOH A O   1 
HETATM 782 O O   . HOH B 2 .  ? 18.298  -31.330 8.994   1.00 19.84 ? 341 HOH A O   1 
HETATM 783 O O   . HOH B 2 .  ? -15.126 15.482  -4.568  1.00 20.98 ? 342 HOH A O   1 
HETATM 784 O O   . HOH B 2 .  ? -0.040  -4.992  8.756   1.00 22.93 ? 343 HOH A O   1 
HETATM 785 O O   . HOH B 2 .  ? -15.769 30.122  -12.872 1.00 17.87 ? 344 HOH A O   1 
HETATM 786 O O   . HOH B 2 .  ? 24.112  -26.101 -0.364  1.00 21.33 ? 345 HOH A O   1 
HETATM 787 O O   . HOH B 2 .  ? 27.298  -26.930 6.842   1.00 21.50 ? 346 HOH A O   1 
HETATM 788 O O   . HOH B 2 .  ? 24.152  -17.877 2.793   1.00 31.68 ? 347 HOH A O   1 
HETATM 789 O O   . HOH B 2 .  ? 15.826  -25.760 7.428   1.00 18.50 ? 348 HOH A O   1 
HETATM 790 O O   . HOH B 2 .  ? 10.214  -0.344  9.305   1.00 27.77 ? 349 HOH A O   1 
HETATM 791 O O   . HOH B 2 .  ? -18.891 23.274  -10.157 1.00 21.44 ? 350 HOH A O   1 
HETATM 792 O O   . HOH B 2 .  ? 14.293  -16.577 -2.926  1.00 22.97 ? 351 HOH A O   1 
HETATM 793 O O   . HOH B 2 .  ? 22.391  -43.343 1.345   1.00 22.99 ? 352 HOH A O   1 
HETATM 794 O O   . HOH B 2 .  ? -2.565  13.470  2.818   1.00 21.90 ? 353 HOH A O   1 
HETATM 795 O O   . HOH B 2 .  ? -26.389 34.830  -5.280  1.00 23.23 ? 354 HOH A O   1 
HETATM 796 O O   . HOH B 2 .  ? 15.954  -18.007 9.963   1.00 25.55 ? 355 HOH A O   1 
HETATM 797 O O   . HOH B 2 .  ? 26.688  -32.834 6.329   1.00 27.29 ? 356 HOH A O   1 
HETATM 798 O O   . HOH B 2 .  ? -11.670 23.743  3.217   1.00 21.58 ? 357 HOH A O   1 
HETATM 799 O O   . HOH B 2 .  ? -13.735 10.176  5.766   1.00 27.75 ? 358 HOH A O   1 
HETATM 800 O O   . HOH B 2 .  ? 9.026   -22.240 10.147  1.00 25.56 ? 359 HOH A O   1 
HETATM 801 O O   . HOH B 2 .  ? -7.815  16.198  4.454   1.00 18.10 ? 360 HOH A O   1 
HETATM 802 O O   . HOH B 2 .  ? -15.695 20.596  5.409   1.00 24.70 ? 361 HOH A O   1 
HETATM 803 O O   . HOH B 2 .  ? 19.857  -10.932 6.334   1.00 27.00 ? 362 HOH A O   1 
HETATM 804 O O   . HOH B 2 .  ? 8.037   -11.836 9.813   1.00 24.80 ? 363 HOH A O   1 
HETATM 805 O O   . HOH B 2 .  ? -12.310 25.431  1.899   1.00 22.66 ? 364 HOH A O   1 
HETATM 806 O O   . HOH B 2 .  ? -9.496  0.051   0.355   1.00 32.90 ? 365 HOH A O   1 
HETATM 807 O O   . HOH B 2 .  ? -24.301 22.818  -2.391  1.00 18.61 ? 366 HOH A O   1 
HETATM 808 O O   . HOH B 2 .  ? 22.119  -28.520 11.346  1.00 20.28 ? 367 HOH A O   1 
HETATM 809 O O   . HOH B 2 .  ? -16.113 17.797  -11.196 1.00 22.45 ? 368 HOH A O   1 
HETATM 810 O O   . HOH B 2 .  ? -27.663 49.388  -7.113  1.00 39.06 ? 369 HOH A O   1 
HETATM 811 O O   . HOH B 2 .  ? -13.846 18.274  5.429   1.00 27.41 ? 370 HOH A O   1 
HETATM 812 O O   . HOH B 2 .  ? -2.758  6.963   -3.215  0.33 23.77 ? 371 HOH A O   1 
HETATM 813 O O   . HOH B 2 .  ? -3.817  9.320   -3.499  0.33 25.92 ? 372 HOH A O   1 
HETATM 814 O O   . HOH B 2 .  ? -12.925 24.612  4.822   1.00 23.26 ? 373 HOH A O   1 
HETATM 815 O O   . HOH B 2 .  ? 24.135  -26.934 11.240  1.00 24.66 ? 374 HOH A O   1 
HETATM 816 O O   . HOH B 2 .  ? -12.299 21.724  7.174   1.00 30.31 ? 375 HOH A O   1 
HETATM 817 O O   . HOH B 2 .  ? 21.923  -17.513 9.167   1.00 25.70 ? 376 HOH A O   1 
HETATM 818 O O   . HOH B 2 .  ? 22.700  -17.874 6.570   1.00 30.09 ? 377 HOH A O   1 
HETATM 819 O O   . HOH B 2 .  ? -6.127  12.912  6.592   1.00 20.86 ? 378 HOH A O   1 
HETATM 820 O O   . HOH B 2 .  ? 24.357  -15.575 6.400   1.00 28.08 ? 379 HOH A O   1 
HETATM 821 O O   . HOH B 2 .  ? -17.303 23.981  -8.607  1.00 16.82 ? 380 HOH A O   1 
HETATM 822 O O   . HOH B 2 .  ? 26.119  -17.474 6.277   1.00 25.86 ? 381 HOH A O   1 
HETATM 823 O O   . HOH B 2 .  ? 18.813  -13.173 5.911   1.00 27.55 ? 382 HOH A O   1 
HETATM 824 O O   . HOH B 2 .  ? 21.521  -10.893 9.315   1.00 26.57 ? 383 HOH A O   1 
HETATM 825 O O   . HOH B 2 .  ? 22.072  -6.222  9.755   1.00 21.08 ? 384 HOH A O   1 
HETATM 826 O O   . HOH B 2 .  ? 21.700  -12.605 4.643   1.00 23.62 ? 385 HOH A O   1 
HETATM 827 O O   . HOH B 2 .  ? 20.126  -7.929  9.945   1.00 22.85 ? 386 HOH A O   1 
HETATM 828 O O   . HOH B 2 .  ? 22.212  -8.598  9.571   1.00 27.17 ? 387 HOH A O   1 
HETATM 829 O O   . HOH B 2 .  ? 17.801  -18.806 10.671  1.00 26.71 ? 388 HOH A O   1 
HETATM 830 O O   . HOH B 2 .  ? -28.868 40.092  -16.351 1.00 32.18 ? 389 HOH A O   1 
HETATM 831 O O   . HOH B 2 .  ? -8.769  10.290  8.853   1.00 29.08 ? 390 HOH A O   1 
HETATM 832 O O   . HOH B 2 .  ? -7.902  2.493   9.849   1.00 29.05 ? 391 HOH A O   1 
HETATM 833 O O   . HOH B 2 .  ? -3.853  11.284  7.636   1.00 39.04 ? 392 HOH A O   1 
HETATM 834 O O   . HOH B 2 .  ? -27.099 41.538  -15.955 1.00 38.20 ? 393 HOH A O   1 
HETATM 835 O O   . HOH B 2 .  ? -26.048 43.475  -14.898 1.00 36.53 ? 394 HOH A O   1 
HETATM 836 O O   . HOH B 2 .  ? 22.297  -59.507 12.538  1.00 26.16 ? 395 HOH A O   1 
HETATM 837 O O   . HOH B 2 .  ? 21.243  -60.764 10.857  1.00 20.83 ? 396 HOH A O   1 
HETATM 838 O O   . HOH B 2 .  ? -29.085 48.447  -17.909 1.00 32.80 ? 397 HOH A O   1 
HETATM 839 O O   . HOH B 2 .  ? 27.938  -36.674 6.910   1.00 20.75 ? 398 HOH A O   1 
HETATM 840 O O   . HOH B 2 .  ? 28.675  -52.278 10.844  1.00 30.45 ? 399 HOH A O   1 
HETATM 841 O O   . HOH B 2 .  ? -22.679 24.178  -12.233 1.00 22.54 ? 400 HOH A O   1 
HETATM 842 O O   . HOH B 2 .  ? 21.355  -14.292 6.156   1.00 25.90 ? 401 HOH A O   1 
HETATM 843 O O   . HOH B 2 .  ? -22.460 24.133  -10.342 1.00 23.67 ? 402 HOH A O   1 
HETATM 844 O O   . HOH B 2 .  ? -9.174  8.953   14.063  1.00 58.22 ? 403 HOH A O   1 
HETATM 845 O O   . HOH B 2 .  ? -8.694  11.329  14.712  1.00 32.39 ? 404 HOH A O   1 
HETATM 846 O O   . HOH B 2 .  ? 21.759  -27.882 7.516   1.00 19.69 ? 405 HOH A O   1 
HETATM 847 O O   . HOH B 2 .  ? -22.472 26.023  -11.999 1.00 24.68 ? 406 HOH A O   1 
HETATM 848 O O   . HOH B 2 .  ? -1.614  3.397   8.456   1.00 32.11 ? 407 HOH A O   1 
HETATM 849 O O   . HOH B 2 .  ? -24.504 22.098  -12.337 1.00 21.75 ? 408 HOH A O   1 
HETATM 850 O O   . HOH B 2 .  ? 28.023  -50.238 8.023   1.00 25.76 ? 409 HOH A O   1 
# 
